data_7VKV
#
_entry.id   7VKV
#
_cell.length_a   1.0
_cell.length_b   1.0
_cell.length_c   1.0
_cell.angle_alpha   90.00
_cell.angle_beta   90.00
_cell.angle_gamma   90.00
#
_symmetry.space_group_name_H-M   'P 1'
#
_entity_poly.entity_id   1
_entity_poly.type   'polypeptide(L)'
_entity_poly.pdbx_seq_one_letter_code
;MTTMQDREKAFEAKFALDEELRFKATARRNKLLGLWAAGLLAKSDPEAYASEIVAADFEEAGHEDVVRKIKTDFDAAGVA
ISEDDIRVRMIELLSEAVAQLQKN
;
_entity_poly.pdbx_strand_id   X
#
# COMPACT_ATOMS: atom_id res chain seq x y z
N MET A 4 -24.20 7.63 -4.18
CA MET A 4 -23.54 6.71 -3.22
C MET A 4 -22.76 7.47 -2.14
N GLN A 5 -22.64 6.93 -0.93
CA GLN A 5 -21.77 7.43 0.16
C GLN A 5 -20.34 6.86 0.11
N ASP A 6 -20.11 5.58 -0.22
CA ASP A 6 -18.77 4.96 -0.19
C ASP A 6 -17.67 5.78 -0.90
N ARG A 7 -18.02 6.38 -2.05
CA ARG A 7 -17.21 7.32 -2.84
C ARG A 7 -16.69 8.55 -2.07
N GLU A 8 -17.52 9.05 -1.15
CA GLU A 8 -17.31 10.23 -0.32
C GLU A 8 -16.37 9.88 0.84
N LYS A 9 -16.83 9.11 1.85
CA LYS A 9 -16.01 8.56 2.96
C LYS A 9 -14.61 8.06 2.54
N ALA A 10 -14.49 7.36 1.41
CA ALA A 10 -13.23 6.97 0.77
C ALA A 10 -12.29 8.17 0.51
N PHE A 11 -12.71 9.11 -0.34
CA PHE A 11 -11.93 10.32 -0.64
C PHE A 11 -11.74 11.23 0.58
N GLU A 12 -12.72 11.26 1.49
CA GLU A 12 -12.67 11.90 2.80
C GLU A 12 -11.48 11.36 3.61
N ALA A 13 -11.29 10.03 3.65
CA ALA A 13 -10.12 9.42 4.26
C ALA A 13 -8.82 9.96 3.63
N LYS A 14 -8.67 9.88 2.29
CA LYS A 14 -7.51 10.40 1.51
C LYS A 14 -7.09 11.82 1.88
N PHE A 15 -8.04 12.67 2.30
CA PHE A 15 -7.79 14.08 2.65
C PHE A 15 -8.11 14.42 4.12
N ALA A 16 -8.22 13.42 5.01
CA ALA A 16 -8.52 13.64 6.43
C ALA A 16 -7.35 14.19 7.26
N LEU A 17 -6.10 14.06 6.76
CA LEU A 17 -4.85 14.37 7.47
C LEU A 17 -3.75 14.96 6.55
N ASP A 18 -4.17 15.64 5.48
CA ASP A 18 -3.32 16.17 4.40
C ASP A 18 -2.52 15.05 3.67
N GLU A 19 -1.67 15.42 2.72
CA GLU A 19 -0.65 14.49 2.18
C GLU A 19 0.55 14.29 3.11
N GLU A 20 0.89 15.24 3.99
CA GLU A 20 2.13 15.16 4.80
C GLU A 20 2.22 13.91 5.69
N LEU A 21 1.12 13.49 6.31
CA LEU A 21 0.99 12.22 7.06
C LEU A 21 1.22 10.98 6.18
N ARG A 22 0.83 11.03 4.89
CA ARG A 22 0.94 9.90 3.94
C ARG A 22 2.39 9.40 3.77
N PHE A 23 3.39 10.27 3.96
CA PHE A 23 4.83 9.91 3.99
C PHE A 23 5.22 8.97 5.15
N LYS A 24 4.61 9.13 6.33
CA LYS A 24 4.74 8.17 7.44
C LYS A 24 3.84 6.96 7.24
N ALA A 25 2.65 7.14 6.67
CA ALA A 25 1.72 6.07 6.32
C ALA A 25 2.42 4.94 5.54
N THR A 26 3.00 5.21 4.36
CA THR A 26 3.70 4.20 3.54
C THR A 26 4.62 3.31 4.38
N ALA A 27 5.52 3.89 5.19
CA ALA A 27 6.52 3.18 6.00
C ALA A 27 5.95 2.06 6.88
N ARG A 28 4.90 2.35 7.67
CA ARG A 28 4.19 1.30 8.44
C ARG A 28 3.29 0.44 7.53
N ARG A 29 2.47 1.04 6.65
CA ARG A 29 1.52 0.35 5.75
C ARG A 29 2.16 -0.66 4.81
N ASN A 30 3.40 -0.44 4.37
CA ASN A 30 4.27 -1.33 3.59
C ASN A 30 4.20 -2.77 4.15
N LYS A 31 4.42 -2.95 5.46
CA LYS A 31 4.25 -4.26 6.13
C LYS A 31 2.87 -4.87 5.87
N LEU A 32 1.81 -4.09 6.09
CA LEU A 32 0.41 -4.51 5.98
C LEU A 32 -0.02 -4.82 4.53
N LEU A 33 0.47 -4.06 3.54
CA LEU A 33 0.30 -4.32 2.10
C LEU A 33 0.97 -5.64 1.71
N GLY A 34 2.19 -5.88 2.18
CA GLY A 34 2.89 -7.17 2.05
C GLY A 34 1.97 -8.35 2.33
N LEU A 35 1.37 -8.38 3.52
CA LEU A 35 0.40 -9.40 3.96
C LEU A 35 -0.76 -9.58 2.98
N TRP A 36 -1.41 -8.48 2.59
CA TRP A 36 -2.48 -8.47 1.60
C TRP A 36 -2.09 -9.24 0.32
N ALA A 37 -0.96 -8.92 -0.30
CA ALA A 37 -0.46 -9.58 -1.51
C ALA A 37 0.10 -11.01 -1.26
N ALA A 38 0.91 -11.19 -0.22
CA ALA A 38 1.45 -12.48 0.25
C ALA A 38 0.38 -13.56 0.46
N GLY A 39 -0.75 -13.21 1.08
CA GLY A 39 -1.94 -14.06 1.21
C GLY A 39 -2.49 -14.62 -0.11
N LEU A 40 -2.44 -13.87 -1.22
CA LEU A 40 -2.96 -14.27 -2.54
C LEU A 40 -1.94 -15.12 -3.32
N LEU A 41 -0.68 -14.70 -3.30
CA LEU A 41 0.44 -15.42 -3.88
C LEU A 41 0.82 -16.70 -3.14
N ALA A 42 0.42 -16.86 -1.88
CA ALA A 42 0.80 -17.96 -0.98
C ALA A 42 2.32 -18.22 -0.98
N LYS A 43 3.08 -17.24 -0.49
CA LYS A 43 4.55 -17.30 -0.30
C LYS A 43 4.92 -18.19 0.92
N SER A 44 6.20 -18.12 1.34
CA SER A 44 6.75 -18.73 2.56
C SER A 44 6.09 -18.22 3.85
N ASP A 45 6.31 -16.96 4.22
CA ASP A 45 5.71 -16.37 5.43
C ASP A 45 5.17 -14.95 5.14
N PRO A 46 4.12 -14.48 5.86
CA PRO A 46 3.57 -13.13 5.72
C PRO A 46 4.59 -12.03 6.07
N GLU A 47 5.18 -12.08 7.26
CA GLU A 47 6.14 -11.05 7.71
C GLU A 47 7.39 -10.97 6.81
N ALA A 48 7.81 -12.10 6.22
CA ALA A 48 8.95 -12.24 5.31
C ALA A 48 8.77 -11.48 3.99
N TYR A 49 7.59 -11.54 3.38
CA TYR A 49 7.32 -10.68 2.22
C TYR A 49 7.17 -9.21 2.63
N ALA A 50 6.45 -8.93 3.71
CA ALA A 50 6.31 -7.60 4.33
C ALA A 50 7.65 -6.88 4.62
N SER A 51 8.68 -7.58 5.11
CA SER A 51 10.00 -7.00 5.37
C SER A 51 10.67 -6.44 4.10
N GLU A 52 10.59 -7.16 2.99
CA GLU A 52 11.00 -6.71 1.65
C GLU A 52 10.16 -5.53 1.11
N ILE A 53 8.91 -5.30 1.55
CA ILE A 53 8.15 -4.10 1.17
C ILE A 53 8.73 -2.84 1.82
N VAL A 54 8.97 -2.83 3.15
CA VAL A 54 9.68 -1.73 3.85
C VAL A 54 11.14 -1.54 3.44
N ALA A 55 11.66 -2.35 2.51
CA ALA A 55 12.93 -2.18 1.83
C ALA A 55 12.76 -1.91 0.31
N ALA A 56 11.56 -2.07 -0.26
CA ALA A 56 11.28 -1.76 -1.66
C ALA A 56 11.24 -0.24 -1.95
N ASP A 57 11.27 0.63 -0.93
CA ASP A 57 11.30 2.08 -1.13
C ASP A 57 12.69 2.63 -1.49
N PHE A 58 13.76 1.84 -1.29
CA PHE A 58 15.11 2.22 -1.71
C PHE A 58 15.14 2.57 -3.21
N GLU A 59 15.54 3.81 -3.54
CA GLU A 59 15.72 4.34 -4.92
C GLU A 59 16.96 3.72 -5.63
N GLU A 60 17.02 2.40 -5.67
CA GLU A 60 17.99 1.62 -6.42
C GLU A 60 17.71 1.70 -7.93
N ALA A 61 16.42 1.57 -8.30
CA ALA A 61 15.95 1.55 -9.69
C ALA A 61 15.44 2.91 -10.19
N GLY A 62 14.85 3.73 -9.31
CA GLY A 62 14.47 5.12 -9.62
C GLY A 62 13.24 5.61 -8.86
N HIS A 63 12.08 5.48 -9.49
CA HIS A 63 10.77 5.86 -8.95
C HIS A 63 9.83 4.64 -8.93
N GLU A 64 8.64 4.79 -8.34
CA GLU A 64 7.59 3.74 -8.18
C GLU A 64 8.09 2.46 -7.47
N ASP A 65 9.19 2.54 -6.72
CA ASP A 65 9.95 1.44 -6.15
C ASP A 65 9.08 0.52 -5.27
N VAL A 66 8.21 1.09 -4.42
CA VAL A 66 7.20 0.32 -3.66
C VAL A 66 6.08 -0.27 -4.55
N VAL A 67 5.59 0.51 -5.53
CA VAL A 67 4.43 0.25 -6.41
C VAL A 67 4.67 -0.91 -7.38
N ARG A 68 5.79 -0.89 -8.10
CA ARG A 68 6.29 -1.97 -8.97
C ARG A 68 6.27 -3.35 -8.29
N LYS A 69 6.65 -3.42 -7.00
CA LYS A 69 6.59 -4.63 -6.16
C LYS A 69 5.15 -5.14 -6.12
N ILE A 70 4.19 -4.32 -5.68
CA ILE A 70 2.74 -4.63 -5.69
C ILE A 70 2.24 -5.18 -7.05
N LYS A 71 2.57 -4.52 -8.19
CA LYS A 71 2.18 -4.94 -9.55
C LYS A 71 2.64 -6.35 -9.97
N THR A 72 3.92 -6.63 -9.71
CA THR A 72 4.59 -7.93 -9.91
C THR A 72 3.81 -9.09 -9.30
N ASP A 73 3.38 -8.86 -8.06
CA ASP A 73 2.49 -9.74 -7.30
C ASP A 73 1.06 -9.79 -7.92
N PHE A 74 0.51 -8.68 -8.37
CA PHE A 74 -0.81 -8.67 -9.03
C PHE A 74 -0.90 -9.58 -10.28
N ASP A 75 0.18 -9.71 -11.07
CA ASP A 75 0.34 -10.70 -12.15
C ASP A 75 0.42 -12.15 -11.63
N ALA A 76 1.18 -12.39 -10.56
CA ALA A 76 1.32 -13.71 -9.94
C ALA A 76 -0.01 -14.24 -9.38
N ALA A 77 -0.71 -13.42 -8.59
CA ALA A 77 -2.10 -13.62 -8.17
C ALA A 77 -3.11 -13.65 -9.35
N GLY A 78 -2.74 -13.15 -10.53
CA GLY A 78 -3.59 -13.07 -11.71
C GLY A 78 -4.87 -12.24 -11.51
N VAL A 79 -4.76 -11.10 -10.80
CA VAL A 79 -5.83 -10.11 -10.63
C VAL A 79 -5.82 -9.08 -11.76
N ALA A 80 -6.98 -8.48 -12.04
CA ALA A 80 -7.15 -7.49 -13.11
C ALA A 80 -6.97 -6.06 -12.56
N ILE A 81 -5.73 -5.68 -12.23
CA ILE A 81 -5.40 -4.33 -11.73
C ILE A 81 -4.05 -3.85 -12.29
N SER A 82 -4.07 -2.69 -12.97
CA SER A 82 -2.91 -2.01 -13.55
C SER A 82 -2.25 -1.02 -12.58
N GLU A 83 -0.95 -0.75 -12.82
CA GLU A 83 -0.10 0.21 -12.09
C GLU A 83 -0.80 1.57 -11.87
N ASP A 84 -1.53 2.07 -12.88
CA ASP A 84 -2.49 3.19 -12.84
C ASP A 84 -3.42 3.19 -11.62
N ASP A 85 -4.10 2.07 -11.35
CA ASP A 85 -5.01 1.83 -10.21
C ASP A 85 -4.24 1.56 -8.90
N ILE A 86 -3.10 0.84 -8.93
CA ILE A 86 -2.30 0.50 -7.72
C ILE A 86 -2.01 1.74 -6.87
N ARG A 87 -1.32 2.73 -7.43
CA ARG A 87 -1.07 4.03 -6.78
C ARG A 87 -2.33 4.64 -6.16
N VAL A 88 -3.46 4.64 -6.87
CA VAL A 88 -4.77 5.13 -6.37
C VAL A 88 -5.25 4.35 -5.16
N ARG A 89 -5.24 3.01 -5.22
CA ARG A 89 -5.53 2.13 -4.07
C ARG A 89 -4.61 2.47 -2.91
N MET A 90 -3.28 2.59 -3.12
CA MET A 90 -2.33 2.97 -2.08
C MET A 90 -2.76 4.22 -1.30
N ILE A 91 -3.24 5.30 -1.93
CA ILE A 91 -3.67 6.52 -1.22
C ILE A 91 -4.70 6.20 -0.11
N GLU A 92 -5.84 5.59 -0.47
CA GLU A 92 -6.93 5.20 0.44
C GLU A 92 -6.50 4.17 1.48
N LEU A 93 -5.73 3.18 1.03
CA LEU A 93 -5.17 2.20 1.94
C LEU A 93 -4.31 2.90 3.00
N LEU A 94 -3.48 3.87 2.63
CA LEU A 94 -2.67 4.66 3.56
C LEU A 94 -3.53 5.49 4.54
N SER A 95 -4.68 6.02 4.13
CA SER A 95 -5.62 6.77 4.98
C SER A 95 -6.12 6.00 6.21
N GLU A 96 -6.35 4.69 6.06
CA GLU A 96 -6.59 3.79 7.18
C GLU A 96 -5.32 3.50 7.98
N ALA A 97 -4.17 3.36 7.33
CA ALA A 97 -2.90 3.08 7.99
C ALA A 97 -2.47 4.15 9.01
N VAL A 98 -2.89 5.41 8.83
CA VAL A 98 -2.64 6.55 9.73
C VAL A 98 -3.70 6.71 10.82
N ALA A 99 -4.87 6.06 10.71
CA ALA A 99 -5.95 6.14 11.68
C ALA A 99 -5.50 5.72 13.10
N GLN A 100 -4.80 4.59 13.17
CA GLN A 100 -4.08 4.08 14.34
C GLN A 100 -3.03 5.06 14.91
N LEU A 101 -2.18 5.69 14.07
CA LEU A 101 -1.17 6.69 14.48
C LEU A 101 -1.82 7.98 15.04
N GLN A 102 -2.93 8.39 14.45
CA GLN A 102 -3.69 9.57 14.83
C GLN A 102 -4.31 9.44 16.23
N LYS A 103 -3.93 10.37 17.10
CA LYS A 103 -4.38 10.36 18.50
C LYS A 103 -5.78 10.96 18.66
N ASN A 104 -6.06 12.12 18.05
CA ASN A 104 -7.30 12.88 18.16
C ASN A 104 -7.66 13.68 16.90
N MET A 4 -20.25 5.43 -8.02
CA MET A 4 -19.27 5.16 -6.94
C MET A 4 -19.11 6.40 -6.04
N GLN A 5 -19.32 6.24 -4.72
CA GLN A 5 -19.33 7.33 -3.71
C GLN A 5 -18.30 7.10 -2.60
N ASP A 6 -18.19 5.88 -2.03
CA ASP A 6 -17.20 5.57 -0.99
C ASP A 6 -15.75 6.03 -1.36
N ARG A 7 -15.33 5.84 -2.63
CA ARG A 7 -14.11 6.42 -3.27
C ARG A 7 -13.87 7.93 -3.06
N GLU A 8 -14.95 8.69 -3.00
CA GLU A 8 -14.99 10.16 -2.94
C GLU A 8 -14.93 10.68 -1.49
N LYS A 9 -15.83 10.25 -0.61
CA LYS A 9 -15.73 10.48 0.85
C LYS A 9 -14.37 10.04 1.40
N ALA A 10 -13.92 8.81 1.10
CA ALA A 10 -12.57 8.33 1.41
C ALA A 10 -11.47 9.27 0.88
N PHE A 11 -11.70 9.97 -0.24
CA PHE A 11 -10.76 11.00 -0.71
C PHE A 11 -10.53 12.09 0.35
N GLU A 12 -11.56 12.68 0.92
CA GLU A 12 -11.45 13.67 2.01
C GLU A 12 -10.58 13.15 3.16
N ALA A 13 -10.83 11.92 3.62
CA ALA A 13 -10.07 11.28 4.69
C ALA A 13 -8.54 11.31 4.45
N LYS A 14 -8.06 11.24 3.20
CA LYS A 14 -6.63 11.38 2.84
C LYS A 14 -5.97 12.70 3.28
N PHE A 15 -6.76 13.79 3.28
CA PHE A 15 -6.35 15.16 3.65
C PHE A 15 -6.75 15.52 5.09
N ALA A 16 -7.79 14.88 5.63
CA ALA A 16 -8.27 15.02 7.01
C ALA A 16 -7.20 14.67 8.07
N LEU A 17 -6.37 13.67 7.75
CA LEU A 17 -5.22 13.18 8.52
C LEU A 17 -3.89 13.95 8.28
N ASP A 18 -3.94 15.19 7.79
CA ASP A 18 -2.79 16.03 7.39
C ASP A 18 -2.04 15.48 6.15
N GLU A 19 -0.79 15.89 5.90
CA GLU A 19 0.04 15.48 4.75
C GLU A 19 1.27 14.69 5.26
N GLU A 20 2.06 15.32 6.14
CA GLU A 20 3.19 14.74 6.90
C GLU A 20 2.85 13.41 7.58
N LEU A 21 1.77 13.37 8.36
CA LEU A 21 1.24 12.18 9.06
C LEU A 21 1.17 10.95 8.13
N ARG A 22 0.66 11.12 6.92
CA ARG A 22 0.59 10.06 5.91
C ARG A 22 1.97 9.55 5.50
N PHE A 23 2.93 10.44 5.29
CA PHE A 23 4.32 10.12 4.95
C PHE A 23 5.00 9.19 5.97
N LYS A 24 4.81 9.49 7.27
CA LYS A 24 5.23 8.63 8.41
C LYS A 24 4.52 7.26 8.45
N ALA A 25 3.26 7.23 7.99
CA ALA A 25 2.42 6.04 7.92
C ALA A 25 2.77 5.13 6.74
N THR A 26 2.96 5.64 5.51
CA THR A 26 3.49 4.91 4.33
C THR A 26 4.69 4.02 4.65
N ALA A 27 5.72 4.54 5.32
CA ALA A 27 6.88 3.75 5.78
C ALA A 27 6.54 2.59 6.75
N ARG A 28 5.37 2.58 7.40
CA ARG A 28 4.83 1.46 8.20
C ARG A 28 3.79 0.62 7.45
N ARG A 29 3.09 1.23 6.48
CA ARG A 29 2.10 0.58 5.61
C ARG A 29 2.72 -0.56 4.80
N ASN A 30 4.03 -0.50 4.53
CA ASN A 30 4.84 -1.58 3.98
C ASN A 30 4.53 -2.97 4.60
N LYS A 31 4.42 -3.05 5.94
CA LYS A 31 4.05 -4.24 6.71
C LYS A 31 2.64 -4.72 6.32
N LEU A 32 1.61 -3.91 6.56
CA LEU A 32 0.20 -4.19 6.25
C LEU A 32 -0.03 -4.62 4.78
N LEU A 33 0.44 -3.83 3.80
CA LEU A 33 0.40 -4.19 2.38
C LEU A 33 1.23 -5.45 2.10
N GLY A 34 2.49 -5.46 2.55
CA GLY A 34 3.44 -6.56 2.40
C GLY A 34 2.89 -7.91 2.85
N LEU A 35 2.20 -7.95 3.99
CA LEU A 35 1.51 -9.14 4.50
C LEU A 35 0.22 -9.44 3.75
N TRP A 36 -0.67 -8.45 3.58
CA TRP A 36 -1.98 -8.66 2.92
C TRP A 36 -1.82 -9.18 1.51
N ALA A 37 -1.01 -8.48 0.70
CA ALA A 37 -0.57 -8.90 -0.62
C ALA A 37 0.13 -10.27 -0.56
N ALA A 38 1.13 -10.47 0.32
CA ALA A 38 1.72 -11.80 0.53
C ALA A 38 0.69 -12.92 0.84
N GLY A 39 -0.36 -12.63 1.60
CA GLY A 39 -1.45 -13.57 1.92
C GLY A 39 -2.28 -13.99 0.70
N LEU A 40 -2.64 -13.07 -0.20
CA LEU A 40 -3.42 -13.31 -1.43
C LEU A 40 -2.95 -14.54 -2.24
N LEU A 41 -1.67 -14.61 -2.59
CA LEU A 41 -1.07 -15.75 -3.31
C LEU A 41 -0.61 -16.89 -2.39
N ALA A 42 -1.00 -16.85 -1.10
CA ALA A 42 -0.52 -17.70 -0.03
C ALA A 42 1.02 -17.83 0.02
N LYS A 43 1.77 -16.73 0.23
CA LYS A 43 3.23 -16.79 0.48
C LYS A 43 3.55 -17.32 1.88
N SER A 44 4.16 -18.51 1.96
CA SER A 44 4.66 -19.15 3.18
C SER A 44 5.58 -18.25 4.03
N ASP A 45 6.44 -17.47 3.37
CA ASP A 45 7.38 -16.52 3.99
C ASP A 45 6.86 -15.06 3.82
N PRO A 46 5.84 -14.60 4.56
CA PRO A 46 5.29 -13.25 4.39
C PRO A 46 6.24 -12.16 4.94
N GLU A 47 6.88 -12.38 6.09
CA GLU A 47 7.77 -11.41 6.75
C GLU A 47 8.88 -10.90 5.80
N ALA A 48 9.47 -11.85 5.09
CA ALA A 48 10.49 -11.65 4.05
C ALA A 48 9.98 -10.78 2.90
N TYR A 49 8.78 -11.06 2.38
CA TYR A 49 8.14 -10.32 1.29
C TYR A 49 7.74 -8.87 1.67
N ALA A 50 7.26 -8.67 2.90
CA ALA A 50 7.05 -7.33 3.46
C ALA A 50 8.35 -6.48 3.55
N SER A 51 9.50 -7.10 3.79
CA SER A 51 10.81 -6.43 3.67
C SER A 51 11.02 -5.84 2.27
N GLU A 52 10.74 -6.59 1.19
CA GLU A 52 10.89 -6.14 -0.20
C GLU A 52 10.00 -4.95 -0.60
N ILE A 53 8.98 -4.60 0.20
CA ILE A 53 8.15 -3.43 -0.05
C ILE A 53 8.97 -2.12 0.10
N VAL A 54 9.66 -1.91 1.23
CA VAL A 54 10.53 -0.73 1.45
C VAL A 54 11.74 -0.72 0.53
N ALA A 55 12.30 -1.90 0.22
CA ALA A 55 13.34 -2.05 -0.80
C ALA A 55 12.91 -1.57 -2.21
N ALA A 56 11.62 -1.47 -2.49
CA ALA A 56 11.06 -0.91 -3.72
C ALA A 56 10.81 0.62 -3.62
N ASP A 57 10.67 1.16 -2.40
CA ASP A 57 10.62 2.59 -2.05
C ASP A 57 12.00 3.09 -1.56
N PHE A 58 13.09 2.51 -2.10
CA PHE A 58 14.45 2.83 -1.70
C PHE A 58 14.79 4.30 -2.01
N GLU A 59 15.29 5.06 -1.02
CA GLU A 59 15.62 6.50 -1.14
C GLU A 59 16.91 6.75 -1.97
N GLU A 60 17.27 5.84 -2.87
CA GLU A 60 18.50 5.89 -3.67
C GLU A 60 18.27 6.65 -4.99
N ALA A 61 17.23 6.30 -5.74
CA ALA A 61 16.88 6.88 -7.04
C ALA A 61 15.36 6.88 -7.28
N GLY A 62 14.72 5.71 -7.14
CA GLY A 62 13.28 5.53 -7.29
C GLY A 62 12.83 5.40 -8.75
N HIS A 63 11.82 4.56 -9.01
CA HIS A 63 11.32 4.19 -10.36
C HIS A 63 9.97 3.44 -10.32
N GLU A 64 9.07 3.86 -9.43
CA GLU A 64 7.73 3.26 -9.17
C GLU A 64 7.74 1.73 -8.88
N ASP A 65 8.82 1.22 -8.28
CA ASP A 65 8.98 -0.22 -8.00
C ASP A 65 7.91 -0.72 -7.00
N VAL A 66 7.60 0.04 -5.94
CA VAL A 66 6.53 -0.26 -4.95
C VAL A 66 5.23 -0.72 -5.59
N VAL A 67 4.78 -0.01 -6.64
CA VAL A 67 3.60 -0.33 -7.43
C VAL A 67 3.79 -1.67 -8.15
N ARG A 68 4.93 -1.82 -8.84
CA ARG A 68 5.33 -3.06 -9.54
C ARG A 68 5.28 -4.27 -8.60
N LYS A 69 5.75 -4.13 -7.35
CA LYS A 69 5.70 -5.09 -6.22
C LYS A 69 4.28 -5.61 -5.96
N ILE A 70 3.28 -4.72 -5.99
CA ILE A 70 1.86 -5.09 -5.85
C ILE A 70 1.32 -5.75 -7.13
N LYS A 71 1.66 -5.26 -8.33
CA LYS A 71 1.22 -5.84 -9.63
C LYS A 71 1.63 -7.31 -9.78
N THR A 72 2.90 -7.63 -9.53
CA THR A 72 3.44 -9.00 -9.60
C THR A 72 2.66 -9.98 -8.70
N ASP A 73 2.35 -9.56 -7.47
CA ASP A 73 1.42 -10.27 -6.57
C ASP A 73 0.07 -10.57 -7.20
N PHE A 74 -0.61 -9.61 -7.84
CA PHE A 74 -1.88 -9.87 -8.53
C PHE A 74 -1.77 -10.90 -9.67
N ASP A 75 -0.65 -10.90 -10.40
CA ASP A 75 -0.32 -11.92 -11.41
C ASP A 75 -0.16 -13.33 -10.79
N ALA A 76 0.64 -13.46 -9.72
CA ALA A 76 0.85 -14.72 -9.02
C ALA A 76 -0.40 -15.22 -8.27
N ALA A 77 -1.10 -14.34 -7.54
CA ALA A 77 -2.37 -14.59 -6.83
C ALA A 77 -3.56 -14.81 -7.77
N GLY A 78 -3.52 -14.27 -8.99
CA GLY A 78 -4.60 -14.34 -9.98
C GLY A 78 -5.74 -13.37 -9.65
N VAL A 79 -5.49 -12.06 -9.77
CA VAL A 79 -6.38 -10.96 -9.39
C VAL A 79 -6.47 -9.93 -10.53
N ALA A 80 -7.70 -9.62 -10.94
CA ALA A 80 -8.01 -8.65 -11.99
C ALA A 80 -7.89 -7.21 -11.46
N ILE A 81 -6.68 -6.64 -11.58
CA ILE A 81 -6.31 -5.26 -11.21
C ILE A 81 -5.23 -4.74 -12.18
N SER A 82 -5.46 -3.57 -12.77
CA SER A 82 -4.58 -2.87 -13.73
C SER A 82 -3.56 -1.99 -13.03
N GLU A 83 -2.48 -1.62 -13.73
CA GLU A 83 -1.35 -0.82 -13.19
C GLU A 83 -1.77 0.51 -12.52
N ASP A 84 -2.66 1.31 -13.14
CA ASP A 84 -3.27 2.53 -12.57
C ASP A 84 -4.10 2.23 -11.29
N ASP A 85 -5.01 1.24 -11.35
CA ASP A 85 -5.90 0.78 -10.28
C ASP A 85 -5.15 0.59 -8.95
N ILE A 86 -3.92 0.04 -9.00
CA ILE A 86 -2.97 -0.09 -7.88
C ILE A 86 -2.80 1.25 -7.18
N ARG A 87 -2.23 2.26 -7.87
CA ARG A 87 -1.99 3.62 -7.34
C ARG A 87 -3.29 4.25 -6.82
N VAL A 88 -4.36 4.18 -7.61
CA VAL A 88 -5.72 4.62 -7.22
C VAL A 88 -6.17 4.04 -5.88
N ARG A 89 -6.09 2.71 -5.70
CA ARG A 89 -6.38 2.00 -4.44
C ARG A 89 -5.37 2.34 -3.35
N MET A 90 -4.06 2.40 -3.63
CA MET A 90 -3.01 2.73 -2.66
C MET A 90 -3.34 4.05 -1.96
N ILE A 91 -3.58 5.12 -2.72
CA ILE A 91 -3.93 6.44 -2.18
C ILE A 91 -5.12 6.33 -1.18
N GLU A 92 -6.20 5.65 -1.53
CA GLU A 92 -7.28 5.33 -0.58
C GLU A 92 -6.80 4.49 0.61
N LEU A 93 -6.17 3.34 0.40
CA LEU A 93 -5.67 2.43 1.45
C LEU A 93 -4.74 3.15 2.44
N LEU A 94 -3.91 4.09 1.99
CA LEU A 94 -3.05 4.94 2.81
C LEU A 94 -3.82 5.77 3.85
N SER A 95 -5.09 6.07 3.59
CA SER A 95 -6.02 6.73 4.51
C SER A 95 -6.21 5.88 5.79
N GLU A 96 -6.77 4.67 5.65
CA GLU A 96 -6.90 3.65 6.71
C GLU A 96 -5.57 3.35 7.44
N ALA A 97 -4.46 3.33 6.69
CA ALA A 97 -3.10 3.15 7.20
C ALA A 97 -2.67 4.12 8.32
N VAL A 98 -3.31 5.27 8.45
CA VAL A 98 -3.06 6.29 9.49
C VAL A 98 -4.07 6.17 10.63
N ALA A 99 -5.30 5.79 10.29
CA ALA A 99 -6.43 5.56 11.19
C ALA A 99 -6.13 4.59 12.35
N GLN A 100 -5.33 3.54 12.11
CA GLN A 100 -4.74 2.61 13.10
C GLN A 100 -3.69 3.23 14.04
N LEU A 101 -3.05 4.33 13.64
CA LEU A 101 -1.96 5.03 14.35
C LEU A 101 -2.49 6.18 15.21
N GLN A 102 -3.50 6.88 14.69
CA GLN A 102 -4.31 7.86 15.41
C GLN A 102 -5.13 7.19 16.54
N LYS A 103 -5.28 7.91 17.66
CA LYS A 103 -5.87 7.45 18.94
C LYS A 103 -5.07 6.30 19.59
N ASN A 104 -4.08 6.67 20.39
CA ASN A 104 -3.16 5.83 21.17
C ASN A 104 -3.30 6.07 22.69
N MET A 4 -16.11 6.45 -9.23
CA MET A 4 -15.96 7.85 -9.71
C MET A 4 -16.01 8.89 -8.58
N GLN A 5 -17.12 9.09 -7.89
CA GLN A 5 -17.27 10.06 -6.79
C GLN A 5 -16.88 9.48 -5.43
N ASP A 6 -17.09 8.18 -5.24
CA ASP A 6 -16.91 7.42 -4.00
C ASP A 6 -15.47 7.46 -3.50
N ARG A 7 -14.50 7.45 -4.43
CA ARG A 7 -13.08 7.74 -4.21
C ARG A 7 -12.84 9.11 -3.58
N GLU A 8 -13.54 10.14 -4.06
CA GLU A 8 -13.38 11.55 -3.67
C GLU A 8 -13.93 11.75 -2.25
N LYS A 9 -15.23 11.53 -2.04
CA LYS A 9 -15.86 11.47 -0.71
C LYS A 9 -15.14 10.54 0.27
N ALA A 10 -14.74 9.32 -0.09
CA ALA A 10 -13.97 8.46 0.81
C ALA A 10 -12.59 9.05 1.16
N PHE A 11 -11.84 9.55 0.16
CA PHE A 11 -10.52 10.18 0.33
C PHE A 11 -10.58 11.36 1.30
N GLU A 12 -11.51 12.30 1.11
CA GLU A 12 -11.81 13.40 2.05
C GLU A 12 -11.90 12.94 3.52
N ALA A 13 -12.55 11.81 3.78
CA ALA A 13 -12.71 11.24 5.12
C ALA A 13 -11.39 10.74 5.71
N LYS A 14 -10.63 9.89 5.02
CA LYS A 14 -9.32 9.38 5.48
C LYS A 14 -8.19 10.42 5.41
N PHE A 15 -8.37 11.45 4.60
CA PHE A 15 -7.59 12.69 4.54
C PHE A 15 -8.16 13.80 5.44
N ALA A 16 -8.97 13.46 6.46
CA ALA A 16 -9.49 14.43 7.43
C ALA A 16 -8.40 14.87 8.43
N LEU A 17 -7.42 14.01 8.71
CA LEU A 17 -6.32 14.25 9.64
C LEU A 17 -5.05 14.77 8.95
N ASP A 18 -5.20 15.44 7.79
CA ASP A 18 -4.09 15.99 7.00
C ASP A 18 -3.23 14.92 6.27
N GLU A 19 -2.12 15.35 5.64
CA GLU A 19 -1.07 14.51 5.07
C GLU A 19 0.15 14.36 6.00
N GLU A 20 0.31 15.20 7.02
CA GLU A 20 1.46 15.14 7.93
C GLU A 20 1.60 13.75 8.58
N LEU A 21 0.53 13.27 9.22
CA LEU A 21 0.42 11.94 9.86
C LEU A 21 0.66 10.78 8.85
N ARG A 22 0.16 10.93 7.61
CA ARG A 22 0.38 10.01 6.48
C ARG A 22 1.84 9.95 6.03
N PHE A 23 2.61 11.01 6.24
CA PHE A 23 4.04 11.09 5.91
C PHE A 23 4.83 10.00 6.64
N LYS A 24 4.59 9.81 7.94
CA LYS A 24 5.11 8.71 8.78
C LYS A 24 4.59 7.32 8.42
N ALA A 25 3.35 7.25 7.91
CA ALA A 25 2.67 6.01 7.50
C ALA A 25 3.47 5.20 6.48
N THR A 26 4.11 5.87 5.51
CA THR A 26 4.96 5.28 4.45
C THR A 26 5.76 4.07 4.95
N ALA A 27 6.48 4.25 6.07
CA ALA A 27 7.24 3.24 6.78
C ALA A 27 6.42 1.98 7.13
N ARG A 28 5.29 2.16 7.85
CA ARG A 28 4.38 1.08 8.28
C ARG A 28 3.64 0.42 7.12
N ARG A 29 3.22 1.20 6.11
CA ARG A 29 2.71 0.75 4.81
C ARG A 29 3.61 -0.31 4.17
N ASN A 30 4.93 -0.17 4.20
CA ASN A 30 5.85 -1.19 3.66
C ASN A 30 5.56 -2.61 4.19
N LYS A 31 5.34 -2.75 5.51
CA LYS A 31 4.83 -3.98 6.16
C LYS A 31 3.38 -4.29 5.74
N LEU A 32 2.43 -3.34 5.85
CA LEU A 32 1.01 -3.57 5.55
C LEU A 32 0.77 -4.11 4.13
N LEU A 33 1.29 -3.45 3.10
CA LEU A 33 1.24 -3.94 1.71
C LEU A 33 1.96 -5.29 1.58
N GLY A 34 3.20 -5.36 2.06
CA GLY A 34 4.04 -6.56 2.02
C GLY A 34 3.35 -7.81 2.57
N LEU A 35 2.70 -7.70 3.71
CA LEU A 35 1.92 -8.75 4.36
C LEU A 35 0.57 -9.00 3.68
N TRP A 36 -0.18 -7.96 3.29
CA TRP A 36 -1.44 -8.08 2.55
C TRP A 36 -1.26 -9.00 1.32
N ALA A 37 -0.31 -8.62 0.47
CA ALA A 37 0.18 -9.33 -0.71
C ALA A 37 0.65 -10.77 -0.38
N ALA A 38 1.61 -10.90 0.55
CA ALA A 38 2.13 -12.20 0.99
C ALA A 38 1.03 -13.16 1.47
N GLY A 39 0.01 -12.64 2.16
CA GLY A 39 -1.14 -13.39 2.67
C GLY A 39 -1.96 -14.05 1.56
N LEU A 40 -2.28 -13.30 0.51
CA LEU A 40 -2.93 -13.82 -0.71
C LEU A 40 -2.15 -15.00 -1.30
N LEU A 41 -0.84 -14.83 -1.54
CA LEU A 41 -0.01 -15.91 -2.10
C LEU A 41 0.27 -17.10 -1.14
N ALA A 42 -0.03 -17.01 0.16
CA ALA A 42 0.25 -18.05 1.18
C ALA A 42 1.68 -18.65 1.06
N LYS A 43 2.64 -17.74 0.93
CA LYS A 43 4.10 -17.98 0.92
C LYS A 43 4.55 -18.36 2.33
N SER A 44 5.37 -19.40 2.51
CA SER A 44 5.84 -19.83 3.86
C SER A 44 6.60 -18.75 4.65
N ASP A 45 7.24 -17.83 3.92
CA ASP A 45 8.04 -16.71 4.43
C ASP A 45 7.40 -15.35 4.08
N PRO A 46 6.32 -14.91 4.78
CA PRO A 46 5.65 -13.64 4.50
C PRO A 46 6.48 -12.43 4.94
N GLU A 47 7.14 -12.52 6.11
CA GLU A 47 8.05 -11.51 6.68
C GLU A 47 9.28 -11.24 5.80
N ALA A 48 9.82 -12.26 5.12
CA ALA A 48 10.76 -12.07 4.02
C ALA A 48 10.12 -11.32 2.85
N TYR A 49 8.96 -11.77 2.33
CA TYR A 49 8.31 -11.12 1.18
C TYR A 49 8.07 -9.60 1.37
N ALA A 50 7.75 -9.16 2.59
CA ALA A 50 7.64 -7.75 2.93
C ALA A 50 8.95 -6.92 2.76
N SER A 51 10.13 -7.54 2.91
CA SER A 51 11.46 -6.91 2.75
C SER A 51 11.70 -6.34 1.33
N GLU A 52 11.11 -6.95 0.30
CA GLU A 52 11.12 -6.43 -1.08
C GLU A 52 10.38 -5.09 -1.26
N ILE A 53 9.42 -4.77 -0.37
CA ILE A 53 8.66 -3.53 -0.47
C ILE A 53 9.58 -2.33 -0.21
N VAL A 54 10.25 -2.29 0.96
CA VAL A 54 11.27 -1.27 1.28
C VAL A 54 12.39 -1.18 0.25
N ALA A 55 12.78 -2.32 -0.34
CA ALA A 55 13.81 -2.43 -1.37
C ALA A 55 13.40 -1.81 -2.72
N ALA A 56 12.12 -1.94 -3.11
CA ALA A 56 11.53 -1.29 -4.27
C ALA A 56 11.34 0.23 -4.05
N ASP A 57 10.69 0.65 -2.95
CA ASP A 57 10.53 2.06 -2.56
C ASP A 57 11.85 2.67 -1.99
N PHE A 58 13.00 2.35 -2.57
CA PHE A 58 14.32 2.80 -2.09
C PHE A 58 14.51 4.33 -2.22
N GLU A 59 14.96 4.99 -1.15
CA GLU A 59 15.25 6.45 -1.17
C GLU A 59 16.57 6.77 -1.92
N GLU A 60 16.66 6.34 -3.18
CA GLU A 60 17.81 6.36 -4.10
C GLU A 60 17.41 7.02 -5.44
N ALA A 61 16.38 6.51 -6.11
CA ALA A 61 15.77 7.11 -7.31
C ALA A 61 14.23 7.00 -7.25
N GLY A 62 13.69 5.82 -7.57
CA GLY A 62 12.28 5.48 -7.38
C GLY A 62 11.43 5.74 -8.61
N HIS A 63 11.17 4.71 -9.42
CA HIS A 63 10.51 4.81 -10.72
C HIS A 63 9.24 3.96 -10.76
N GLU A 64 8.39 4.17 -9.74
CA GLU A 64 7.14 3.42 -9.46
C GLU A 64 7.34 1.89 -9.26
N ASP A 65 8.56 1.46 -8.91
CA ASP A 65 8.99 0.07 -8.75
C ASP A 65 8.07 -0.79 -7.87
N VAL A 66 7.60 -0.26 -6.74
CA VAL A 66 6.60 -0.88 -5.85
C VAL A 66 5.37 -1.41 -6.60
N VAL A 67 4.83 -0.64 -7.55
CA VAL A 67 3.69 -1.02 -8.40
C VAL A 67 3.91 -2.37 -9.04
N ARG A 68 5.14 -2.68 -9.50
CA ARG A 68 5.54 -3.99 -10.04
C ARG A 68 5.42 -5.14 -9.04
N LYS A 69 5.89 -4.92 -7.81
CA LYS A 69 5.74 -5.85 -6.66
C LYS A 69 4.27 -6.19 -6.37
N ILE A 70 3.40 -5.18 -6.33
CA ILE A 70 1.95 -5.32 -6.06
C ILE A 70 1.19 -5.91 -7.27
N LYS A 71 1.41 -5.41 -8.50
CA LYS A 71 0.75 -5.86 -9.74
C LYS A 71 0.89 -7.36 -9.95
N THR A 72 2.12 -7.86 -9.93
CA THR A 72 2.48 -9.26 -10.08
C THR A 72 1.84 -10.15 -9.01
N ASP A 73 1.63 -9.63 -7.81
CA ASP A 73 0.83 -10.25 -6.75
C ASP A 73 -0.63 -10.53 -7.18
N PHE A 74 -1.29 -9.57 -7.83
CA PHE A 74 -2.63 -9.76 -8.42
C PHE A 74 -2.66 -10.72 -9.64
N ASP A 75 -1.63 -10.68 -10.48
CA ASP A 75 -1.41 -11.69 -11.54
C ASP A 75 -1.33 -13.12 -10.94
N ALA A 76 -0.58 -13.33 -9.85
CA ALA A 76 -0.27 -14.64 -9.26
C ALA A 76 -1.30 -15.15 -8.22
N ALA A 77 -1.89 -14.28 -7.39
CA ALA A 77 -3.10 -14.60 -6.61
C ALA A 77 -4.36 -14.82 -7.49
N GLY A 78 -4.47 -14.03 -8.55
CA GLY A 78 -5.67 -13.91 -9.39
C GLY A 78 -6.66 -12.93 -8.76
N VAL A 79 -6.35 -11.63 -8.82
CA VAL A 79 -7.21 -10.55 -8.33
C VAL A 79 -7.55 -9.61 -9.51
N ALA A 80 -8.83 -9.29 -9.71
CA ALA A 80 -9.24 -8.38 -10.79
C ALA A 80 -8.88 -6.91 -10.49
N ILE A 81 -7.62 -6.52 -10.76
CA ILE A 81 -7.09 -5.16 -10.55
C ILE A 81 -6.15 -4.80 -11.71
N SER A 82 -6.23 -3.53 -12.15
CA SER A 82 -5.45 -2.93 -13.24
C SER A 82 -4.30 -2.07 -12.70
N GLU A 83 -3.22 -1.93 -13.48
CA GLU A 83 -2.00 -1.24 -13.05
C GLU A 83 -2.23 0.22 -12.65
N ASP A 84 -3.09 0.93 -13.38
CA ASP A 84 -3.51 2.30 -13.08
C ASP A 84 -4.36 2.41 -11.79
N ASP A 85 -5.10 1.35 -11.44
CA ASP A 85 -5.87 1.29 -10.18
C ASP A 85 -4.94 1.10 -8.96
N ILE A 86 -3.76 0.48 -9.09
CA ILE A 86 -2.83 0.17 -7.98
C ILE A 86 -2.44 1.44 -7.21
N ARG A 87 -1.91 2.46 -7.91
CA ARG A 87 -1.55 3.75 -7.31
C ARG A 87 -2.72 4.36 -6.53
N VAL A 88 -3.92 4.40 -7.12
CA VAL A 88 -5.17 4.82 -6.46
C VAL A 88 -5.48 4.00 -5.20
N ARG A 89 -5.45 2.66 -5.27
CA ARG A 89 -5.68 1.80 -4.09
C ARG A 89 -4.68 2.10 -2.97
N MET A 90 -3.40 2.27 -3.29
CA MET A 90 -2.34 2.65 -2.36
C MET A 90 -2.70 3.93 -1.58
N ILE A 91 -3.20 4.99 -2.23
CA ILE A 91 -3.65 6.23 -1.57
C ILE A 91 -4.63 5.95 -0.42
N GLU A 92 -5.75 5.28 -0.68
CA GLU A 92 -6.73 4.93 0.35
C GLU A 92 -6.13 4.04 1.45
N LEU A 93 -5.28 3.08 1.08
CA LEU A 93 -4.48 2.24 2.00
C LEU A 93 -3.63 3.08 2.95
N LEU A 94 -2.69 3.91 2.45
CA LEU A 94 -1.85 4.81 3.23
C LEU A 94 -2.66 5.71 4.17
N SER A 95 -3.74 6.33 3.69
CA SER A 95 -4.64 7.11 4.54
C SER A 95 -5.38 6.28 5.60
N GLU A 96 -5.70 5.01 5.33
CA GLU A 96 -6.18 4.09 6.36
C GLU A 96 -5.09 3.62 7.35
N ALA A 97 -3.83 3.51 6.90
CA ALA A 97 -2.69 3.10 7.72
C ALA A 97 -2.38 4.04 8.90
N VAL A 98 -3.04 5.21 8.96
CA VAL A 98 -3.02 6.21 10.04
C VAL A 98 -4.32 6.27 10.83
N ALA A 99 -5.42 5.74 10.30
CA ALA A 99 -6.70 5.67 11.00
C ALA A 99 -6.55 4.96 12.35
N GLN A 100 -5.87 3.82 12.37
CA GLN A 100 -5.51 3.10 13.61
C GLN A 100 -4.59 3.89 14.56
N LEU A 101 -3.57 4.62 14.06
CA LEU A 101 -2.63 5.45 14.85
C LEU A 101 -3.31 6.56 15.68
N GLN A 102 -4.44 7.11 15.19
CA GLN A 102 -5.35 8.02 15.92
C GLN A 102 -5.98 7.34 17.16
N LYS A 103 -5.37 7.59 18.34
CA LYS A 103 -5.89 7.25 19.66
C LYS A 103 -7.12 8.13 19.99
N ASN A 104 -8.29 7.61 19.62
CA ASN A 104 -9.64 8.18 19.77
C ASN A 104 -10.30 7.82 21.11
N MET A 4 -17.83 2.23 -6.94
CA MET A 4 -18.49 3.45 -7.48
C MET A 4 -18.32 4.63 -6.54
N GLN A 5 -19.14 4.73 -5.48
CA GLN A 5 -19.17 5.90 -4.60
C GLN A 5 -18.19 5.76 -3.43
N ASP A 6 -17.79 4.53 -3.05
CA ASP A 6 -16.83 4.36 -1.94
C ASP A 6 -15.51 5.15 -2.08
N ARG A 7 -14.86 5.11 -3.24
CA ARG A 7 -13.67 5.93 -3.60
C ARG A 7 -13.78 7.46 -3.41
N GLU A 8 -14.99 8.02 -3.58
CA GLU A 8 -15.26 9.46 -3.47
C GLU A 8 -15.40 9.87 -2.00
N LYS A 9 -16.20 9.12 -1.23
CA LYS A 9 -16.30 9.30 0.23
C LYS A 9 -14.99 8.96 0.96
N ALA A 10 -14.30 7.87 0.61
CA ALA A 10 -12.96 7.57 1.12
C ALA A 10 -11.96 8.72 0.91
N PHE A 11 -12.14 9.56 -0.12
CA PHE A 11 -11.31 10.76 -0.36
C PHE A 11 -11.36 11.76 0.81
N GLU A 12 -12.55 12.04 1.37
CA GLU A 12 -12.69 12.80 2.62
C GLU A 12 -11.92 12.10 3.76
N ALA A 13 -12.11 10.79 3.99
CA ALA A 13 -11.42 10.02 5.04
C ALA A 13 -9.88 10.16 5.00
N LYS A 14 -9.27 9.89 3.84
CA LYS A 14 -7.81 10.03 3.62
C LYS A 14 -7.26 11.46 3.75
N PHE A 15 -8.13 12.46 3.85
CA PHE A 15 -7.80 13.87 4.12
C PHE A 15 -8.14 14.24 5.57
N ALA A 16 -9.17 13.66 6.16
CA ALA A 16 -9.70 13.93 7.51
C ALA A 16 -8.70 13.70 8.65
N LEU A 17 -7.60 13.02 8.38
CA LEU A 17 -6.48 12.73 9.28
C LEU A 17 -5.23 13.59 8.99
N ASP A 18 -5.42 14.74 8.33
CA ASP A 18 -4.40 15.65 7.80
C ASP A 18 -3.47 15.00 6.73
N GLU A 19 -2.45 15.71 6.21
CA GLU A 19 -1.49 15.13 5.26
C GLU A 19 -0.12 14.82 5.86
N GLU A 20 0.31 15.64 6.83
CA GLU A 20 1.56 15.52 7.59
C GLU A 20 1.76 14.10 8.15
N LEU A 21 0.74 13.61 8.86
CA LEU A 21 0.65 12.27 9.45
C LEU A 21 0.82 11.15 8.43
N ARG A 22 0.36 11.36 7.18
CA ARG A 22 0.55 10.42 6.06
C ARG A 22 2.01 10.04 5.89
N PHE A 23 2.93 11.00 6.00
CA PHE A 23 4.39 10.79 5.97
C PHE A 23 4.86 9.82 7.06
N LYS A 24 4.24 9.83 8.25
CA LYS A 24 4.54 8.85 9.31
C LYS A 24 4.04 7.46 8.89
N ALA A 25 2.80 7.39 8.41
CA ALA A 25 2.20 6.17 7.89
C ALA A 25 2.93 5.57 6.68
N THR A 26 3.31 6.30 5.62
CA THR A 26 4.06 5.79 4.44
C THR A 26 5.15 4.78 4.81
N ALA A 27 5.95 5.12 5.81
CA ALA A 27 6.92 4.20 6.41
C ALA A 27 6.26 2.92 6.94
N ARG A 28 5.42 3.01 7.99
CA ARG A 28 4.71 1.85 8.60
C ARG A 28 3.88 1.02 7.60
N ARG A 29 3.32 1.67 6.58
CA ARG A 29 2.59 1.16 5.40
C ARG A 29 3.35 0.07 4.65
N ASN A 30 4.68 0.02 4.72
CA ASN A 30 5.48 -1.09 4.19
C ASN A 30 4.90 -2.48 4.53
N LYS A 31 4.70 -2.76 5.83
CA LYS A 31 4.07 -3.98 6.34
C LYS A 31 2.64 -4.15 5.83
N LEU A 32 1.81 -3.11 5.98
CA LEU A 32 0.41 -3.09 5.51
C LEU A 32 0.26 -3.56 4.06
N LEU A 33 0.98 -2.95 3.11
CA LEU A 33 0.99 -3.30 1.69
C LEU A 33 1.59 -4.70 1.43
N GLY A 34 2.72 -5.02 2.06
CA GLY A 34 3.34 -6.35 2.01
C GLY A 34 2.37 -7.48 2.38
N LEU A 35 1.80 -7.42 3.60
CA LEU A 35 0.82 -8.38 4.09
C LEU A 35 -0.45 -8.40 3.22
N TRP A 36 -1.00 -7.23 2.85
CA TRP A 36 -2.16 -7.10 1.95
C TRP A 36 -2.02 -8.02 0.73
N ALA A 37 -0.97 -7.79 -0.06
CA ALA A 37 -0.55 -8.62 -1.19
C ALA A 37 -0.32 -10.09 -0.77
N ALA A 38 0.63 -10.36 0.14
CA ALA A 38 0.99 -11.70 0.61
C ALA A 38 -0.22 -12.58 1.02
N GLY A 39 -1.22 -12.02 1.68
CA GLY A 39 -2.49 -12.63 2.07
C GLY A 39 -3.26 -13.28 0.92
N LEU A 40 -3.31 -12.64 -0.27
CA LEU A 40 -3.94 -13.16 -1.48
C LEU A 40 -3.33 -14.52 -1.88
N LEU A 41 -1.99 -14.57 -1.96
CA LEU A 41 -1.19 -15.77 -2.30
C LEU A 41 -1.11 -16.79 -1.13
N ALA A 42 -1.60 -16.42 0.06
CA ALA A 42 -1.49 -17.19 1.30
C ALA A 42 -0.05 -17.70 1.56
N LYS A 43 0.95 -16.80 1.41
CA LYS A 43 2.35 -17.07 1.75
C LYS A 43 2.49 -17.31 3.25
N SER A 44 3.01 -18.47 3.64
CA SER A 44 3.39 -18.90 4.99
C SER A 44 4.26 -17.88 5.76
N ASP A 45 5.20 -17.25 5.06
CA ASP A 45 6.02 -16.12 5.49
C ASP A 45 5.55 -14.85 4.73
N PRO A 46 4.53 -14.13 5.24
CA PRO A 46 4.07 -12.86 4.70
C PRO A 46 5.04 -11.71 5.04
N GLU A 47 5.63 -11.73 6.23
CA GLU A 47 6.57 -10.70 6.72
C GLU A 47 7.86 -10.65 5.90
N ALA A 48 8.42 -11.82 5.56
CA ALA A 48 9.49 -11.98 4.59
C ALA A 48 9.23 -11.19 3.30
N TYR A 49 8.04 -11.33 2.69
CA TYR A 49 7.64 -10.57 1.50
C TYR A 49 7.56 -9.05 1.77
N ALA A 50 6.95 -8.65 2.89
CA ALA A 50 6.91 -7.25 3.30
C ALA A 50 8.31 -6.60 3.34
N SER A 51 9.37 -7.35 3.65
CA SER A 51 10.76 -6.86 3.57
C SER A 51 11.19 -6.42 2.16
N GLU A 52 10.70 -7.06 1.09
CA GLU A 52 10.90 -6.53 -0.28
C GLU A 52 10.30 -5.13 -0.45
N ILE A 53 9.11 -4.84 0.08
CA ILE A 53 8.40 -3.55 -0.05
C ILE A 53 9.28 -2.34 0.29
N VAL A 54 9.91 -2.33 1.48
CA VAL A 54 10.85 -1.27 1.89
C VAL A 54 12.04 -1.16 0.95
N ALA A 55 12.56 -2.30 0.48
CA ALA A 55 13.71 -2.35 -0.42
C ALA A 55 13.36 -1.95 -1.86
N ALA A 56 12.10 -2.07 -2.28
CA ALA A 56 11.57 -1.67 -3.58
C ALA A 56 11.39 -0.14 -3.70
N ASP A 57 11.33 0.58 -2.58
CA ASP A 57 11.35 2.06 -2.47
C ASP A 57 12.82 2.57 -2.39
N PHE A 58 13.73 1.83 -3.04
CA PHE A 58 15.15 2.14 -3.17
C PHE A 58 15.42 3.53 -3.77
N GLU A 59 16.29 4.32 -3.14
CA GLU A 59 16.61 5.70 -3.53
C GLU A 59 17.55 5.78 -4.77
N GLU A 60 17.77 4.66 -5.50
CA GLU A 60 18.68 4.47 -6.66
C GLU A 60 18.13 4.97 -8.01
N ALA A 61 16.79 4.95 -8.17
CA ALA A 61 16.08 5.28 -9.42
C ALA A 61 14.83 6.13 -9.14
N GLY A 62 14.03 5.71 -8.15
CA GLY A 62 12.74 6.30 -7.78
C GLY A 62 11.73 5.22 -7.38
N HIS A 63 10.45 5.58 -7.42
CA HIS A 63 9.30 4.76 -7.02
C HIS A 63 8.79 3.79 -8.10
N GLU A 64 9.69 3.17 -8.88
CA GLU A 64 9.32 2.20 -9.94
C GLU A 64 9.07 0.78 -9.42
N ASP A 65 9.94 0.21 -8.57
CA ASP A 65 9.80 -1.18 -8.13
C ASP A 65 8.71 -1.35 -7.04
N VAL A 66 8.38 -0.33 -6.23
CA VAL A 66 7.19 -0.34 -5.36
C VAL A 66 5.90 -0.58 -6.13
N VAL A 67 5.58 0.28 -7.11
CA VAL A 67 4.32 0.16 -7.89
C VAL A 67 4.27 -1.18 -8.63
N ARG A 68 5.40 -1.58 -9.25
CA ARG A 68 5.52 -2.88 -9.92
C ARG A 68 5.42 -4.09 -8.98
N LYS A 69 5.98 -4.04 -7.76
CA LYS A 69 5.87 -5.09 -6.72
C LYS A 69 4.44 -5.57 -6.56
N ILE A 70 3.51 -4.64 -6.33
CA ILE A 70 2.09 -4.89 -6.12
C ILE A 70 1.46 -5.63 -7.32
N LYS A 71 1.62 -5.09 -8.54
CA LYS A 71 1.12 -5.68 -9.79
C LYS A 71 1.61 -7.12 -10.03
N THR A 72 2.88 -7.38 -9.75
CA THR A 72 3.49 -8.72 -9.83
C THR A 72 2.75 -9.74 -8.96
N ASP A 73 2.42 -9.36 -7.71
CA ASP A 73 1.60 -10.17 -6.80
C ASP A 73 0.23 -10.49 -7.39
N PHE A 74 -0.44 -9.45 -7.90
CA PHE A 74 -1.71 -9.58 -8.60
C PHE A 74 -1.65 -10.53 -9.81
N ASP A 75 -0.63 -10.42 -10.67
CA ASP A 75 -0.43 -11.32 -11.81
C ASP A 75 -0.32 -12.80 -11.38
N ALA A 76 0.38 -13.06 -10.26
CA ALA A 76 0.50 -14.37 -9.62
C ALA A 76 -0.83 -14.88 -9.00
N ALA A 77 -1.57 -14.01 -8.32
CA ALA A 77 -2.90 -14.27 -7.75
C ALA A 77 -4.03 -14.41 -8.81
N GLY A 78 -3.82 -13.84 -10.00
CA GLY A 78 -4.78 -13.71 -11.09
C GLY A 78 -5.90 -12.70 -10.83
N VAL A 79 -5.75 -11.75 -9.90
CA VAL A 79 -6.83 -10.81 -9.53
C VAL A 79 -7.00 -9.68 -10.58
N ALA A 80 -8.24 -9.31 -10.89
CA ALA A 80 -8.57 -8.28 -11.86
C ALA A 80 -8.21 -6.87 -11.36
N ILE A 81 -6.95 -6.46 -11.52
CA ILE A 81 -6.38 -5.17 -11.06
C ILE A 81 -5.28 -4.70 -12.03
N SER A 82 -5.36 -3.44 -12.48
CA SER A 82 -4.48 -2.79 -13.46
C SER A 82 -3.29 -2.08 -12.82
N GLU A 83 -2.27 -1.73 -13.61
CA GLU A 83 -1.10 -0.97 -13.13
C GLU A 83 -1.47 0.40 -12.55
N ASP A 84 -2.38 1.14 -13.22
CA ASP A 84 -2.88 2.44 -12.77
C ASP A 84 -3.65 2.34 -11.45
N ASP A 85 -4.49 1.30 -11.30
CA ASP A 85 -5.32 1.03 -10.11
C ASP A 85 -4.48 1.09 -8.81
N ILE A 86 -3.26 0.54 -8.83
CA ILE A 86 -2.32 0.49 -7.69
C ILE A 86 -1.98 1.88 -7.16
N ARG A 87 -1.46 2.75 -8.03
CA ARG A 87 -1.10 4.15 -7.72
C ARG A 87 -2.25 4.88 -7.00
N VAL A 88 -3.49 4.72 -7.47
CA VAL A 88 -4.72 5.22 -6.82
C VAL A 88 -4.86 4.68 -5.38
N ARG A 89 -4.99 3.35 -5.19
CA ARG A 89 -5.21 2.73 -3.86
C ARG A 89 -4.12 3.12 -2.87
N MET A 90 -2.86 3.17 -3.32
CA MET A 90 -1.72 3.72 -2.58
C MET A 90 -2.07 5.08 -1.96
N ILE A 91 -2.65 6.03 -2.70
CA ILE A 91 -3.06 7.34 -2.15
C ILE A 91 -3.99 7.18 -0.93
N GLU A 92 -5.04 6.36 -1.02
CA GLU A 92 -5.96 6.07 0.09
C GLU A 92 -5.25 5.37 1.25
N LEU A 93 -4.65 4.21 0.97
CA LEU A 93 -3.94 3.32 1.88
C LEU A 93 -2.84 4.03 2.68
N LEU A 94 -2.08 4.94 2.06
CA LEU A 94 -1.12 5.83 2.73
C LEU A 94 -1.71 6.57 3.94
N SER A 95 -2.87 7.20 3.74
CA SER A 95 -3.59 7.91 4.79
C SER A 95 -4.29 6.95 5.74
N GLU A 96 -5.00 5.94 5.22
CA GLU A 96 -5.64 4.91 6.04
C GLU A 96 -4.68 4.18 6.98
N ALA A 97 -3.43 3.98 6.58
CA ALA A 97 -2.35 3.49 7.44
C ALA A 97 -2.01 4.43 8.63
N VAL A 98 -2.57 5.64 8.71
CA VAL A 98 -2.57 6.51 9.91
C VAL A 98 -3.69 6.12 10.88
N ALA A 99 -4.82 5.57 10.42
CA ALA A 99 -5.96 5.20 11.27
C ALA A 99 -5.53 4.26 12.41
N GLN A 100 -4.83 3.16 12.07
CA GLN A 100 -4.17 2.19 12.94
C GLN A 100 -2.95 2.71 13.75
N LEU A 101 -2.58 4.00 13.62
CA LEU A 101 -1.49 4.66 14.37
C LEU A 101 -2.05 5.71 15.35
N GLN A 102 -3.20 6.26 15.02
CA GLN A 102 -3.99 7.15 15.84
C GLN A 102 -4.60 6.37 17.01
N LYS A 103 -4.67 6.98 18.20
CA LYS A 103 -5.24 6.39 19.42
C LYS A 103 -4.30 5.33 20.01
N ASN A 104 -4.20 4.14 19.40
CA ASN A 104 -3.35 3.00 19.76
C ASN A 104 -2.87 2.24 18.52
N MET A 4 -19.57 2.75 -6.83
CA MET A 4 -19.87 3.25 -5.46
C MET A 4 -19.43 4.70 -5.32
N GLN A 5 -20.22 5.50 -4.61
CA GLN A 5 -19.95 6.90 -4.25
C GLN A 5 -19.04 7.00 -3.00
N ASP A 6 -19.14 6.05 -2.07
CA ASP A 6 -18.46 6.08 -0.77
C ASP A 6 -16.93 6.22 -0.81
N ARG A 7 -16.28 5.56 -1.76
CA ARG A 7 -14.87 5.73 -2.19
C ARG A 7 -14.50 7.18 -2.55
N GLU A 8 -15.39 7.84 -3.29
CA GLU A 8 -15.22 9.18 -3.82
C GLU A 8 -15.33 10.22 -2.71
N LYS A 9 -16.47 10.23 -1.98
CA LYS A 9 -16.56 11.03 -0.75
C LYS A 9 -15.49 10.67 0.27
N ALA A 10 -15.12 9.40 0.47
CA ALA A 10 -14.04 9.04 1.39
C ALA A 10 -12.70 9.74 1.10
N PHE A 11 -12.42 10.12 -0.16
CA PHE A 11 -11.23 10.84 -0.64
C PHE A 11 -11.03 12.20 0.08
N GLU A 12 -12.09 12.97 0.34
CA GLU A 12 -12.11 14.23 1.13
C GLU A 12 -11.59 14.06 2.58
N ALA A 13 -11.50 12.83 3.07
CA ALA A 13 -10.81 12.42 4.29
C ALA A 13 -9.35 11.96 4.05
N LYS A 14 -8.99 11.42 2.87
CA LYS A 14 -7.64 10.88 2.56
C LYS A 14 -6.54 11.94 2.64
N PHE A 15 -6.86 13.17 2.21
CA PHE A 15 -5.99 14.36 2.31
C PHE A 15 -6.45 15.36 3.38
N ALA A 16 -7.36 14.95 4.28
CA ALA A 16 -7.77 15.76 5.43
C ALA A 16 -6.65 15.87 6.48
N LEU A 17 -5.99 14.76 6.77
CA LEU A 17 -4.89 14.61 7.73
C LEU A 17 -3.52 14.99 7.16
N ASP A 18 -3.47 15.98 6.27
CA ASP A 18 -2.25 16.51 5.65
C ASP A 18 -1.48 15.42 4.84
N GLU A 19 -0.37 15.80 4.19
CA GLU A 19 0.51 14.84 3.48
C GLU A 19 1.68 14.35 4.34
N GLU A 20 2.14 15.17 5.30
CA GLU A 20 3.22 14.88 6.27
C GLU A 20 2.86 13.73 7.24
N LEU A 21 1.62 13.73 7.74
CA LEU A 21 1.11 12.73 8.68
C LEU A 21 1.05 11.33 8.03
N ARG A 22 0.39 11.20 6.87
CA ARG A 22 0.46 9.97 6.05
C ARG A 22 1.88 9.58 5.66
N PHE A 23 2.81 10.53 5.45
CA PHE A 23 4.21 10.21 5.13
C PHE A 23 4.83 9.26 6.17
N LYS A 24 4.57 9.46 7.47
CA LYS A 24 4.99 8.52 8.54
C LYS A 24 4.36 7.12 8.41
N ALA A 25 3.10 7.04 7.97
CA ALA A 25 2.38 5.80 7.72
C ALA A 25 2.89 5.02 6.49
N THR A 26 3.28 5.67 5.38
CA THR A 26 3.71 5.00 4.13
C THR A 26 4.78 3.93 4.35
N ALA A 27 5.84 4.27 5.11
CA ALA A 27 6.89 3.35 5.55
C ALA A 27 6.34 2.09 6.26
N ARG A 28 5.32 2.24 7.11
CA ARG A 28 4.59 1.14 7.77
C ARG A 28 3.64 0.37 6.82
N ARG A 29 2.94 1.06 5.91
CA ARG A 29 2.05 0.46 4.89
C ARG A 29 2.78 -0.60 4.05
N ASN A 30 4.06 -0.39 3.75
CA ASN A 30 4.90 -1.40 3.09
C ASN A 30 4.76 -2.78 3.79
N LYS A 31 4.97 -2.83 5.12
CA LYS A 31 4.80 -4.06 5.92
C LYS A 31 3.33 -4.54 5.90
N LEU A 32 2.39 -3.63 6.18
CA LEU A 32 0.96 -3.91 6.28
C LEU A 32 0.34 -4.50 5.00
N LEU A 33 0.75 -4.03 3.83
CA LEU A 33 0.32 -4.54 2.52
C LEU A 33 1.07 -5.81 2.11
N GLY A 34 2.38 -5.86 2.39
CA GLY A 34 3.22 -7.05 2.34
C GLY A 34 2.50 -8.30 2.88
N LEU A 35 1.95 -8.21 4.09
CA LEU A 35 1.17 -9.29 4.74
C LEU A 35 -0.13 -9.62 3.99
N TRP A 36 -0.97 -8.62 3.70
CA TRP A 36 -2.23 -8.81 2.96
C TRP A 36 -2.04 -9.53 1.62
N ALA A 37 -1.21 -8.99 0.72
CA ALA A 37 -0.86 -9.58 -0.57
C ALA A 37 -0.33 -11.02 -0.41
N ALA A 38 0.62 -11.25 0.50
CA ALA A 38 1.19 -12.57 0.80
C ALA A 38 0.13 -13.63 1.17
N GLY A 39 -0.89 -13.27 1.94
CA GLY A 39 -2.03 -14.12 2.30
C GLY A 39 -2.89 -14.54 1.10
N LEU A 40 -3.13 -13.63 0.16
CA LEU A 40 -3.80 -13.93 -1.12
C LEU A 40 -2.98 -14.89 -1.99
N LEU A 41 -1.66 -14.65 -2.10
CA LEU A 41 -0.76 -15.45 -2.93
C LEU A 41 -0.35 -16.79 -2.31
N ALA A 42 -0.34 -16.89 -0.99
CA ALA A 42 0.20 -18.00 -0.20
C ALA A 42 1.68 -18.30 -0.55
N LYS A 43 2.56 -17.37 -0.17
CA LYS A 43 4.04 -17.52 -0.28
C LYS A 43 4.62 -18.38 0.87
N SER A 44 5.93 -18.31 1.09
CA SER A 44 6.68 -19.03 2.13
C SER A 44 6.36 -18.54 3.56
N ASP A 45 6.50 -17.24 3.78
CA ASP A 45 6.27 -16.57 5.05
C ASP A 45 5.73 -15.16 4.81
N PRO A 46 5.03 -14.52 5.78
CA PRO A 46 4.52 -13.15 5.65
C PRO A 46 5.66 -12.12 5.61
N GLU A 47 6.55 -12.17 6.61
CA GLU A 47 7.63 -11.19 6.77
C GLU A 47 8.64 -11.25 5.62
N ALA A 48 8.96 -12.45 5.13
CA ALA A 48 9.81 -12.67 3.95
C ALA A 48 9.47 -11.73 2.78
N TYR A 49 8.19 -11.66 2.38
CA TYR A 49 7.71 -10.81 1.28
C TYR A 49 7.53 -9.34 1.69
N ALA A 50 7.01 -9.08 2.89
CA ALA A 50 6.91 -7.73 3.46
C ALA A 50 8.26 -6.98 3.48
N SER A 51 9.36 -7.72 3.70
CA SER A 51 10.74 -7.30 3.49
C SER A 51 11.08 -6.95 2.05
N GLU A 52 10.59 -7.69 1.06
CA GLU A 52 10.81 -7.37 -0.36
C GLU A 52 10.11 -6.09 -0.81
N ILE A 53 9.01 -5.68 -0.16
CA ILE A 53 8.32 -4.39 -0.42
C ILE A 53 9.30 -3.23 -0.16
N VAL A 54 9.69 -3.00 1.10
CA VAL A 54 10.68 -1.98 1.49
C VAL A 54 12.00 -2.10 0.73
N ALA A 55 12.48 -3.34 0.47
CA ALA A 55 13.70 -3.61 -0.29
C ALA A 55 13.73 -3.03 -1.72
N ALA A 56 12.58 -2.67 -2.30
CA ALA A 56 12.50 -1.93 -3.56
C ALA A 56 12.32 -0.41 -3.35
N ASP A 57 11.71 0.03 -2.24
CA ASP A 57 11.45 1.46 -1.94
C ASP A 57 12.64 2.21 -1.31
N PHE A 58 13.86 1.64 -1.38
CA PHE A 58 15.12 2.23 -0.90
C PHE A 58 15.69 3.21 -1.95
N GLU A 59 14.94 4.30 -2.17
CA GLU A 59 15.21 5.38 -3.14
C GLU A 59 15.63 4.91 -4.55
N GLU A 60 15.09 3.80 -5.07
CA GLU A 60 15.51 3.12 -6.31
C GLU A 60 15.04 3.82 -7.60
N ALA A 61 13.79 4.32 -7.61
CA ALA A 61 13.24 5.21 -8.65
C ALA A 61 12.49 6.47 -8.11
N GLY A 62 12.26 6.53 -6.80
CA GLY A 62 11.89 7.73 -6.04
C GLY A 62 11.05 7.38 -4.81
N HIS A 63 9.73 7.34 -5.03
CA HIS A 63 8.69 6.93 -4.09
C HIS A 63 7.50 6.30 -4.83
N GLU A 64 7.75 5.52 -5.91
CA GLU A 64 6.71 4.81 -6.68
C GLU A 64 7.13 3.34 -6.97
N ASP A 65 8.16 2.90 -6.25
CA ASP A 65 8.92 1.67 -6.40
C ASP A 65 8.08 0.48 -5.86
N VAL A 66 7.47 0.65 -4.67
CA VAL A 66 6.47 -0.25 -4.05
C VAL A 66 5.41 -0.78 -5.01
N VAL A 67 4.83 0.11 -5.82
CA VAL A 67 3.74 -0.15 -6.77
C VAL A 67 4.08 -1.31 -7.69
N ARG A 68 5.34 -1.37 -8.17
CA ARG A 68 5.87 -2.45 -9.00
C ARG A 68 5.74 -3.82 -8.32
N LYS A 69 6.09 -3.89 -7.03
CA LYS A 69 6.02 -5.12 -6.20
C LYS A 69 4.59 -5.69 -6.18
N ILE A 70 3.63 -4.85 -5.81
CA ILE A 70 2.20 -5.19 -5.75
C ILE A 70 1.66 -5.69 -7.11
N LYS A 71 2.06 -5.06 -8.23
CA LYS A 71 1.73 -5.49 -9.61
C LYS A 71 2.14 -6.93 -9.91
N THR A 72 3.41 -7.28 -9.65
CA THR A 72 3.96 -8.63 -9.86
C THR A 72 3.22 -9.67 -9.02
N ASP A 73 2.80 -9.31 -7.81
CA ASP A 73 1.88 -10.13 -7.01
C ASP A 73 0.54 -10.42 -7.72
N PHE A 74 -0.17 -9.42 -8.25
CA PHE A 74 -1.39 -9.63 -9.06
C PHE A 74 -1.19 -10.49 -10.33
N ASP A 75 -0.01 -10.45 -10.95
CA ASP A 75 0.40 -11.33 -12.06
C ASP A 75 0.54 -12.80 -11.60
N ALA A 76 1.19 -13.05 -10.45
CA ALA A 76 1.28 -14.38 -9.85
C ALA A 76 -0.07 -14.92 -9.29
N ALA A 77 -0.77 -14.14 -8.46
CA ALA A 77 -2.09 -14.49 -7.88
C ALA A 77 -3.20 -14.66 -8.92
N GLY A 78 -3.13 -13.90 -10.01
CA GLY A 78 -4.14 -13.85 -11.07
C GLY A 78 -5.30 -12.92 -10.68
N VAL A 79 -5.08 -11.60 -10.74
CA VAL A 79 -6.05 -10.58 -10.28
C VAL A 79 -6.16 -9.43 -11.27
N ALA A 80 -7.38 -9.12 -11.75
CA ALA A 80 -7.58 -8.11 -12.79
C ALA A 80 -7.50 -6.67 -12.25
N ILE A 81 -6.29 -6.09 -12.26
CA ILE A 81 -5.91 -4.75 -11.77
C ILE A 81 -4.83 -4.12 -12.67
N SER A 82 -5.03 -2.86 -13.07
CA SER A 82 -4.09 -2.07 -13.87
C SER A 82 -3.10 -1.28 -13.00
N GLU A 83 -1.88 -1.03 -13.52
CA GLU A 83 -0.78 -0.35 -12.81
C GLU A 83 -1.15 0.98 -12.13
N ASP A 84 -1.95 1.81 -12.81
CA ASP A 84 -2.55 3.05 -12.29
C ASP A 84 -3.46 2.79 -11.09
N ASP A 85 -4.48 1.93 -11.25
CA ASP A 85 -5.40 1.42 -10.23
C ASP A 85 -4.70 1.15 -8.89
N ILE A 86 -3.53 0.49 -8.89
CA ILE A 86 -2.69 0.20 -7.71
C ILE A 86 -2.44 1.46 -6.86
N ARG A 87 -1.92 2.54 -7.47
CA ARG A 87 -1.63 3.84 -6.81
C ARG A 87 -2.87 4.42 -6.16
N VAL A 88 -3.97 4.48 -6.92
CA VAL A 88 -5.32 4.84 -6.46
C VAL A 88 -5.75 4.03 -5.24
N ARG A 89 -5.70 2.69 -5.26
CA ARG A 89 -5.99 1.82 -4.11
C ARG A 89 -5.16 2.23 -2.88
N MET A 90 -3.87 2.52 -3.09
CA MET A 90 -2.96 2.98 -2.03
C MET A 90 -3.37 4.33 -1.41
N ILE A 91 -3.83 5.33 -2.19
CA ILE A 91 -4.29 6.62 -1.66
C ILE A 91 -5.33 6.42 -0.55
N GLU A 92 -6.35 5.59 -0.82
CA GLU A 92 -7.33 5.23 0.20
C GLU A 92 -6.76 4.38 1.34
N LEU A 93 -5.95 3.35 1.04
CA LEU A 93 -5.38 2.45 2.04
C LEU A 93 -4.43 3.14 3.03
N LEU A 94 -3.65 4.14 2.60
CA LEU A 94 -2.70 4.88 3.42
C LEU A 94 -3.38 5.62 4.58
N SER A 95 -4.50 6.29 4.29
CA SER A 95 -5.37 6.96 5.27
C SER A 95 -5.74 6.04 6.47
N GLU A 96 -6.18 4.81 6.16
CA GLU A 96 -6.44 3.74 7.15
C GLU A 96 -5.18 3.29 7.91
N ALA A 97 -3.99 3.33 7.29
CA ALA A 97 -2.71 3.06 7.95
C ALA A 97 -2.20 4.18 8.89
N VAL A 98 -2.80 5.38 8.84
CA VAL A 98 -2.63 6.47 9.83
C VAL A 98 -3.59 6.29 11.01
N ALA A 99 -4.80 5.77 10.81
CA ALA A 99 -5.85 5.62 11.83
C ALA A 99 -5.38 4.89 13.11
N GLN A 100 -4.54 3.86 12.97
CA GLN A 100 -3.83 3.17 14.05
C GLN A 100 -2.74 4.01 14.78
N LEU A 101 -2.18 5.01 14.11
CA LEU A 101 -1.16 5.94 14.60
C LEU A 101 -1.80 7.11 15.35
N GLN A 102 -2.80 7.74 14.74
CA GLN A 102 -3.63 8.77 15.37
C GLN A 102 -4.28 8.23 16.65
N LYS A 103 -4.58 9.12 17.60
CA LYS A 103 -5.18 8.77 18.91
C LYS A 103 -4.21 7.95 19.77
N ASN A 104 -2.98 8.47 19.89
CA ASN A 104 -1.84 8.08 20.73
C ASN A 104 -1.19 9.34 21.34
N MET A 4 -19.99 6.92 -7.32
CA MET A 4 -20.16 8.39 -7.11
C MET A 4 -19.73 8.79 -5.71
N GLN A 5 -20.46 8.51 -4.63
CA GLN A 5 -20.07 8.97 -3.28
C GLN A 5 -18.93 8.15 -2.65
N ASP A 6 -18.86 6.83 -2.90
CA ASP A 6 -17.80 5.90 -2.43
C ASP A 6 -16.36 6.45 -2.51
N ARG A 7 -15.98 7.06 -3.64
CA ARG A 7 -14.70 7.76 -3.80
C ARG A 7 -14.50 8.89 -2.79
N GLU A 8 -15.50 9.74 -2.55
CA GLU A 8 -15.43 10.88 -1.63
C GLU A 8 -15.38 10.40 -0.17
N LYS A 9 -16.30 9.50 0.25
CA LYS A 9 -16.28 8.91 1.61
C LYS A 9 -15.06 8.04 1.94
N ALA A 10 -14.41 7.46 0.93
CA ALA A 10 -13.06 6.95 1.06
C ALA A 10 -12.05 8.12 1.15
N PHE A 11 -12.09 9.09 0.22
CA PHE A 11 -11.10 10.17 0.18
C PHE A 11 -11.05 11.00 1.46
N GLU A 12 -12.21 11.44 1.98
CA GLU A 12 -12.36 12.23 3.21
C GLU A 12 -11.57 11.60 4.37
N ALA A 13 -11.74 10.29 4.58
CA ALA A 13 -11.03 9.54 5.62
C ALA A 13 -9.50 9.74 5.52
N LYS A 14 -8.93 9.64 4.30
CA LYS A 14 -7.50 9.82 4.02
C LYS A 14 -6.92 11.11 4.61
N PHE A 15 -7.62 12.24 4.48
CA PHE A 15 -7.13 13.56 4.95
C PHE A 15 -7.93 14.12 6.14
N ALA A 16 -8.78 13.31 6.75
CA ALA A 16 -9.61 13.67 7.89
C ALA A 16 -8.71 14.07 9.05
N LEU A 17 -7.89 13.11 9.48
CA LEU A 17 -6.91 13.20 10.56
C LEU A 17 -5.87 14.34 10.40
N ASP A 18 -5.26 14.48 9.22
CA ASP A 18 -4.25 15.49 8.86
C ASP A 18 -3.98 15.41 7.34
N GLU A 19 -3.27 16.39 6.79
CA GLU A 19 -2.76 16.35 5.41
C GLU A 19 -1.30 15.84 5.39
N GLU A 20 -0.38 16.55 6.07
CA GLU A 20 1.05 16.24 6.20
C GLU A 20 1.31 14.78 6.64
N LEU A 21 0.60 14.26 7.66
CA LEU A 21 0.82 12.92 8.22
C LEU A 21 0.84 11.80 7.16
N ARG A 22 0.03 11.94 6.09
CA ARG A 22 -0.02 11.00 4.94
C ARG A 22 1.33 10.81 4.25
N PHE A 23 2.14 11.86 4.15
CA PHE A 23 3.52 11.84 3.66
C PHE A 23 4.35 10.75 4.38
N LYS A 24 4.19 10.62 5.72
CA LYS A 24 4.83 9.56 6.53
C LYS A 24 4.09 8.20 6.50
N ALA A 25 2.82 8.18 6.09
CA ALA A 25 2.00 6.98 5.94
C ALA A 25 2.54 6.06 4.87
N THR A 26 2.91 6.60 3.70
CA THR A 26 3.50 5.86 2.57
C THR A 26 4.56 4.85 3.02
N ALA A 27 5.41 5.24 3.98
CA ALA A 27 6.41 4.38 4.60
C ALA A 27 5.73 3.21 5.33
N ARG A 28 5.09 3.46 6.48
CA ARG A 28 4.37 2.46 7.30
C ARG A 28 3.36 1.59 6.54
N ARG A 29 2.75 2.11 5.48
CA ARG A 29 1.97 1.36 4.49
C ARG A 29 2.69 0.12 3.96
N ASN A 30 4.04 0.08 3.95
CA ASN A 30 4.85 -1.09 3.63
C ASN A 30 4.35 -2.34 4.37
N LYS A 31 4.00 -2.21 5.65
CA LYS A 31 3.42 -3.27 6.47
C LYS A 31 2.01 -3.58 6.01
N LEU A 32 1.12 -2.58 5.95
CA LEU A 32 -0.28 -2.77 5.54
C LEU A 32 -0.37 -3.50 4.18
N LEU A 33 0.19 -2.92 3.11
CA LEU A 33 0.22 -3.52 1.77
C LEU A 33 1.01 -4.85 1.73
N GLY A 34 2.21 -4.92 2.32
CA GLY A 34 2.99 -6.15 2.38
C GLY A 34 2.23 -7.33 2.96
N LEU A 35 1.61 -7.15 4.14
CA LEU A 35 0.73 -8.13 4.77
C LEU A 35 -0.53 -8.38 3.91
N TRP A 36 -1.28 -7.33 3.55
CA TRP A 36 -2.51 -7.43 2.73
C TRP A 36 -2.32 -8.30 1.49
N ALA A 37 -1.25 -8.09 0.74
CA ALA A 37 -0.87 -8.92 -0.39
C ALA A 37 -0.47 -10.34 0.06
N ALA A 38 0.57 -10.47 0.89
CA ALA A 38 1.13 -11.74 1.38
C ALA A 38 0.07 -12.73 1.92
N GLY A 39 -0.95 -12.23 2.62
CA GLY A 39 -2.11 -12.98 3.08
C GLY A 39 -2.87 -13.66 1.94
N LEU A 40 -3.36 -12.89 0.98
CA LEU A 40 -4.04 -13.37 -0.23
C LEU A 40 -3.14 -14.30 -1.05
N LEU A 41 -1.89 -13.89 -1.25
CA LEU A 41 -0.88 -14.65 -1.98
C LEU A 41 -0.44 -15.94 -1.27
N ALA A 42 -0.86 -16.17 -0.02
CA ALA A 42 -0.47 -17.36 0.76
C ALA A 42 1.02 -17.73 0.56
N LYS A 43 1.89 -16.75 0.80
CA LYS A 43 3.36 -16.92 0.80
C LYS A 43 3.81 -17.67 2.06
N SER A 44 5.06 -18.16 2.08
CA SER A 44 5.61 -18.86 3.26
C SER A 44 5.48 -18.04 4.55
N ASP A 45 5.85 -16.75 4.53
CA ASP A 45 5.80 -15.88 5.73
C ASP A 45 5.49 -14.41 5.36
N PRO A 46 5.06 -13.57 6.33
CA PRO A 46 4.87 -12.13 6.12
C PRO A 46 6.21 -11.40 5.87
N GLU A 47 7.21 -11.59 6.73
CA GLU A 47 8.51 -10.90 6.66
C GLU A 47 9.30 -11.24 5.39
N ALA A 48 9.17 -12.50 4.95
CA ALA A 48 9.70 -13.01 3.68
C ALA A 48 9.31 -12.14 2.47
N TYR A 49 8.12 -11.52 2.46
CA TYR A 49 7.69 -10.58 1.42
C TYR A 49 7.87 -9.11 1.84
N ALA A 50 7.43 -8.73 3.05
CA ALA A 50 7.55 -7.37 3.59
C ALA A 50 8.98 -6.78 3.51
N SER A 51 10.01 -7.63 3.58
CA SER A 51 11.42 -7.34 3.26
C SER A 51 11.67 -6.80 1.84
N GLU A 52 11.03 -7.38 0.82
CA GLU A 52 11.01 -6.80 -0.53
C GLU A 52 10.33 -5.43 -0.56
N ILE A 53 9.25 -5.20 0.19
CA ILE A 53 8.51 -3.91 0.13
C ILE A 53 9.38 -2.72 0.56
N VAL A 54 10.07 -2.83 1.70
CA VAL A 54 11.00 -1.76 2.14
C VAL A 54 12.17 -1.56 1.15
N ALA A 55 12.69 -2.64 0.56
CA ALA A 55 13.69 -2.58 -0.49
C ALA A 55 13.18 -1.90 -1.77
N ALA A 56 11.90 -2.12 -2.11
CA ALA A 56 11.25 -1.57 -3.30
C ALA A 56 11.06 -0.05 -3.23
N ASP A 57 11.23 0.55 -2.06
CA ASP A 57 11.20 1.99 -1.78
C ASP A 57 12.63 2.53 -1.48
N PHE A 58 13.68 1.79 -1.91
CA PHE A 58 15.08 2.19 -1.79
C PHE A 58 15.35 3.52 -2.52
N GLU A 59 15.70 4.53 -1.74
CA GLU A 59 16.18 5.85 -2.18
C GLU A 59 17.60 5.79 -2.84
N GLU A 60 18.02 4.65 -3.42
CA GLU A 60 19.35 4.51 -4.07
C GLU A 60 19.35 4.99 -5.54
N ALA A 61 18.40 4.50 -6.34
CA ALA A 61 18.27 4.76 -7.78
C ALA A 61 16.79 4.81 -8.19
N GLY A 62 16.07 3.71 -7.93
CA GLY A 62 14.62 3.54 -8.10
C GLY A 62 13.76 4.49 -7.24
N HIS A 63 12.45 4.39 -7.44
CA HIS A 63 11.50 5.40 -6.93
C HIS A 63 10.07 4.88 -6.94
N GLU A 64 9.68 4.07 -7.93
CA GLU A 64 8.34 3.50 -8.09
C GLU A 64 8.29 1.95 -8.01
N ASP A 65 9.40 1.26 -7.73
CA ASP A 65 9.48 -0.21 -7.68
C ASP A 65 8.48 -0.84 -6.69
N VAL A 66 8.11 -0.13 -5.61
CA VAL A 66 6.95 -0.45 -4.72
C VAL A 66 5.70 -0.85 -5.50
N VAL A 67 5.24 -0.02 -6.44
CA VAL A 67 4.07 -0.28 -7.28
C VAL A 67 4.25 -1.59 -8.08
N ARG A 68 5.46 -1.77 -8.63
CA ARG A 68 5.90 -2.96 -9.35
C ARG A 68 5.81 -4.25 -8.52
N LYS A 69 6.19 -4.23 -7.24
CA LYS A 69 6.03 -5.41 -6.34
C LYS A 69 4.59 -5.94 -6.37
N ILE A 70 3.64 -5.06 -6.04
CA ILE A 70 2.19 -5.32 -6.06
C ILE A 70 1.73 -5.90 -7.42
N LYS A 71 2.18 -5.36 -8.56
CA LYS A 71 1.83 -5.91 -9.89
C LYS A 71 2.13 -7.41 -10.02
N THR A 72 3.34 -7.84 -9.64
CA THR A 72 3.80 -9.23 -9.72
C THR A 72 2.99 -10.17 -8.83
N ASP A 73 2.60 -9.70 -7.65
CA ASP A 73 1.63 -10.36 -6.76
C ASP A 73 0.22 -10.44 -7.39
N PHE A 74 -0.22 -9.45 -8.16
CA PHE A 74 -1.55 -9.42 -8.79
C PHE A 74 -1.73 -10.44 -9.94
N ASP A 75 -0.76 -10.59 -10.84
CA ASP A 75 -0.69 -11.76 -11.76
C ASP A 75 -0.75 -13.08 -10.96
N ALA A 76 0.07 -13.19 -9.91
CA ALA A 76 0.15 -14.40 -9.06
C ALA A 76 -1.17 -14.74 -8.33
N ALA A 77 -1.93 -13.75 -7.86
CA ALA A 77 -3.28 -13.92 -7.32
C ALA A 77 -4.37 -14.14 -8.39
N GLY A 78 -4.06 -13.90 -9.68
CA GLY A 78 -4.97 -13.90 -10.80
C GLY A 78 -6.03 -12.80 -10.68
N VAL A 79 -5.65 -11.56 -10.34
CA VAL A 79 -6.60 -10.44 -10.24
C VAL A 79 -6.56 -9.54 -11.48
N ALA A 80 -7.75 -9.06 -11.87
CA ALA A 80 -8.00 -8.13 -12.97
C ALA A 80 -7.84 -6.67 -12.48
N ILE A 81 -6.59 -6.21 -12.37
CA ILE A 81 -6.16 -4.85 -11.97
C ILE A 81 -4.85 -4.50 -12.70
N SER A 82 -4.80 -3.34 -13.38
CA SER A 82 -3.63 -2.79 -14.10
C SER A 82 -2.78 -1.84 -13.25
N GLU A 83 -1.57 -1.52 -13.71
CA GLU A 83 -0.61 -0.64 -13.02
C GLU A 83 -1.19 0.73 -12.63
N ASP A 84 -1.93 1.39 -13.54
CA ASP A 84 -2.69 2.62 -13.23
C ASP A 84 -3.60 2.50 -12.00
N ASP A 85 -4.34 1.41 -11.88
CA ASP A 85 -5.22 1.11 -10.76
C ASP A 85 -4.46 0.85 -9.45
N ILE A 86 -3.32 0.12 -9.46
CA ILE A 86 -2.49 -0.20 -8.28
C ILE A 86 -2.22 1.05 -7.42
N ARG A 87 -1.63 2.09 -8.02
CA ARG A 87 -1.41 3.37 -7.32
C ARG A 87 -2.72 3.96 -6.79
N VAL A 88 -3.77 4.13 -7.60
CA VAL A 88 -5.11 4.59 -7.14
C VAL A 88 -5.61 3.83 -5.91
N ARG A 89 -5.54 2.50 -5.90
CA ARG A 89 -5.87 1.67 -4.73
C ARG A 89 -4.94 1.94 -3.55
N MET A 90 -3.61 1.92 -3.73
CA MET A 90 -2.61 2.23 -2.67
C MET A 90 -2.87 3.56 -1.96
N ILE A 91 -3.12 4.62 -2.74
CA ILE A 91 -3.45 5.99 -2.30
C ILE A 91 -4.67 5.98 -1.37
N GLU A 92 -5.79 5.34 -1.75
CA GLU A 92 -6.92 5.08 -0.84
C GLU A 92 -6.50 4.27 0.40
N LEU A 93 -5.83 3.12 0.22
CA LEU A 93 -5.34 2.22 1.28
C LEU A 93 -4.56 2.94 2.40
N LEU A 94 -3.86 4.03 2.07
CA LEU A 94 -3.20 4.92 3.04
C LEU A 94 -4.11 5.32 4.21
N SER A 95 -5.42 5.55 4.00
CA SER A 95 -6.40 5.84 5.06
C SER A 95 -6.30 4.86 6.25
N GLU A 96 -6.47 3.57 5.95
CA GLU A 96 -6.25 2.44 6.87
C GLU A 96 -4.80 2.32 7.33
N ALA A 97 -3.81 2.46 6.43
CA ALA A 97 -2.40 2.46 6.84
C ALA A 97 -2.04 3.51 7.92
N VAL A 98 -2.68 4.69 7.95
CA VAL A 98 -2.56 5.73 8.98
C VAL A 98 -3.33 5.41 10.27
N ALA A 99 -4.46 4.70 10.19
CA ALA A 99 -5.31 4.37 11.35
C ALA A 99 -4.49 3.76 12.51
N GLN A 100 -3.69 2.73 12.22
CA GLN A 100 -2.74 2.08 13.16
C GLN A 100 -1.53 2.95 13.63
N LEU A 101 -1.32 4.14 13.05
CA LEU A 101 -0.32 5.15 13.42
C LEU A 101 -0.91 6.21 14.35
N GLN A 102 -2.16 6.62 14.09
CA GLN A 102 -2.97 7.50 14.95
C GLN A 102 -3.23 6.88 16.33
N LYS A 103 -2.96 7.70 17.37
CA LYS A 103 -3.24 7.54 18.82
C LYS A 103 -2.11 6.77 19.55
N ASN A 104 -0.86 7.21 19.35
CA ASN A 104 0.39 6.56 19.84
C ASN A 104 1.16 7.35 20.94
N MET A 4 -20.77 7.27 -7.88
CA MET A 4 -20.76 8.73 -8.16
C MET A 4 -20.37 9.57 -6.94
N GLN A 5 -21.13 9.47 -5.84
CA GLN A 5 -20.96 10.31 -4.64
C GLN A 5 -20.06 9.61 -3.61
N ASP A 6 -20.31 8.33 -3.33
CA ASP A 6 -19.39 7.36 -2.71
C ASP A 6 -17.89 7.71 -2.78
N ARG A 7 -17.29 7.89 -3.97
CA ARG A 7 -15.88 8.26 -4.22
C ARG A 7 -15.44 9.61 -3.61
N GLU A 8 -16.27 10.64 -3.67
CA GLU A 8 -16.04 11.94 -3.02
C GLU A 8 -16.07 11.81 -1.48
N LYS A 9 -17.18 11.33 -0.89
CA LYS A 9 -17.27 11.04 0.56
C LYS A 9 -16.27 10.00 1.09
N ALA A 10 -15.80 9.05 0.28
CA ALA A 10 -14.68 8.15 0.61
C ALA A 10 -13.37 8.93 0.77
N PHE A 11 -13.00 9.79 -0.21
CA PHE A 11 -11.81 10.63 -0.15
C PHE A 11 -11.77 11.56 1.08
N GLU A 12 -12.89 12.17 1.48
CA GLU A 12 -13.02 13.08 2.64
C GLU A 12 -12.31 12.55 3.90
N ALA A 13 -12.70 11.34 4.33
CA ALA A 13 -12.16 10.63 5.49
C ALA A 13 -10.63 10.42 5.40
N LYS A 14 -10.12 10.19 4.19
CA LYS A 14 -8.68 10.09 3.92
C LYS A 14 -7.98 11.40 4.35
N PHE A 15 -8.52 12.54 3.93
CA PHE A 15 -8.07 13.88 4.34
C PHE A 15 -8.50 14.31 5.78
N ALA A 16 -8.95 13.39 6.63
CA ALA A 16 -9.19 13.62 8.06
C ALA A 16 -7.89 13.73 8.91
N LEU A 17 -6.74 13.36 8.36
CA LEU A 17 -5.45 13.34 9.07
C LEU A 17 -4.30 13.98 8.27
N ASP A 18 -4.61 14.95 7.39
CA ASP A 18 -3.68 15.59 6.42
C ASP A 18 -3.00 14.61 5.43
N GLU A 19 -2.26 15.11 4.44
CA GLU A 19 -1.51 14.23 3.50
C GLU A 19 -0.07 13.97 3.96
N GLU A 20 0.65 14.98 4.47
CA GLU A 20 2.08 14.89 4.86
C GLU A 20 2.37 13.75 5.87
N LEU A 21 1.39 13.50 6.75
CA LEU A 21 1.29 12.38 7.69
C LEU A 21 1.49 11.00 7.03
N ARG A 22 1.18 10.87 5.74
CA ARG A 22 1.46 9.69 4.90
C ARG A 22 2.89 9.21 5.07
N PHE A 23 3.86 10.12 5.23
CA PHE A 23 5.27 9.81 5.45
C PHE A 23 5.47 8.79 6.59
N LYS A 24 4.74 8.95 7.71
CA LYS A 24 4.69 7.97 8.80
C LYS A 24 4.04 6.66 8.36
N ALA A 25 2.93 6.71 7.62
CA ALA A 25 2.24 5.51 7.14
C ALA A 25 3.03 4.71 6.10
N THR A 26 3.89 5.30 5.26
CA THR A 26 4.76 4.60 4.29
C THR A 26 5.44 3.38 4.92
N ALA A 27 6.21 3.58 5.99
CA ALA A 27 6.90 2.53 6.75
C ALA A 27 5.96 1.40 7.25
N ARG A 28 4.91 1.73 8.02
CA ARG A 28 3.95 0.74 8.56
C ARG A 28 3.20 0.00 7.45
N ARG A 29 2.82 0.71 6.38
CA ARG A 29 2.26 0.19 5.12
C ARG A 29 3.17 -0.86 4.47
N ASN A 30 4.50 -0.73 4.57
CA ASN A 30 5.43 -1.73 4.04
C ASN A 30 5.17 -3.14 4.63
N LYS A 31 5.01 -3.25 5.96
CA LYS A 31 4.60 -4.49 6.65
C LYS A 31 3.21 -4.93 6.15
N LEU A 32 2.19 -4.08 6.30
CA LEU A 32 0.82 -4.40 5.85
C LEU A 32 0.70 -4.94 4.42
N LEU A 33 1.23 -4.25 3.40
CA LEU A 33 1.20 -4.69 2.00
C LEU A 33 2.06 -5.95 1.79
N GLY A 34 3.25 -5.98 2.39
CA GLY A 34 4.12 -7.15 2.50
C GLY A 34 3.35 -8.40 2.89
N LEU A 35 2.56 -8.33 3.97
CA LEU A 35 1.67 -9.39 4.43
C LEU A 35 0.48 -9.63 3.49
N TRP A 36 -0.24 -8.57 3.07
CA TRP A 36 -1.43 -8.69 2.21
C TRP A 36 -1.15 -9.46 0.91
N ALA A 37 -0.17 -9.04 0.13
CA ALA A 37 0.27 -9.75 -1.08
C ALA A 37 0.81 -11.15 -0.74
N ALA A 38 1.66 -11.28 0.28
CA ALA A 38 2.20 -12.58 0.71
C ALA A 38 1.11 -13.64 1.03
N GLY A 39 -0.06 -13.25 1.54
CA GLY A 39 -1.22 -14.11 1.75
C GLY A 39 -1.80 -14.70 0.45
N LEU A 40 -1.94 -13.86 -0.57
CA LEU A 40 -2.43 -14.18 -1.93
C LEU A 40 -1.48 -15.14 -2.65
N LEU A 41 -0.24 -14.73 -2.91
CA LEU A 41 0.86 -15.53 -3.47
C LEU A 41 1.17 -16.82 -2.69
N ALA A 42 0.80 -16.88 -1.40
CA ALA A 42 1.10 -17.96 -0.46
C ALA A 42 2.59 -18.37 -0.47
N LYS A 43 3.47 -17.39 -0.23
CA LYS A 43 4.95 -17.49 -0.13
C LYS A 43 5.37 -18.29 1.13
N SER A 44 6.68 -18.34 1.41
CA SER A 44 7.24 -18.99 2.62
C SER A 44 6.69 -18.38 3.91
N ASP A 45 7.14 -17.17 4.26
CA ASP A 45 6.75 -16.46 5.48
C ASP A 45 6.25 -15.05 5.11
N PRO A 46 5.47 -14.38 5.97
CA PRO A 46 5.08 -12.99 5.77
C PRO A 46 6.31 -12.06 5.70
N GLU A 47 7.14 -12.08 6.76
CA GLU A 47 8.32 -11.24 6.95
C GLU A 47 9.34 -11.38 5.81
N ALA A 48 9.52 -12.60 5.27
CA ALA A 48 10.39 -12.86 4.12
C ALA A 48 10.07 -12.00 2.88
N TYR A 49 8.80 -11.64 2.66
CA TYR A 49 8.38 -10.77 1.56
C TYR A 49 8.24 -9.31 1.99
N ALA A 50 7.71 -9.04 3.20
CA ALA A 50 7.69 -7.70 3.77
C ALA A 50 9.06 -6.99 3.75
N SER A 51 10.16 -7.72 4.00
CA SER A 51 11.53 -7.22 3.81
C SER A 51 11.81 -6.70 2.39
N GLU A 52 11.41 -7.45 1.35
CA GLU A 52 11.50 -7.01 -0.05
C GLU A 52 10.67 -5.76 -0.34
N ILE A 53 9.58 -5.50 0.38
CA ILE A 53 8.79 -4.27 0.20
C ILE A 53 9.59 -3.05 0.63
N VAL A 54 10.08 -2.99 1.88
CA VAL A 54 10.92 -1.87 2.35
C VAL A 54 12.16 -1.63 1.48
N ALA A 55 12.74 -2.69 0.90
CA ALA A 55 13.80 -2.61 -0.10
C ALA A 55 13.35 -1.98 -1.44
N ALA A 56 12.17 -2.35 -1.95
CA ALA A 56 11.62 -1.80 -3.19
C ALA A 56 11.09 -0.35 -3.06
N ASP A 57 10.84 0.14 -1.84
CA ASP A 57 10.43 1.53 -1.57
C ASP A 57 11.64 2.49 -1.36
N PHE A 58 12.82 2.16 -1.89
CA PHE A 58 14.04 2.97 -1.73
C PHE A 58 14.01 4.30 -2.51
N GLU A 59 13.73 5.40 -1.82
CA GLU A 59 13.85 6.79 -2.30
C GLU A 59 15.32 7.27 -2.38
N GLU A 60 16.15 6.46 -3.04
CA GLU A 60 17.56 6.72 -3.37
C GLU A 60 17.72 6.89 -4.90
N ALA A 61 17.67 5.79 -5.66
CA ALA A 61 17.85 5.75 -7.13
C ALA A 61 16.72 5.00 -7.89
N GLY A 62 15.53 4.89 -7.29
CA GLY A 62 14.34 4.21 -7.83
C GLY A 62 13.06 5.00 -7.55
N HIS A 63 11.94 4.60 -8.13
CA HIS A 63 10.68 5.37 -8.10
C HIS A 63 9.50 4.49 -8.53
N GLU A 64 8.42 4.47 -7.73
CA GLU A 64 7.26 3.58 -7.92
C GLU A 64 7.58 2.06 -7.91
N ASP A 65 8.79 1.64 -7.54
CA ASP A 65 9.25 0.23 -7.69
C ASP A 65 8.42 -0.80 -6.91
N VAL A 66 7.87 -0.41 -5.75
CA VAL A 66 6.81 -1.13 -5.04
C VAL A 66 5.62 -1.52 -5.93
N VAL A 67 5.14 -0.64 -6.80
CA VAL A 67 4.02 -0.89 -7.73
C VAL A 67 4.30 -2.15 -8.55
N ARG A 68 5.53 -2.32 -9.07
CA ARG A 68 5.97 -3.57 -9.72
C ARG A 68 5.72 -4.81 -8.86
N LYS A 69 6.19 -4.80 -7.60
CA LYS A 69 6.01 -5.91 -6.63
C LYS A 69 4.53 -6.28 -6.46
N ILE A 70 3.67 -5.28 -6.20
CA ILE A 70 2.21 -5.43 -6.04
C ILE A 70 1.55 -5.93 -7.34
N LYS A 71 1.88 -5.36 -8.51
CA LYS A 71 1.41 -5.83 -9.84
C LYS A 71 1.70 -7.31 -10.09
N THR A 72 2.90 -7.79 -9.75
CA THR A 72 3.22 -9.23 -9.87
C THR A 72 2.33 -10.12 -9.00
N ASP A 73 1.99 -9.72 -7.77
CA ASP A 73 0.95 -10.41 -6.98
C ASP A 73 -0.34 -10.60 -7.79
N PHE A 74 -0.96 -9.53 -8.27
CA PHE A 74 -2.21 -9.64 -9.04
C PHE A 74 -2.11 -10.60 -10.23
N ASP A 75 -1.01 -10.59 -10.98
CA ASP A 75 -0.72 -11.55 -12.06
C ASP A 75 -0.56 -13.01 -11.54
N ALA A 76 0.17 -13.20 -10.44
CA ALA A 76 0.41 -14.51 -9.81
C ALA A 76 -0.85 -15.13 -9.16
N ALA A 77 -1.61 -14.34 -8.40
CA ALA A 77 -2.81 -14.74 -7.65
C ALA A 77 -4.12 -14.68 -8.45
N GLY A 78 -4.13 -13.94 -9.57
CA GLY A 78 -5.23 -13.80 -10.52
C GLY A 78 -6.29 -12.77 -10.10
N VAL A 79 -5.88 -11.55 -9.70
CA VAL A 79 -6.75 -10.47 -9.20
C VAL A 79 -6.99 -9.39 -10.27
N ALA A 80 -8.25 -9.08 -10.57
CA ALA A 80 -8.65 -8.07 -11.55
C ALA A 80 -8.42 -6.61 -11.04
N ILE A 81 -7.22 -6.07 -11.24
CA ILE A 81 -6.80 -4.70 -10.86
C ILE A 81 -5.85 -4.13 -11.93
N SER A 82 -6.18 -3.00 -12.55
CA SER A 82 -5.30 -2.29 -13.50
C SER A 82 -4.06 -1.68 -12.82
N GLU A 83 -2.93 -1.59 -13.53
CA GLU A 83 -1.70 -0.90 -13.08
C GLU A 83 -1.93 0.50 -12.49
N ASP A 84 -2.74 1.35 -13.13
CA ASP A 84 -3.15 2.64 -12.56
C ASP A 84 -3.92 2.48 -11.23
N ASP A 85 -4.90 1.58 -11.14
CA ASP A 85 -5.71 1.39 -9.91
C ASP A 85 -4.84 1.05 -8.69
N ILE A 86 -3.69 0.37 -8.86
CA ILE A 86 -2.74 0.01 -7.79
C ILE A 86 -2.44 1.22 -6.91
N ARG A 87 -1.87 2.30 -7.46
CA ARG A 87 -1.64 3.54 -6.72
C ARG A 87 -2.92 4.14 -6.13
N VAL A 88 -4.01 4.19 -6.91
CA VAL A 88 -5.34 4.66 -6.47
C VAL A 88 -5.82 3.94 -5.19
N ARG A 89 -5.73 2.61 -5.11
CA ARG A 89 -5.99 1.83 -3.90
C ARG A 89 -4.99 2.17 -2.80
N MET A 90 -3.68 2.06 -3.07
CA MET A 90 -2.60 2.37 -2.12
C MET A 90 -2.75 3.75 -1.42
N ILE A 91 -2.98 4.82 -2.19
CA ILE A 91 -3.22 6.19 -1.72
C ILE A 91 -4.45 6.25 -0.82
N GLU A 92 -5.62 5.78 -1.27
CA GLU A 92 -6.78 5.66 -0.37
C GLU A 92 -6.49 4.92 0.96
N LEU A 93 -5.76 3.80 0.90
CA LEU A 93 -5.38 3.00 2.07
C LEU A 93 -4.36 3.73 2.98
N LEU A 94 -3.41 4.46 2.40
CA LEU A 94 -2.34 5.20 3.09
C LEU A 94 -2.84 6.08 4.23
N SER A 95 -3.96 6.77 4.02
CA SER A 95 -4.59 7.64 5.02
C SER A 95 -5.24 6.87 6.17
N GLU A 96 -6.01 5.80 5.88
CA GLU A 96 -6.45 4.83 6.89
C GLU A 96 -5.26 4.24 7.66
N ALA A 97 -4.16 3.92 6.99
CA ALA A 97 -2.93 3.46 7.64
C ALA A 97 -2.32 4.51 8.60
N VAL A 98 -2.58 5.81 8.43
CA VAL A 98 -2.33 6.90 9.40
C VAL A 98 -3.40 6.98 10.52
N ALA A 99 -4.69 6.87 10.20
CA ALA A 99 -5.80 7.05 11.15
C ALA A 99 -5.62 6.31 12.50
N GLN A 100 -5.28 5.02 12.43
CA GLN A 100 -4.90 4.14 13.55
C GLN A 100 -3.71 4.63 14.40
N LEU A 101 -2.68 5.20 13.76
CA LEU A 101 -1.49 5.80 14.37
C LEU A 101 -1.80 7.15 15.03
N GLN A 102 -2.63 7.97 14.40
CA GLN A 102 -3.11 9.23 14.94
C GLN A 102 -3.89 9.00 16.24
N LYS A 103 -3.67 9.92 17.19
CA LYS A 103 -4.35 9.92 18.47
C LYS A 103 -4.97 11.29 18.79
N ASN A 104 -6.15 11.17 19.40
CA ASN A 104 -7.01 12.20 20.01
C ASN A 104 -7.68 13.14 19.01
N MET A 4 -20.51 5.99 -9.20
CA MET A 4 -19.19 6.47 -8.70
C MET A 4 -19.30 7.59 -7.64
N GLN A 5 -20.36 7.72 -6.82
CA GLN A 5 -20.42 8.77 -5.76
C GLN A 5 -19.93 8.28 -4.39
N ASP A 6 -20.23 7.03 -4.00
CA ASP A 6 -19.82 6.49 -2.67
C ASP A 6 -18.35 6.73 -2.29
N ARG A 7 -17.45 6.65 -3.27
CA ARG A 7 -16.02 7.00 -3.18
C ARG A 7 -15.74 8.39 -2.62
N GLU A 8 -16.46 9.44 -3.02
CA GLU A 8 -16.28 10.83 -2.58
C GLU A 8 -16.25 10.92 -1.03
N LYS A 9 -17.27 10.37 -0.38
CA LYS A 9 -17.36 10.17 1.07
C LYS A 9 -16.11 9.48 1.63
N ALA A 10 -15.78 8.29 1.10
CA ALA A 10 -14.69 7.45 1.60
C ALA A 10 -13.32 8.14 1.49
N PHE A 11 -13.06 8.79 0.35
CA PHE A 11 -11.89 9.60 -0.01
C PHE A 11 -11.75 10.87 0.83
N GLU A 12 -12.85 11.55 1.21
CA GLU A 12 -12.85 12.69 2.15
C GLU A 12 -12.03 12.34 3.40
N ALA A 13 -12.39 11.26 4.10
CA ALA A 13 -11.70 10.78 5.30
C ALA A 13 -10.18 10.57 5.13
N LYS A 14 -9.72 10.26 3.92
CA LYS A 14 -8.29 10.06 3.59
C LYS A 14 -7.53 11.39 3.58
N PHE A 15 -8.17 12.48 3.14
CA PHE A 15 -7.66 13.85 3.19
C PHE A 15 -7.96 14.57 4.53
N ALA A 16 -8.39 13.85 5.57
CA ALA A 16 -8.58 14.39 6.91
C ALA A 16 -7.28 14.87 7.58
N LEU A 17 -6.14 14.21 7.28
CA LEU A 17 -4.82 14.45 7.88
C LEU A 17 -3.74 14.85 6.85
N ASP A 18 -4.14 15.57 5.79
CA ASP A 18 -3.29 16.00 4.68
C ASP A 18 -2.68 14.81 3.85
N GLU A 19 -1.80 15.13 2.91
CA GLU A 19 -0.99 14.14 2.16
C GLU A 19 0.41 13.90 2.78
N GLU A 20 0.88 14.84 3.59
CA GLU A 20 2.17 14.84 4.32
C GLU A 20 2.27 13.67 5.31
N LEU A 21 1.34 13.58 6.27
CA LEU A 21 1.24 12.46 7.23
C LEU A 21 1.17 11.11 6.49
N ARG A 22 0.33 11.04 5.45
CA ARG A 22 0.26 9.93 4.49
C ARG A 22 1.61 9.59 3.85
N PHE A 23 2.45 10.56 3.48
CA PHE A 23 3.79 10.27 2.93
C PHE A 23 4.59 9.33 3.84
N LYS A 24 4.64 9.64 5.15
CA LYS A 24 5.27 8.74 6.14
C LYS A 24 4.58 7.36 6.23
N ALA A 25 3.25 7.31 6.17
CA ALA A 25 2.43 6.10 6.30
C ALA A 25 2.99 4.88 5.56
N THR A 26 3.47 5.08 4.33
CA THR A 26 4.15 4.07 3.52
C THR A 26 5.12 3.23 4.36
N ALA A 27 6.03 3.85 5.12
CA ALA A 27 7.08 3.23 5.93
C ALA A 27 6.63 2.09 6.88
N ARG A 28 5.36 2.13 7.35
CA ARG A 28 4.68 1.05 8.08
C ARG A 28 3.79 0.26 7.10
N ARG A 29 2.89 0.93 6.37
CA ARG A 29 1.91 0.30 5.46
C ARG A 29 2.53 -0.67 4.46
N ASN A 30 3.71 -0.36 3.91
CA ASN A 30 4.57 -1.23 3.09
C ASN A 30 4.60 -2.65 3.66
N LYS A 31 5.00 -2.79 4.94
CA LYS A 31 4.93 -4.04 5.71
C LYS A 31 3.55 -4.68 5.64
N LEU A 32 2.50 -3.95 6.05
CA LEU A 32 1.10 -4.43 6.04
C LEU A 32 0.63 -4.97 4.68
N LEU A 33 0.88 -4.24 3.60
CA LEU A 33 0.52 -4.59 2.21
C LEU A 33 1.13 -5.92 1.76
N GLY A 34 2.39 -6.15 2.13
CA GLY A 34 3.09 -7.41 1.95
C GLY A 34 2.27 -8.62 2.43
N LEU A 35 1.76 -8.60 3.66
CA LEU A 35 0.91 -9.68 4.18
C LEU A 35 -0.39 -9.84 3.38
N TRP A 36 -1.01 -8.73 2.96
CA TRP A 36 -2.24 -8.75 2.15
C TRP A 36 -2.04 -9.52 0.85
N ALA A 37 -1.10 -9.07 0.03
CA ALA A 37 -0.57 -9.71 -1.18
C ALA A 37 -0.16 -11.18 -0.94
N ALA A 38 0.77 -11.43 -0.02
CA ALA A 38 1.27 -12.77 0.31
C ALA A 38 0.19 -13.78 0.71
N GLY A 39 -0.88 -13.32 1.38
CA GLY A 39 -2.08 -14.08 1.71
C GLY A 39 -2.86 -14.60 0.48
N LEU A 40 -2.86 -13.88 -0.64
CA LEU A 40 -3.40 -14.37 -1.91
C LEU A 40 -2.57 -15.56 -2.43
N LEU A 41 -1.25 -15.38 -2.63
CA LEU A 41 -0.34 -16.40 -3.18
C LEU A 41 0.00 -17.56 -2.23
N ALA A 42 -0.47 -17.53 -0.97
CA ALA A 42 -0.15 -18.49 0.10
C ALA A 42 1.33 -18.96 0.10
N LYS A 43 2.25 -17.97 0.12
CA LYS A 43 3.71 -18.18 0.19
C LYS A 43 4.07 -18.68 1.60
N SER A 44 4.92 -19.69 1.72
CA SER A 44 5.38 -20.27 3.00
C SER A 44 6.01 -19.25 3.97
N ASP A 45 6.76 -18.27 3.47
CA ASP A 45 7.28 -17.15 4.29
C ASP A 45 6.56 -15.83 3.93
N PRO A 46 5.34 -15.58 4.41
CA PRO A 46 4.57 -14.37 4.09
C PRO A 46 5.15 -13.14 4.78
N GLU A 47 5.57 -13.25 6.05
CA GLU A 47 6.23 -12.17 6.79
C GLU A 47 7.50 -11.64 6.09
N ALA A 48 8.30 -12.54 5.49
CA ALA A 48 9.50 -12.19 4.74
C ALA A 48 9.19 -11.33 3.50
N TYR A 49 8.14 -11.66 2.75
CA TYR A 49 7.70 -10.89 1.58
C TYR A 49 7.44 -9.40 1.89
N ALA A 50 6.85 -9.09 3.05
CA ALA A 50 6.73 -7.72 3.54
C ALA A 50 8.06 -6.95 3.74
N SER A 51 9.18 -7.64 3.98
CA SER A 51 10.53 -7.04 4.02
C SER A 51 10.99 -6.55 2.63
N GLU A 52 10.57 -7.19 1.53
CA GLU A 52 10.84 -6.75 0.16
C GLU A 52 10.08 -5.47 -0.24
N ILE A 53 8.93 -5.18 0.38
CA ILE A 53 8.10 -4.01 0.05
C ILE A 53 8.81 -2.71 0.45
N VAL A 54 9.23 -2.60 1.72
CA VAL A 54 10.04 -1.48 2.23
C VAL A 54 11.38 -1.35 1.49
N ALA A 55 11.97 -2.47 1.08
CA ALA A 55 13.15 -2.52 0.24
C ALA A 55 12.90 -2.06 -1.22
N ALA A 56 11.68 -2.15 -1.76
CA ALA A 56 11.36 -1.55 -3.06
C ALA A 56 11.59 -0.03 -3.04
N ASP A 57 11.05 0.67 -2.05
CA ASP A 57 11.31 2.10 -1.76
C ASP A 57 12.62 2.28 -0.96
N PHE A 58 13.69 1.58 -1.36
CA PHE A 58 15.06 1.88 -0.93
C PHE A 58 15.50 3.24 -1.49
N GLU A 59 16.53 3.82 -0.89
CA GLU A 59 17.04 5.15 -1.23
C GLU A 59 17.98 5.12 -2.47
N GLU A 60 17.71 4.28 -3.46
CA GLU A 60 18.55 4.13 -4.67
C GLU A 60 18.31 5.28 -5.67
N ALA A 61 17.04 5.61 -5.96
CA ALA A 61 16.57 6.66 -6.87
C ALA A 61 15.25 7.25 -6.35
N GLY A 62 14.20 6.42 -6.33
CA GLY A 62 12.84 6.73 -5.87
C GLY A 62 11.89 7.12 -7.00
N HIS A 63 11.25 6.14 -7.66
CA HIS A 63 10.25 6.35 -8.71
C HIS A 63 9.08 5.36 -8.59
N GLU A 64 8.28 5.51 -7.52
CA GLU A 64 7.00 4.78 -7.32
C GLU A 64 7.22 3.26 -7.26
N ASP A 65 8.38 2.86 -6.74
CA ASP A 65 8.92 1.51 -6.77
C ASP A 65 8.04 0.48 -6.05
N VAL A 66 7.40 0.85 -4.94
CA VAL A 66 6.38 0.04 -4.21
C VAL A 66 5.22 -0.44 -5.08
N VAL A 67 4.71 0.43 -5.97
CA VAL A 67 3.61 0.16 -6.91
C VAL A 67 3.91 -1.08 -7.75
N ARG A 68 5.16 -1.21 -8.21
CA ARG A 68 5.67 -2.39 -8.91
C ARG A 68 5.58 -3.65 -8.05
N LYS A 69 6.14 -3.61 -6.84
CA LYS A 69 6.06 -4.67 -5.84
C LYS A 69 4.62 -5.19 -5.65
N ILE A 70 3.62 -4.32 -5.53
CA ILE A 70 2.20 -4.74 -5.45
C ILE A 70 1.73 -5.45 -6.73
N LYS A 71 1.85 -4.81 -7.90
CA LYS A 71 1.44 -5.39 -9.21
C LYS A 71 2.05 -6.76 -9.52
N THR A 72 3.34 -6.94 -9.22
CA THR A 72 4.06 -8.21 -9.34
C THR A 72 3.42 -9.36 -8.59
N ASP A 73 2.81 -9.12 -7.44
CA ASP A 73 2.02 -10.15 -6.77
C ASP A 73 0.70 -10.42 -7.52
N PHE A 74 0.00 -9.36 -7.93
CA PHE A 74 -1.20 -9.44 -8.76
C PHE A 74 -1.02 -10.23 -10.07
N ASP A 75 0.12 -10.09 -10.76
CA ASP A 75 0.51 -10.86 -11.97
C ASP A 75 0.59 -12.39 -11.73
N ALA A 76 1.17 -12.77 -10.58
CA ALA A 76 1.32 -14.13 -10.08
C ALA A 76 0.00 -14.74 -9.55
N ALA A 77 -0.82 -13.97 -8.85
CA ALA A 77 -2.17 -14.32 -8.41
C ALA A 77 -3.17 -14.46 -9.59
N GLY A 78 -2.97 -13.64 -10.63
CA GLY A 78 -3.81 -13.53 -11.83
C GLY A 78 -5.04 -12.61 -11.68
N VAL A 79 -5.01 -11.66 -10.73
CA VAL A 79 -6.19 -10.86 -10.33
C VAL A 79 -6.42 -9.64 -11.25
N ALA A 80 -7.69 -9.28 -11.47
CA ALA A 80 -8.07 -8.20 -12.37
C ALA A 80 -7.84 -6.83 -11.72
N ILE A 81 -6.63 -6.29 -11.86
CA ILE A 81 -6.15 -5.04 -11.23
C ILE A 81 -5.08 -4.41 -12.15
N SER A 82 -5.30 -3.18 -12.63
CA SER A 82 -4.35 -2.39 -13.42
C SER A 82 -3.22 -1.81 -12.58
N GLU A 83 -2.22 -1.20 -13.21
CA GLU A 83 -1.24 -0.38 -12.49
C GLU A 83 -1.91 0.80 -11.75
N ASP A 84 -2.76 1.59 -12.44
CA ASP A 84 -3.38 2.79 -11.89
C ASP A 84 -4.09 2.50 -10.55
N ASP A 85 -4.97 1.50 -10.57
CA ASP A 85 -5.73 0.93 -9.46
C ASP A 85 -4.90 0.89 -8.15
N ILE A 86 -3.67 0.36 -8.17
CA ILE A 86 -2.74 0.31 -7.02
C ILE A 86 -2.52 1.69 -6.38
N ARG A 87 -2.14 2.71 -7.16
CA ARG A 87 -1.91 4.08 -6.67
C ARG A 87 -3.14 4.61 -5.96
N VAL A 88 -4.33 4.39 -6.54
CA VAL A 88 -5.63 4.67 -5.90
C VAL A 88 -5.71 3.98 -4.52
N ARG A 89 -5.66 2.65 -4.46
CA ARG A 89 -5.85 1.89 -3.20
C ARG A 89 -4.83 2.29 -2.13
N MET A 90 -3.56 2.48 -2.52
CA MET A 90 -2.49 3.01 -1.67
C MET A 90 -2.94 4.22 -0.84
N ILE A 91 -3.62 5.22 -1.41
CA ILE A 91 -4.14 6.37 -0.66
C ILE A 91 -5.03 5.94 0.53
N GLU A 92 -6.09 5.18 0.24
CA GLU A 92 -7.01 4.58 1.23
C GLU A 92 -6.27 3.76 2.30
N LEU A 93 -5.44 2.83 1.85
CA LEU A 93 -4.63 1.93 2.68
C LEU A 93 -3.71 2.71 3.64
N LEU A 94 -2.86 3.59 3.12
CA LEU A 94 -1.94 4.47 3.87
C LEU A 94 -2.67 5.37 4.89
N SER A 95 -3.78 5.99 4.50
CA SER A 95 -4.59 6.85 5.38
C SER A 95 -5.13 6.14 6.63
N GLU A 96 -5.37 4.83 6.57
CA GLU A 96 -5.57 3.99 7.76
C GLU A 96 -4.29 3.76 8.54
N ALA A 97 -3.15 3.48 7.89
CA ALA A 97 -1.85 3.32 8.58
C ALA A 97 -1.39 4.54 9.40
N VAL A 98 -1.93 5.74 9.15
CA VAL A 98 -1.78 6.91 10.05
C VAL A 98 -2.84 7.02 11.14
N ALA A 99 -4.05 6.47 10.97
CA ALA A 99 -5.10 6.45 11.99
C ALA A 99 -4.61 5.94 13.36
N GLN A 100 -3.78 4.89 13.36
CA GLN A 100 -3.09 4.38 14.55
C GLN A 100 -1.97 5.28 15.12
N LEU A 101 -1.31 6.11 14.30
CA LEU A 101 -0.26 7.04 14.74
C LEU A 101 -0.84 8.30 15.41
N GLN A 102 -1.97 8.78 14.87
CA GLN A 102 -2.75 9.93 15.28
C GLN A 102 -3.38 9.73 16.65
N LYS A 103 -3.20 10.70 17.57
CA LYS A 103 -3.46 10.53 19.03
C LYS A 103 -2.58 9.39 19.59
N ASN A 104 -1.43 9.84 20.11
CA ASN A 104 -0.46 9.00 20.81
C ASN A 104 -0.92 8.68 22.25
N MET A 4 -19.81 6.66 -8.74
CA MET A 4 -20.50 7.91 -8.34
C MET A 4 -20.05 8.36 -6.96
N GLN A 5 -20.47 7.67 -5.88
CA GLN A 5 -20.14 8.01 -4.49
C GLN A 5 -18.81 7.44 -3.99
N ASP A 6 -18.38 6.24 -4.42
CA ASP A 6 -17.11 5.64 -3.98
C ASP A 6 -15.90 6.57 -4.02
N ARG A 7 -15.79 7.39 -5.07
CA ARG A 7 -14.74 8.39 -5.26
C ARG A 7 -14.69 9.43 -4.14
N GLU A 8 -15.86 9.90 -3.67
CA GLU A 8 -16.01 10.87 -2.57
C GLU A 8 -15.55 10.19 -1.28
N LYS A 9 -16.28 9.19 -0.76
CA LYS A 9 -15.93 8.44 0.46
C LYS A 9 -14.48 7.94 0.54
N ALA A 10 -13.87 7.49 -0.57
CA ALA A 10 -12.46 7.12 -0.74
C ALA A 10 -11.49 8.29 -0.49
N PHE A 11 -11.64 9.38 -1.26
CA PHE A 11 -10.86 10.60 -1.06
C PHE A 11 -11.13 11.26 0.31
N GLU A 12 -12.38 11.30 0.78
CA GLU A 12 -12.75 11.75 2.13
C GLU A 12 -12.02 10.94 3.19
N ALA A 13 -12.06 9.60 3.14
CA ALA A 13 -11.27 8.72 4.00
C ALA A 13 -9.79 9.10 3.95
N LYS A 14 -9.22 9.32 2.75
CA LYS A 14 -7.85 9.83 2.59
C LYS A 14 -7.60 11.20 3.23
N PHE A 15 -8.56 12.10 3.22
CA PHE A 15 -8.40 13.48 3.71
C PHE A 15 -9.07 13.73 5.08
N ALA A 16 -9.27 12.65 5.84
CA ALA A 16 -9.74 12.66 7.22
C ALA A 16 -8.65 13.11 8.21
N LEU A 17 -7.38 12.75 7.98
CA LEU A 17 -6.22 13.06 8.84
C LEU A 17 -5.08 13.83 8.14
N ASP A 18 -5.47 14.61 7.12
CA ASP A 18 -4.61 15.45 6.26
C ASP A 18 -3.62 14.64 5.38
N GLU A 19 -2.45 15.21 5.05
CA GLU A 19 -1.30 14.50 4.45
C GLU A 19 -0.01 14.56 5.28
N GLU A 20 0.16 15.51 6.23
CA GLU A 20 1.36 15.56 7.09
C GLU A 20 1.58 14.24 7.85
N LEU A 21 0.55 13.78 8.56
CA LEU A 21 0.52 12.53 9.35
C LEU A 21 0.73 11.29 8.48
N ARG A 22 0.24 11.30 7.23
CA ARG A 22 0.48 10.24 6.23
C ARG A 22 1.98 9.97 6.08
N PHE A 23 2.84 10.98 6.23
CA PHE A 23 4.31 10.87 6.19
C PHE A 23 4.92 9.98 7.31
N LYS A 24 4.20 9.78 8.42
CA LYS A 24 4.50 8.78 9.47
C LYS A 24 3.95 7.40 9.12
N ALA A 25 2.87 7.33 8.34
CA ALA A 25 2.33 6.09 7.83
C ALA A 25 3.14 5.51 6.66
N THR A 26 3.65 6.31 5.70
CA THR A 26 4.43 5.88 4.52
C THR A 26 5.44 4.78 4.85
N ALA A 27 6.32 5.00 5.83
CA ALA A 27 7.22 3.98 6.35
C ALA A 27 6.48 2.69 6.82
N ARG A 28 5.61 2.78 7.83
CA ARG A 28 4.90 1.61 8.38
C ARG A 28 4.04 0.88 7.34
N ARG A 29 3.44 1.58 6.38
CA ARG A 29 2.70 1.05 5.21
C ARG A 29 3.47 -0.06 4.51
N ASN A 30 4.78 0.06 4.36
CA ASN A 30 5.64 -0.91 3.67
C ASN A 30 5.52 -2.33 4.27
N LYS A 31 5.62 -2.45 5.60
CA LYS A 31 5.35 -3.69 6.37
C LYS A 31 3.90 -4.18 6.25
N LEU A 32 2.92 -3.28 6.35
CA LEU A 32 1.48 -3.57 6.33
C LEU A 32 1.01 -4.21 5.01
N LEU A 33 1.37 -3.57 3.88
CA LEU A 33 1.19 -4.05 2.50
C LEU A 33 1.88 -5.38 2.27
N GLY A 34 3.16 -5.50 2.63
CA GLY A 34 3.92 -6.74 2.63
C GLY A 34 3.11 -7.92 3.16
N LEU A 35 2.59 -7.81 4.38
CA LEU A 35 1.71 -8.82 4.99
C LEU A 35 0.40 -8.99 4.22
N TRP A 36 -0.38 -7.92 4.01
CA TRP A 36 -1.67 -7.97 3.32
C TRP A 36 -1.60 -8.66 1.95
N ALA A 37 -0.64 -8.29 1.10
CA ALA A 37 -0.41 -8.90 -0.21
C ALA A 37 0.12 -10.35 -0.09
N ALA A 38 1.17 -10.60 0.70
CA ALA A 38 1.66 -11.95 0.98
C ALA A 38 0.57 -12.92 1.50
N GLY A 39 -0.29 -12.42 2.38
CA GLY A 39 -1.42 -13.07 3.03
C GLY A 39 -2.45 -13.58 2.03
N LEU A 40 -2.81 -12.75 1.04
CA LEU A 40 -3.67 -13.13 -0.10
C LEU A 40 -3.06 -14.30 -0.89
N LEU A 41 -1.80 -14.16 -1.27
CA LEU A 41 -1.04 -15.19 -1.99
C LEU A 41 -0.73 -16.44 -1.15
N ALA A 42 -1.03 -16.44 0.16
CA ALA A 42 -0.72 -17.52 1.12
C ALA A 42 0.75 -18.01 1.07
N LYS A 43 1.71 -17.06 1.02
CA LYS A 43 3.17 -17.33 0.99
C LYS A 43 3.64 -18.00 2.28
N SER A 44 4.60 -18.94 2.18
CA SER A 44 5.17 -19.65 3.34
C SER A 44 6.07 -18.73 4.18
N ASP A 45 6.91 -17.94 3.49
CA ASP A 45 7.64 -16.79 4.03
C ASP A 45 6.91 -15.46 3.69
N PRO A 46 5.89 -15.04 4.47
CA PRO A 46 5.24 -13.74 4.30
C PRO A 46 6.18 -12.60 4.74
N GLU A 47 6.89 -12.78 5.85
CA GLU A 47 7.80 -11.78 6.43
C GLU A 47 8.92 -11.40 5.46
N ALA A 48 9.53 -12.39 4.79
CA ALA A 48 10.49 -12.18 3.71
C ALA A 48 9.91 -11.31 2.59
N TYR A 49 8.72 -11.63 2.08
CA TYR A 49 8.02 -10.83 1.08
C TYR A 49 7.89 -9.35 1.48
N ALA A 50 7.49 -9.05 2.72
CA ALA A 50 7.48 -7.68 3.24
C ALA A 50 8.83 -6.95 3.09
N SER A 51 9.97 -7.62 3.29
CA SER A 51 11.31 -7.02 3.11
C SER A 51 11.55 -6.45 1.70
N GLU A 52 10.95 -7.04 0.67
CA GLU A 52 11.00 -6.57 -0.73
C GLU A 52 10.29 -5.24 -0.97
N ILE A 53 9.32 -4.86 -0.13
CA ILE A 53 8.59 -3.59 -0.25
C ILE A 53 9.54 -2.43 0.03
N VAL A 54 10.10 -2.37 1.25
CA VAL A 54 11.13 -1.39 1.66
C VAL A 54 12.32 -1.37 0.69
N ALA A 55 12.77 -2.54 0.21
CA ALA A 55 13.78 -2.66 -0.85
C ALA A 55 13.48 -1.84 -2.12
N ALA A 56 12.21 -1.54 -2.41
CA ALA A 56 11.71 -0.76 -3.54
C ALA A 56 11.17 0.65 -3.17
N ASP A 57 10.99 0.98 -1.88
CA ASP A 57 10.67 2.32 -1.35
C ASP A 57 11.89 3.26 -1.39
N PHE A 58 13.09 2.73 -1.12
CA PHE A 58 14.37 3.44 -1.18
C PHE A 58 14.57 4.25 -2.48
N GLU A 59 14.66 5.59 -2.32
CA GLU A 59 14.92 6.61 -3.36
C GLU A 59 16.37 6.59 -3.93
N GLU A 60 16.92 5.41 -4.24
CA GLU A 60 18.27 5.21 -4.78
C GLU A 60 18.35 5.54 -6.30
N ALA A 61 17.45 4.98 -7.11
CA ALA A 61 17.36 5.25 -8.56
C ALA A 61 15.93 5.38 -9.11
N GLY A 62 15.01 4.58 -8.57
CA GLY A 62 13.60 4.53 -8.92
C GLY A 62 12.71 5.20 -7.84
N HIS A 63 11.43 4.85 -7.83
CA HIS A 63 10.43 5.49 -6.94
C HIS A 63 9.09 4.74 -6.93
N GLU A 64 8.60 4.32 -8.10
CA GLU A 64 7.36 3.56 -8.24
C GLU A 64 7.58 2.04 -8.28
N ASP A 65 8.79 1.54 -7.97
CA ASP A 65 9.17 0.14 -7.98
C ASP A 65 8.28 -0.73 -7.08
N VAL A 66 7.85 -0.21 -5.93
CA VAL A 66 6.77 -0.80 -5.07
C VAL A 66 5.47 -1.11 -5.80
N VAL A 67 5.01 -0.24 -6.73
CA VAL A 67 3.83 -0.45 -7.58
C VAL A 67 3.97 -1.77 -8.33
N ARG A 68 5.17 -2.07 -8.84
CA ARG A 68 5.49 -3.29 -9.60
C ARG A 68 5.36 -4.57 -8.75
N LYS A 69 5.73 -4.51 -7.47
CA LYS A 69 5.49 -5.61 -6.51
C LYS A 69 4.01 -6.00 -6.45
N ILE A 70 3.16 -5.04 -6.09
CA ILE A 70 1.71 -5.24 -5.91
C ILE A 70 1.04 -5.75 -7.20
N LYS A 71 1.42 -5.23 -8.39
CA LYS A 71 0.91 -5.68 -9.71
C LYS A 71 1.00 -7.20 -9.86
N THR A 72 2.22 -7.73 -9.74
CA THR A 72 2.58 -9.16 -9.85
C THR A 72 1.69 -10.03 -8.97
N ASP A 73 1.48 -9.62 -7.72
CA ASP A 73 0.64 -10.31 -6.76
C ASP A 73 -0.82 -10.42 -7.24
N PHE A 74 -1.42 -9.36 -7.78
CA PHE A 74 -2.72 -9.46 -8.46
C PHE A 74 -2.72 -10.48 -9.61
N ASP A 75 -1.61 -10.65 -10.34
CA ASP A 75 -1.42 -11.69 -11.37
C ASP A 75 -1.45 -13.12 -10.76
N ALA A 76 -0.69 -13.36 -9.68
CA ALA A 76 -0.68 -14.62 -8.91
C ALA A 76 -2.01 -14.97 -8.20
N ALA A 77 -2.57 -14.04 -7.41
CA ALA A 77 -3.88 -14.16 -6.77
C ALA A 77 -5.06 -14.18 -7.77
N GLY A 78 -4.88 -13.60 -8.95
CA GLY A 78 -5.87 -13.60 -10.04
C GLY A 78 -6.93 -12.52 -9.86
N VAL A 79 -6.51 -11.29 -9.55
CA VAL A 79 -7.32 -10.11 -9.25
C VAL A 79 -7.25 -9.15 -10.44
N ALA A 80 -8.40 -8.67 -10.89
CA ALA A 80 -8.57 -7.71 -11.99
C ALA A 80 -8.28 -6.25 -11.58
N ILE A 81 -7.00 -5.86 -11.62
CA ILE A 81 -6.49 -4.49 -11.32
C ILE A 81 -5.38 -4.13 -12.32
N SER A 82 -5.45 -2.93 -12.91
CA SER A 82 -4.48 -2.36 -13.86
C SER A 82 -3.31 -1.70 -13.12
N GLU A 83 -2.08 -1.75 -13.66
CA GLU A 83 -0.87 -1.13 -13.06
C GLU A 83 -0.97 0.38 -12.80
N ASP A 84 -1.70 1.10 -13.66
CA ASP A 84 -2.12 2.49 -13.47
C ASP A 84 -3.09 2.65 -12.27
N ASP A 85 -4.03 1.72 -12.06
CA ASP A 85 -5.02 1.78 -10.97
C ASP A 85 -4.41 1.54 -9.58
N ILE A 86 -3.27 0.84 -9.48
CA ILE A 86 -2.59 0.46 -8.22
C ILE A 86 -2.30 1.68 -7.36
N ARG A 87 -1.54 2.64 -7.92
CA ARG A 87 -1.20 3.92 -7.30
C ARG A 87 -2.42 4.61 -6.66
N VAL A 88 -3.55 4.69 -7.38
CA VAL A 88 -4.84 5.16 -6.81
C VAL A 88 -5.14 4.52 -5.46
N ARG A 89 -5.17 3.18 -5.35
CA ARG A 89 -5.37 2.46 -4.06
C ARG A 89 -4.36 2.87 -2.99
N MET A 90 -3.08 3.00 -3.37
CA MET A 90 -2.02 3.43 -2.46
C MET A 90 -2.36 4.72 -1.72
N ILE A 91 -2.84 5.75 -2.43
CA ILE A 91 -3.30 7.07 -1.91
C ILE A 91 -4.21 6.93 -0.69
N GLU A 92 -5.26 6.11 -0.79
CA GLU A 92 -6.17 5.73 0.29
C GLU A 92 -5.45 4.92 1.39
N LEU A 93 -4.90 3.75 1.04
CA LEU A 93 -4.17 2.83 1.92
C LEU A 93 -3.06 3.50 2.76
N LEU A 94 -2.39 4.53 2.23
CA LEU A 94 -1.41 5.34 2.95
C LEU A 94 -2.02 6.12 4.13
N SER A 95 -3.19 6.72 3.91
CA SER A 95 -3.92 7.50 4.91
C SER A 95 -4.64 6.58 5.90
N GLU A 96 -5.39 5.57 5.42
CA GLU A 96 -5.92 4.46 6.24
C GLU A 96 -4.87 3.87 7.20
N ALA A 97 -3.63 3.63 6.75
CA ALA A 97 -2.53 3.17 7.62
C ALA A 97 -2.19 4.09 8.82
N VAL A 98 -2.67 5.35 8.86
CA VAL A 98 -2.64 6.26 10.02
C VAL A 98 -3.68 5.90 11.10
N ALA A 99 -4.81 5.26 10.73
CA ALA A 99 -5.91 4.91 11.63
C ALA A 99 -5.43 4.11 12.85
N GLN A 100 -4.76 2.97 12.63
CA GLN A 100 -4.05 2.22 13.68
C GLN A 100 -2.98 3.04 14.48
N LEU A 101 -2.42 4.12 13.92
CA LEU A 101 -1.40 4.96 14.59
C LEU A 101 -1.99 6.00 15.55
N GLN A 102 -3.13 6.59 15.16
CA GLN A 102 -3.96 7.45 16.00
C GLN A 102 -4.31 6.71 17.31
N LYS A 103 -4.24 7.41 18.45
CA LYS A 103 -4.62 6.90 19.78
C LYS A 103 -5.78 7.72 20.34
N ASN A 104 -6.45 7.16 21.35
CA ASN A 104 -7.51 7.78 22.15
C ASN A 104 -7.02 8.08 23.58
N MET A 4 -19.67 6.19 -6.11
CA MET A 4 -19.30 5.53 -4.82
C MET A 4 -18.86 6.60 -3.84
N GLN A 5 -19.18 6.44 -2.56
CA GLN A 5 -19.04 7.45 -1.49
C GLN A 5 -17.96 7.07 -0.47
N ASP A 6 -17.82 5.76 -0.22
CA ASP A 6 -16.69 5.06 0.40
C ASP A 6 -15.35 5.67 -0.04
N ARG A 7 -15.04 5.65 -1.33
CA ARG A 7 -13.90 6.36 -1.91
C ARG A 7 -13.73 7.84 -1.49
N GLU A 8 -14.77 8.67 -1.31
CA GLU A 8 -14.60 10.08 -0.87
C GLU A 8 -14.29 10.13 0.65
N LYS A 9 -15.12 9.50 1.51
CA LYS A 9 -14.90 9.42 2.97
C LYS A 9 -13.60 8.71 3.39
N ALA A 10 -13.13 7.77 2.58
CA ALA A 10 -11.75 7.27 2.56
C ALA A 10 -10.74 8.36 2.16
N PHE A 11 -10.83 8.91 0.94
CA PHE A 11 -9.91 9.96 0.45
C PHE A 11 -9.75 11.14 1.44
N GLU A 12 -10.81 11.67 2.03
CA GLU A 12 -10.70 12.73 3.05
C GLU A 12 -9.92 12.28 4.30
N ALA A 13 -9.87 10.99 4.67
CA ALA A 13 -9.06 10.52 5.80
C ALA A 13 -7.58 10.95 5.69
N LYS A 14 -6.93 10.78 4.53
CA LYS A 14 -5.54 11.27 4.30
C LYS A 14 -5.38 12.80 4.39
N PHE A 15 -6.48 13.55 4.38
CA PHE A 15 -6.51 15.00 4.50
C PHE A 15 -6.70 15.42 5.97
N ALA A 16 -7.50 14.66 6.74
CA ALA A 16 -7.80 14.87 8.15
C ALA A 16 -6.58 14.97 9.11
N LEU A 17 -5.36 14.65 8.65
CA LEU A 17 -4.11 14.78 9.42
C LEU A 17 -2.90 15.23 8.57
N ASP A 18 -3.19 15.87 7.43
CA ASP A 18 -2.23 16.27 6.38
C ASP A 18 -1.37 15.11 5.80
N GLU A 19 -0.58 15.40 4.77
CA GLU A 19 0.46 14.47 4.29
C GLU A 19 1.58 14.21 5.31
N GLU A 20 1.76 15.13 6.26
CA GLU A 20 2.78 15.10 7.31
C GLU A 20 2.62 13.90 8.25
N LEU A 21 1.51 13.80 8.99
CA LEU A 21 1.28 12.67 9.91
C LEU A 21 1.31 11.32 9.16
N ARG A 22 0.74 11.33 7.95
CA ARG A 22 0.79 10.21 7.01
C ARG A 22 2.22 9.70 6.75
N PHE A 23 3.22 10.58 6.61
CA PHE A 23 4.63 10.22 6.42
C PHE A 23 5.16 9.21 7.48
N LYS A 24 4.81 9.42 8.77
CA LYS A 24 5.04 8.45 9.86
C LYS A 24 4.32 7.11 9.66
N ALA A 25 3.08 7.17 9.15
CA ALA A 25 2.28 6.00 8.81
C ALA A 25 2.81 5.22 7.58
N THR A 26 3.39 5.86 6.56
CA THR A 26 3.80 5.21 5.31
C THR A 26 4.73 4.02 5.57
N ALA A 27 5.73 4.21 6.42
CA ALA A 27 6.66 3.17 6.88
C ALA A 27 5.94 1.90 7.39
N ARG A 28 4.95 2.08 8.27
CA ARG A 28 4.07 1.00 8.78
C ARG A 28 3.24 0.38 7.66
N ARG A 29 2.59 1.19 6.82
CA ARG A 29 1.84 0.77 5.61
C ARG A 29 2.60 -0.24 4.76
N ASN A 30 3.91 -0.06 4.53
CA ASN A 30 4.76 -1.02 3.80
C ASN A 30 4.62 -2.47 4.35
N LYS A 31 4.64 -2.67 5.67
CA LYS A 31 4.38 -4.01 6.28
C LYS A 31 2.97 -4.55 5.98
N LEU A 32 1.95 -3.72 6.14
CA LEU A 32 0.54 -4.05 5.88
C LEU A 32 0.31 -4.50 4.42
N LEU A 33 0.66 -3.64 3.46
CA LEU A 33 0.63 -3.94 2.02
C LEU A 33 1.37 -5.24 1.69
N GLY A 34 2.57 -5.39 2.27
CA GLY A 34 3.38 -6.61 2.16
C GLY A 34 2.65 -7.87 2.60
N LEU A 35 2.14 -7.90 3.84
CA LEU A 35 1.41 -9.02 4.43
C LEU A 35 0.11 -9.35 3.69
N TRP A 36 -0.64 -8.34 3.23
CA TRP A 36 -1.84 -8.48 2.41
C TRP A 36 -1.53 -9.23 1.10
N ALA A 37 -0.65 -8.67 0.26
CA ALA A 37 -0.13 -9.25 -0.97
C ALA A 37 0.49 -10.65 -0.75
N ALA A 38 1.39 -10.75 0.24
CA ALA A 38 1.97 -12.03 0.65
C ALA A 38 0.90 -13.10 0.95
N GLY A 39 -0.13 -12.76 1.73
CA GLY A 39 -1.29 -13.60 2.03
C GLY A 39 -2.05 -14.07 0.78
N LEU A 40 -2.26 -13.19 -0.21
CA LEU A 40 -2.90 -13.53 -1.50
C LEU A 40 -2.18 -14.66 -2.29
N LEU A 41 -0.88 -14.87 -2.06
CA LEU A 41 -0.04 -15.96 -2.61
C LEU A 41 0.31 -17.04 -1.57
N ALA A 42 -0.38 -17.08 -0.41
CA ALA A 42 -0.17 -18.01 0.70
C ALA A 42 1.31 -18.13 1.17
N LYS A 43 2.10 -17.06 1.04
CA LYS A 43 3.53 -17.02 1.34
C LYS A 43 3.77 -17.32 2.83
N SER A 44 4.36 -18.49 3.09
CA SER A 44 4.70 -19.01 4.42
C SER A 44 5.59 -18.05 5.23
N ASP A 45 6.50 -17.33 4.58
CA ASP A 45 7.25 -16.21 5.18
C ASP A 45 6.73 -14.83 4.66
N PRO A 46 5.66 -14.24 5.24
CA PRO A 46 5.10 -12.97 4.77
C PRO A 46 5.94 -11.74 5.15
N GLU A 47 6.45 -11.73 6.39
CA GLU A 47 7.32 -10.72 7.00
C GLU A 47 8.60 -10.50 6.15
N ALA A 48 9.24 -11.58 5.69
CA ALA A 48 10.33 -11.55 4.71
C ALA A 48 9.97 -10.86 3.37
N TYR A 49 8.76 -11.08 2.83
CA TYR A 49 8.27 -10.43 1.59
C TYR A 49 7.98 -8.93 1.81
N ALA A 50 7.42 -8.54 2.94
CA ALA A 50 7.23 -7.14 3.35
C ALA A 50 8.53 -6.31 3.36
N SER A 51 9.67 -6.92 3.69
CA SER A 51 11.01 -6.33 3.57
C SER A 51 11.34 -5.81 2.16
N GLU A 52 10.94 -6.50 1.09
CA GLU A 52 11.06 -5.95 -0.27
C GLU A 52 10.14 -4.73 -0.50
N ILE A 53 8.96 -4.64 0.13
CA ILE A 53 8.05 -3.48 -0.02
C ILE A 53 8.67 -2.16 0.47
N VAL A 54 9.46 -2.17 1.56
CA VAL A 54 10.23 -0.98 1.99
C VAL A 54 11.37 -0.66 1.01
N ALA A 55 12.18 -1.64 0.61
CA ALA A 55 13.18 -1.46 -0.45
C ALA A 55 12.59 -0.94 -1.78
N ALA A 56 11.39 -1.35 -2.13
CA ALA A 56 10.70 -0.96 -3.36
C ALA A 56 10.31 0.54 -3.40
N ASP A 57 10.24 1.23 -2.25
CA ASP A 57 10.06 2.70 -2.11
C ASP A 57 11.44 3.39 -1.88
N PHE A 58 12.58 2.77 -2.25
CA PHE A 58 13.93 3.35 -2.16
C PHE A 58 14.14 4.57 -3.06
N GLU A 59 14.59 5.69 -2.48
CA GLU A 59 14.74 6.98 -3.17
C GLU A 59 16.07 7.14 -3.91
N GLU A 60 16.77 6.03 -4.19
CA GLU A 60 18.08 6.01 -4.83
C GLU A 60 17.95 6.15 -6.35
N ALA A 61 17.47 5.10 -7.03
CA ALA A 61 17.34 5.05 -8.50
C ALA A 61 15.90 4.78 -8.97
N GLY A 62 15.29 3.71 -8.47
CA GLY A 62 13.92 3.27 -8.75
C GLY A 62 12.83 4.25 -8.27
N HIS A 63 11.61 4.14 -8.80
CA HIS A 63 10.47 5.03 -8.51
C HIS A 63 9.17 4.23 -8.33
N GLU A 64 8.88 3.38 -9.32
CA GLU A 64 7.71 2.50 -9.38
C GLU A 64 7.98 1.05 -8.98
N ASP A 65 9.13 0.74 -8.36
CA ASP A 65 9.40 -0.58 -7.78
C ASP A 65 8.27 -1.01 -6.81
N VAL A 66 7.71 -0.12 -5.99
CA VAL A 66 6.51 -0.41 -5.17
C VAL A 66 5.34 -0.92 -6.03
N VAL A 67 4.98 -0.20 -7.08
CA VAL A 67 3.80 -0.47 -7.93
C VAL A 67 3.95 -1.81 -8.65
N ARG A 68 5.08 -2.03 -9.34
CA ARG A 68 5.34 -3.30 -10.02
C ARG A 68 5.20 -4.48 -9.05
N LYS A 69 5.69 -4.37 -7.80
CA LYS A 69 5.56 -5.35 -6.70
C LYS A 69 4.13 -5.79 -6.40
N ILE A 70 3.17 -4.88 -6.51
CA ILE A 70 1.73 -5.19 -6.42
C ILE A 70 1.20 -5.78 -7.75
N LYS A 71 1.58 -5.25 -8.92
CA LYS A 71 1.19 -5.77 -10.26
C LYS A 71 1.54 -7.27 -10.43
N THR A 72 2.81 -7.62 -10.26
CA THR A 72 3.37 -8.98 -10.36
C THR A 72 2.65 -9.98 -9.46
N ASP A 73 2.29 -9.52 -8.25
CA ASP A 73 1.46 -10.22 -7.26
C ASP A 73 0.12 -10.64 -7.86
N PHE A 74 -0.64 -9.72 -8.46
CA PHE A 74 -1.89 -10.03 -9.15
C PHE A 74 -1.74 -11.00 -10.33
N ASP A 75 -0.68 -10.86 -11.13
CA ASP A 75 -0.33 -11.81 -12.20
C ASP A 75 -0.21 -13.26 -11.67
N ALA A 76 0.59 -13.46 -10.60
CA ALA A 76 0.74 -14.75 -9.91
C ALA A 76 -0.55 -15.24 -9.20
N ALA A 77 -1.23 -14.34 -8.47
CA ALA A 77 -2.44 -14.62 -7.69
C ALA A 77 -3.72 -14.82 -8.52
N GLY A 78 -3.74 -14.37 -9.78
CA GLY A 78 -4.87 -14.44 -10.71
C GLY A 78 -5.97 -13.43 -10.44
N VAL A 79 -5.65 -12.12 -10.39
CA VAL A 79 -6.58 -11.04 -10.02
C VAL A 79 -6.65 -9.99 -11.14
N ALA A 80 -7.85 -9.58 -11.58
CA ALA A 80 -7.99 -8.68 -12.72
C ALA A 80 -7.72 -7.20 -12.36
N ILE A 81 -6.45 -6.76 -12.46
CA ILE A 81 -6.02 -5.41 -12.06
C ILE A 81 -4.89 -4.91 -12.98
N SER A 82 -5.05 -3.69 -13.49
CA SER A 82 -4.21 -2.95 -14.45
C SER A 82 -3.17 -2.08 -13.72
N GLU A 83 -2.00 -1.77 -14.30
CA GLU A 83 -0.96 -0.93 -13.63
C GLU A 83 -1.54 0.37 -13.04
N ASP A 84 -2.29 1.11 -13.86
CA ASP A 84 -2.98 2.34 -13.50
C ASP A 84 -3.85 2.21 -12.23
N ASP A 85 -4.69 1.16 -12.14
CA ASP A 85 -5.58 0.90 -11.01
C ASP A 85 -4.82 0.82 -9.68
N ILE A 86 -3.63 0.20 -9.66
CA ILE A 86 -2.77 0.07 -8.47
C ILE A 86 -2.47 1.43 -7.85
N ARG A 87 -2.04 2.41 -8.68
CA ARG A 87 -1.75 3.77 -8.23
C ARG A 87 -2.95 4.38 -7.50
N VAL A 88 -4.13 4.27 -8.13
CA VAL A 88 -5.44 4.72 -7.62
C VAL A 88 -5.78 4.02 -6.30
N ARG A 89 -5.78 2.68 -6.22
CA ARG A 89 -5.98 1.92 -4.98
C ARG A 89 -5.03 2.38 -3.86
N MET A 90 -3.72 2.54 -4.13
CA MET A 90 -2.73 3.07 -3.18
C MET A 90 -3.15 4.40 -2.55
N ILE A 91 -3.72 5.34 -3.32
CA ILE A 91 -4.21 6.62 -2.78
C ILE A 91 -5.19 6.38 -1.62
N GLU A 92 -6.14 5.45 -1.79
CA GLU A 92 -7.11 5.01 -0.78
C GLU A 92 -6.42 4.22 0.35
N LEU A 93 -5.73 3.11 0.05
CA LEU A 93 -4.95 2.27 0.99
C LEU A 93 -4.02 3.03 1.95
N LEU A 94 -3.45 4.17 1.56
CA LEU A 94 -2.67 5.06 2.43
C LEU A 94 -3.57 5.85 3.39
N SER A 95 -4.74 6.29 2.93
CA SER A 95 -5.86 6.83 3.70
C SER A 95 -6.34 5.84 4.75
N GLU A 96 -6.69 4.61 4.38
CA GLU A 96 -7.12 3.59 5.36
C GLU A 96 -6.03 3.33 6.40
N ALA A 97 -4.77 3.19 5.96
CA ALA A 97 -3.61 3.04 6.83
C ALA A 97 -3.46 4.15 7.88
N VAL A 98 -3.66 5.43 7.53
CA VAL A 98 -3.69 6.57 8.49
C VAL A 98 -4.97 6.66 9.30
N ALA A 99 -6.13 6.38 8.71
CA ALA A 99 -7.44 6.56 9.33
C ALA A 99 -7.50 5.91 10.71
N GLN A 100 -7.14 4.63 10.78
CA GLN A 100 -7.04 3.84 12.03
C GLN A 100 -6.06 4.39 13.10
N LEU A 101 -5.10 5.24 12.75
CA LEU A 101 -4.22 5.91 13.72
C LEU A 101 -4.93 7.08 14.41
N GLN A 102 -5.77 7.84 13.69
CA GLN A 102 -6.55 8.93 14.28
C GLN A 102 -7.51 8.43 15.37
N LYS A 103 -7.79 9.35 16.30
CA LYS A 103 -8.77 9.13 17.38
C LYS A 103 -10.19 9.34 16.87
N ASN A 104 -11.18 8.86 17.64
CA ASN A 104 -12.61 9.04 17.34
C ASN A 104 -13.06 10.49 17.55
N MET A 4 -20.36 1.26 -4.04
CA MET A 4 -21.27 2.36 -4.42
C MET A 4 -20.88 3.61 -3.65
N GLN A 5 -21.40 3.84 -2.45
CA GLN A 5 -21.14 5.08 -1.70
C GLN A 5 -19.76 5.11 -1.03
N ASP A 6 -19.33 4.03 -0.36
CA ASP A 6 -18.08 3.97 0.44
C ASP A 6 -16.81 4.50 -0.23
N ARG A 7 -16.63 4.25 -1.53
CA ARG A 7 -15.56 4.83 -2.36
C ARG A 7 -15.51 6.37 -2.31
N GLU A 8 -16.67 7.02 -2.32
CA GLU A 8 -16.81 8.49 -2.33
C GLU A 8 -16.48 9.09 -0.96
N LYS A 9 -17.17 8.63 0.10
CA LYS A 9 -16.79 8.97 1.48
C LYS A 9 -15.33 8.62 1.78
N ALA A 10 -14.78 7.48 1.37
CA ALA A 10 -13.37 7.11 1.61
C ALA A 10 -12.37 8.22 1.22
N PHE A 11 -12.64 8.90 0.10
CA PHE A 11 -11.90 10.09 -0.37
C PHE A 11 -11.73 11.18 0.72
N GLU A 12 -12.70 11.35 1.63
CA GLU A 12 -12.63 12.27 2.77
C GLU A 12 -11.49 11.88 3.74
N ALA A 13 -11.42 10.60 4.15
CA ALA A 13 -10.35 10.07 4.97
C ALA A 13 -8.97 10.22 4.28
N LYS A 14 -8.94 10.04 2.95
CA LYS A 14 -7.79 10.21 2.05
C LYS A 14 -7.00 11.50 2.31
N PHE A 15 -7.69 12.63 2.50
CA PHE A 15 -7.07 13.93 2.80
C PHE A 15 -7.37 14.43 4.23
N ALA A 16 -7.79 13.54 5.14
CA ALA A 16 -7.93 13.84 6.57
C ALA A 16 -6.56 13.87 7.28
N LEU A 17 -5.69 12.90 6.98
CA LEU A 17 -4.36 12.80 7.59
C LEU A 17 -3.38 13.94 7.22
N ASP A 18 -3.41 14.38 5.96
CA ASP A 18 -2.52 15.35 5.30
C ASP A 18 -1.03 14.95 5.29
N GLU A 19 -0.18 15.66 4.55
CA GLU A 19 1.28 15.44 4.46
C GLU A 19 1.95 15.31 5.85
N GLU A 20 1.58 16.18 6.81
CA GLU A 20 1.87 16.07 8.26
C GLU A 20 1.90 14.62 8.77
N LEU A 21 0.82 13.82 8.60
CA LEU A 21 0.83 12.40 8.95
C LEU A 21 1.31 11.49 7.81
N ARG A 22 1.07 11.82 6.54
CA ARG A 22 1.49 11.02 5.37
C ARG A 22 3.00 10.71 5.38
N PHE A 23 3.80 11.65 5.89
CA PHE A 23 5.24 11.53 6.12
C PHE A 23 5.63 10.29 6.95
N LYS A 24 4.83 9.90 7.95
CA LYS A 24 5.00 8.65 8.72
C LYS A 24 4.18 7.47 8.17
N ALA A 25 3.06 7.75 7.49
CA ALA A 25 2.22 6.78 6.79
C ALA A 25 3.04 5.84 5.89
N THR A 26 3.99 6.38 5.12
CA THR A 26 4.92 5.63 4.24
C THR A 26 5.49 4.36 4.89
N ALA A 27 5.95 4.44 6.15
CA ALA A 27 6.46 3.29 6.90
C ALA A 27 5.38 2.21 7.16
N ARG A 28 4.16 2.60 7.58
CA ARG A 28 3.06 1.62 7.76
C ARG A 28 2.59 1.08 6.42
N ARG A 29 2.47 1.92 5.38
CA ARG A 29 2.14 1.56 3.98
C ARG A 29 2.90 0.33 3.53
N ASN A 30 4.25 0.32 3.69
CA ASN A 30 5.07 -0.84 3.34
C ASN A 30 4.51 -2.13 3.96
N LYS A 31 4.38 -2.15 5.30
CA LYS A 31 3.74 -3.25 6.04
C LYS A 31 2.32 -3.54 5.52
N LEU A 32 1.46 -2.53 5.35
CA LEU A 32 0.05 -2.66 4.94
C LEU A 32 -0.10 -3.32 3.56
N LEU A 33 0.43 -2.71 2.50
CA LEU A 33 0.46 -3.29 1.14
C LEU A 33 1.16 -4.66 1.14
N GLY A 34 2.35 -4.74 1.74
CA GLY A 34 3.16 -5.95 1.90
C GLY A 34 2.43 -7.17 2.47
N LEU A 35 1.76 -7.03 3.61
CA LEU A 35 0.98 -8.10 4.25
C LEU A 35 -0.29 -8.42 3.43
N TRP A 36 -1.01 -7.38 3.00
CA TRP A 36 -2.25 -7.54 2.21
C TRP A 36 -1.99 -8.38 0.95
N ALA A 37 -0.99 -7.97 0.18
CA ALA A 37 -0.38 -8.67 -0.94
C ALA A 37 0.05 -10.12 -0.59
N ALA A 38 0.80 -10.29 0.50
CA ALA A 38 1.25 -11.61 0.95
C ALA A 38 0.12 -12.64 1.09
N GLY A 39 -0.99 -12.22 1.72
CA GLY A 39 -2.18 -13.00 2.04
C GLY A 39 -2.97 -13.43 0.79
N LEU A 40 -3.09 -12.54 -0.20
CA LEU A 40 -3.66 -12.81 -1.53
C LEU A 40 -3.06 -14.07 -2.19
N LEU A 41 -1.74 -14.27 -2.05
CA LEU A 41 -0.99 -15.45 -2.53
C LEU A 41 -0.75 -16.52 -1.44
N ALA A 42 -1.49 -16.46 -0.31
CA ALA A 42 -1.37 -17.33 0.87
C ALA A 42 0.09 -17.69 1.24
N LYS A 43 0.97 -16.67 1.26
CA LYS A 43 2.40 -16.83 1.60
C LYS A 43 2.51 -17.21 3.08
N SER A 44 3.05 -18.39 3.39
CA SER A 44 3.34 -18.81 4.77
C SER A 44 4.19 -17.80 5.56
N ASP A 45 5.02 -17.03 4.85
CA ASP A 45 5.97 -16.08 5.41
C ASP A 45 5.56 -14.63 5.01
N PRO A 46 4.47 -14.06 5.58
CA PRO A 46 3.93 -12.78 5.13
C PRO A 46 4.82 -11.61 5.55
N GLU A 47 5.34 -11.64 6.77
CA GLU A 47 6.34 -10.72 7.31
C GLU A 47 7.53 -10.56 6.38
N ALA A 48 8.10 -11.67 5.90
CA ALA A 48 9.18 -11.68 4.92
C ALA A 48 8.80 -10.91 3.64
N TYR A 49 7.61 -11.16 3.08
CA TYR A 49 7.12 -10.43 1.91
C TYR A 49 6.91 -8.92 2.18
N ALA A 50 6.38 -8.55 3.35
CA ALA A 50 6.26 -7.16 3.81
C ALA A 50 7.61 -6.46 4.11
N SER A 51 8.62 -7.21 4.56
CA SER A 51 10.02 -6.80 4.78
C SER A 51 10.72 -6.47 3.46
N GLU A 52 10.64 -7.34 2.44
CA GLU A 52 11.26 -7.06 1.14
C GLU A 52 10.75 -5.77 0.45
N ILE A 53 9.58 -5.22 0.86
CA ILE A 53 9.02 -3.95 0.36
C ILE A 53 9.94 -2.75 0.63
N VAL A 54 10.24 -2.42 1.90
CA VAL A 54 11.19 -1.35 2.23
C VAL A 54 12.53 -1.57 1.54
N ALA A 55 13.00 -2.82 1.53
CA ALA A 55 14.23 -3.26 0.87
C ALA A 55 14.20 -3.15 -0.68
N ALA A 56 13.07 -2.80 -1.29
CA ALA A 56 12.89 -2.47 -2.70
C ALA A 56 12.39 -1.02 -2.96
N ASP A 57 12.19 -0.20 -1.90
CA ASP A 57 11.83 1.23 -1.95
C ASP A 57 13.07 2.15 -1.76
N PHE A 58 14.27 1.57 -1.75
CA PHE A 58 15.53 2.30 -1.50
C PHE A 58 16.12 2.97 -2.76
N GLU A 59 15.29 3.51 -3.66
CA GLU A 59 15.70 4.17 -4.93
C GLU A 59 16.19 3.16 -5.98
N GLU A 60 15.68 1.94 -5.90
CA GLU A 60 16.01 0.81 -6.76
C GLU A 60 15.37 1.00 -8.15
N ALA A 61 14.16 1.57 -8.22
CA ALA A 61 13.48 1.87 -9.50
C ALA A 61 13.22 3.37 -9.74
N GLY A 62 13.87 4.24 -8.96
CA GLY A 62 13.95 5.69 -9.17
C GLY A 62 12.74 6.51 -8.70
N HIS A 63 11.53 6.08 -9.03
CA HIS A 63 10.26 6.65 -8.58
C HIS A 63 9.14 5.60 -8.65
N GLU A 64 8.34 5.50 -7.58
CA GLU A 64 7.26 4.53 -7.35
C GLU A 64 7.73 3.07 -7.24
N ASP A 65 8.95 2.86 -6.75
CA ASP A 65 9.63 1.56 -6.68
C ASP A 65 8.76 0.44 -6.09
N VAL A 66 8.08 0.70 -4.97
CA VAL A 66 7.07 -0.19 -4.37
C VAL A 66 6.05 -0.77 -5.37
N VAL A 67 5.55 0.02 -6.32
CA VAL A 67 4.55 -0.37 -7.33
C VAL A 67 5.07 -1.55 -8.15
N ARG A 68 6.36 -1.54 -8.50
CA ARG A 68 7.04 -2.66 -9.17
C ARG A 68 6.83 -4.00 -8.45
N LYS A 69 6.77 -3.97 -7.12
CA LYS A 69 6.49 -5.14 -6.27
C LYS A 69 4.99 -5.48 -6.18
N ILE A 70 4.11 -4.48 -6.15
CA ILE A 70 2.66 -4.69 -6.10
C ILE A 70 2.08 -5.11 -7.47
N LYS A 71 2.46 -4.49 -8.59
CA LYS A 71 2.07 -4.87 -9.97
C LYS A 71 2.35 -6.34 -10.32
N THR A 72 3.46 -6.88 -9.82
CA THR A 72 3.87 -8.29 -10.00
C THR A 72 3.17 -9.26 -9.05
N ASP A 73 2.61 -8.75 -7.96
CA ASP A 73 1.72 -9.46 -7.04
C ASP A 73 0.39 -9.83 -7.71
N PHE A 74 -0.23 -8.91 -8.47
CA PHE A 74 -1.48 -9.17 -9.20
C PHE A 74 -1.37 -10.20 -10.31
N ASP A 75 -0.24 -10.29 -11.00
CA ASP A 75 0.02 -11.30 -12.05
C ASP A 75 -0.02 -12.75 -11.48
N ALA A 76 0.79 -12.96 -10.43
CA ALA A 76 0.88 -14.16 -9.62
C ALA A 76 -0.44 -14.51 -8.91
N ALA A 77 -1.05 -13.58 -8.16
CA ALA A 77 -2.38 -13.80 -7.59
C ALA A 77 -3.42 -14.14 -8.67
N GLY A 78 -3.49 -13.36 -9.74
CA GLY A 78 -4.44 -13.46 -10.86
C GLY A 78 -5.57 -12.42 -10.77
N VAL A 79 -5.19 -11.14 -10.62
CA VAL A 79 -6.09 -10.00 -10.43
C VAL A 79 -5.95 -9.03 -11.61
N ALA A 80 -7.07 -8.42 -12.01
CA ALA A 80 -7.20 -7.59 -13.21
C ALA A 80 -7.14 -6.09 -12.87
N ILE A 81 -5.93 -5.51 -12.74
CA ILE A 81 -5.69 -4.10 -12.33
C ILE A 81 -4.51 -3.50 -13.12
N SER A 82 -4.59 -2.22 -13.49
CA SER A 82 -3.55 -1.48 -14.22
C SER A 82 -2.49 -0.85 -13.30
N GLU A 83 -1.22 -0.84 -13.75
CA GLU A 83 -0.05 -0.27 -13.03
C GLU A 83 -0.24 1.17 -12.52
N ASP A 84 -0.83 2.06 -13.34
CA ASP A 84 -1.19 3.43 -12.98
C ASP A 84 -2.15 3.47 -11.78
N ASP A 85 -3.25 2.72 -11.87
CA ASP A 85 -4.31 2.64 -10.85
C ASP A 85 -3.76 2.24 -9.48
N ILE A 86 -2.64 1.50 -9.40
CA ILE A 86 -2.01 1.04 -8.15
C ILE A 86 -1.59 2.20 -7.24
N ARG A 87 -0.89 3.19 -7.80
CA ARG A 87 -0.59 4.47 -7.13
C ARG A 87 -1.86 5.07 -6.52
N VAL A 88 -2.92 5.14 -7.33
CA VAL A 88 -4.25 5.65 -6.92
C VAL A 88 -4.88 4.85 -5.79
N ARG A 89 -4.88 3.51 -5.88
CA ARG A 89 -5.41 2.61 -4.82
C ARG A 89 -4.63 2.79 -3.51
N MET A 90 -3.30 2.88 -3.57
CA MET A 90 -2.44 3.09 -2.41
C MET A 90 -2.85 4.33 -1.61
N ILE A 91 -3.19 5.45 -2.27
CA ILE A 91 -3.69 6.67 -1.59
C ILE A 91 -4.95 6.38 -0.75
N GLU A 92 -5.95 5.66 -1.32
CA GLU A 92 -7.13 5.20 -0.56
C GLU A 92 -6.76 4.31 0.63
N LEU A 93 -5.93 3.28 0.42
CA LEU A 93 -5.39 2.42 1.49
C LEU A 93 -4.62 3.19 2.56
N LEU A 94 -3.94 4.29 2.21
CA LEU A 94 -3.24 5.20 3.14
C LEU A 94 -4.15 5.77 4.24
N SER A 95 -5.41 6.09 3.93
CA SER A 95 -6.45 6.52 4.90
C SER A 95 -6.58 5.59 6.11
N GLU A 96 -6.71 4.27 5.88
CA GLU A 96 -6.64 3.22 6.90
C GLU A 96 -5.22 2.97 7.41
N ALA A 97 -4.19 3.05 6.57
CA ALA A 97 -2.80 2.83 7.00
C ALA A 97 -2.41 3.75 8.16
N VAL A 98 -2.92 4.99 8.19
CA VAL A 98 -2.76 5.99 9.26
C VAL A 98 -3.81 5.92 10.36
N ALA A 99 -5.04 5.47 10.08
CA ALA A 99 -6.13 5.37 11.07
C ALA A 99 -5.69 4.60 12.33
N GLN A 100 -5.04 3.46 12.16
CA GLN A 100 -4.40 2.69 13.25
C GLN A 100 -3.26 3.44 14.01
N LEU A 101 -2.56 4.40 13.37
CA LEU A 101 -1.44 5.19 13.94
C LEU A 101 -1.94 6.39 14.76
N GLN A 102 -2.99 7.05 14.29
CA GLN A 102 -3.69 8.16 14.96
C GLN A 102 -4.35 7.72 16.28
N LYS A 103 -3.61 7.97 17.38
CA LYS A 103 -3.96 7.61 18.77
C LYS A 103 -4.11 6.08 18.94
N ASN A 104 -3.01 5.33 18.86
CA ASN A 104 -2.97 3.85 19.03
C ASN A 104 -3.45 3.40 20.41
N MET A 4 -21.15 3.31 -5.21
CA MET A 4 -19.71 3.54 -4.99
C MET A 4 -19.45 4.87 -4.26
N GLN A 5 -19.63 4.92 -2.93
CA GLN A 5 -19.36 6.11 -2.09
C GLN A 5 -18.10 5.98 -1.21
N ASP A 6 -17.78 4.78 -0.74
CA ASP A 6 -16.69 4.50 0.21
C ASP A 6 -15.30 4.88 -0.35
N ARG A 7 -15.09 4.67 -1.65
CA ARG A 7 -13.96 5.16 -2.45
C ARG A 7 -13.76 6.70 -2.40
N GLU A 8 -14.84 7.49 -2.42
CA GLU A 8 -14.79 8.96 -2.34
C GLU A 8 -14.38 9.40 -0.92
N LYS A 9 -15.19 9.06 0.11
CA LYS A 9 -14.91 9.35 1.53
C LYS A 9 -13.54 8.86 2.04
N ALA A 10 -13.00 7.76 1.52
CA ALA A 10 -11.64 7.31 1.82
C ALA A 10 -10.56 8.32 1.39
N PHE A 11 -10.68 8.91 0.18
CA PHE A 11 -9.77 9.95 -0.29
C PHE A 11 -9.82 11.18 0.61
N GLU A 12 -11.02 11.72 0.87
CA GLU A 12 -11.23 12.82 1.81
C GLU A 12 -10.59 12.53 3.18
N ALA A 13 -10.78 11.32 3.73
CA ALA A 13 -10.08 10.83 4.92
C ALA A 13 -8.53 10.87 4.79
N LYS A 14 -7.94 10.40 3.68
CA LYS A 14 -6.48 10.46 3.43
C LYS A 14 -5.96 11.89 3.48
N PHE A 15 -6.75 12.85 2.96
CA PHE A 15 -6.37 14.26 2.82
C PHE A 15 -6.70 15.11 4.06
N ALA A 16 -7.65 14.68 4.91
CA ALA A 16 -8.04 15.35 6.16
C ALA A 16 -6.89 15.53 7.16
N LEU A 17 -5.97 14.56 7.21
CA LEU A 17 -4.74 14.52 8.02
C LEU A 17 -3.49 15.12 7.34
N ASP A 18 -3.68 16.08 6.42
CA ASP A 18 -2.64 16.77 5.62
C ASP A 18 -1.82 15.79 4.72
N GLU A 19 -0.84 16.25 3.94
CA GLU A 19 -0.07 15.34 3.05
C GLU A 19 1.26 14.85 3.67
N GLU A 20 1.79 15.57 4.66
CA GLU A 20 3.01 15.20 5.39
C GLU A 20 2.94 13.79 6.02
N LEU A 21 1.85 13.48 6.75
CA LEU A 21 1.61 12.18 7.36
C LEU A 21 1.74 11.02 6.35
N ARG A 22 1.25 11.20 5.11
CA ARG A 22 1.36 10.28 3.96
C ARG A 22 2.82 9.90 3.63
N PHE A 23 3.72 10.90 3.66
CA PHE A 23 5.15 10.72 3.45
C PHE A 23 5.71 9.67 4.41
N LYS A 24 5.40 9.77 5.71
CA LYS A 24 5.78 8.74 6.68
C LYS A 24 4.95 7.44 6.53
N ALA A 25 3.69 7.54 6.13
CA ALA A 25 2.75 6.41 5.95
C ALA A 25 3.26 5.26 5.05
N THR A 26 4.04 5.52 3.99
CA THR A 26 4.67 4.50 3.13
C THR A 26 5.29 3.34 3.94
N ALA A 27 5.98 3.67 5.04
CA ALA A 27 6.59 2.72 5.95
C ALA A 27 5.52 1.83 6.64
N ARG A 28 4.42 2.39 7.14
CA ARG A 28 3.35 1.60 7.76
C ARG A 28 2.62 0.74 6.74
N ARG A 29 2.23 1.35 5.62
CA ARG A 29 1.58 0.72 4.46
C ARG A 29 2.39 -0.47 3.94
N ASN A 30 3.71 -0.39 3.97
CA ASN A 30 4.61 -1.50 3.69
C ASN A 30 4.10 -2.81 4.30
N LYS A 31 3.99 -2.85 5.64
CA LYS A 31 3.41 -3.98 6.40
C LYS A 31 2.01 -4.34 5.88
N LEU A 32 1.06 -3.41 5.88
CA LEU A 32 -0.32 -3.66 5.42
C LEU A 32 -0.43 -4.33 4.04
N LEU A 33 0.25 -3.84 3.01
CA LEU A 33 0.33 -4.49 1.69
C LEU A 33 1.03 -5.85 1.77
N GLY A 34 2.20 -5.87 2.42
CA GLY A 34 2.99 -7.06 2.74
C GLY A 34 2.14 -8.22 3.26
N LEU A 35 1.22 -7.95 4.19
CA LEU A 35 0.26 -8.90 4.75
C LEU A 35 -0.89 -9.21 3.77
N TRP A 36 -1.62 -8.19 3.29
CA TRP A 36 -2.79 -8.34 2.40
C TRP A 36 -2.47 -9.10 1.09
N ALA A 37 -1.47 -8.66 0.34
CA ALA A 37 -1.02 -9.33 -0.88
C ALA A 37 -0.53 -10.78 -0.61
N ALA A 38 0.23 -11.01 0.47
CA ALA A 38 0.66 -12.36 0.85
C ALA A 38 -0.53 -13.30 1.10
N GLY A 39 -1.60 -12.81 1.73
CA GLY A 39 -2.91 -13.46 1.87
C GLY A 39 -3.60 -13.83 0.54
N LEU A 40 -3.48 -12.97 -0.49
CA LEU A 40 -4.01 -13.24 -1.84
C LEU A 40 -3.18 -14.29 -2.60
N LEU A 41 -1.85 -14.13 -2.61
CA LEU A 41 -0.93 -15.06 -3.28
C LEU A 41 -0.75 -16.41 -2.56
N ALA A 42 -1.20 -16.50 -1.31
CA ALA A 42 -0.94 -17.59 -0.37
C ALA A 42 0.55 -18.01 -0.37
N LYS A 43 1.45 -17.08 -0.01
CA LYS A 43 2.89 -17.32 0.14
C LYS A 43 3.22 -18.14 1.39
N SER A 44 4.49 -18.50 1.54
CA SER A 44 5.05 -19.22 2.69
C SER A 44 4.83 -18.54 4.07
N ASP A 45 4.80 -17.21 4.15
CA ASP A 45 4.39 -16.43 5.33
C ASP A 45 3.97 -15.01 4.89
N PRO A 46 3.25 -14.23 5.73
CA PRO A 46 2.95 -12.82 5.51
C PRO A 46 4.17 -11.91 5.63
N GLU A 47 4.85 -11.89 6.78
CA GLU A 47 6.12 -11.16 6.99
C GLU A 47 7.18 -11.44 5.89
N ALA A 48 7.19 -12.68 5.36
CA ALA A 48 8.07 -13.09 4.26
C ALA A 48 7.93 -12.20 3.02
N TYR A 49 6.70 -11.87 2.61
CA TYR A 49 6.51 -10.93 1.50
C TYR A 49 6.89 -9.51 1.92
N ALA A 50 6.47 -9.06 3.11
CA ALA A 50 6.75 -7.72 3.67
C ALA A 50 8.24 -7.30 3.57
N SER A 51 9.16 -8.24 3.80
CA SER A 51 10.62 -8.12 3.60
C SER A 51 11.06 -7.67 2.19
N GLU A 52 10.40 -8.05 1.08
CA GLU A 52 10.76 -7.53 -0.25
C GLU A 52 10.13 -6.15 -0.53
N ILE A 53 9.08 -5.80 0.20
CA ILE A 53 8.41 -4.49 0.09
C ILE A 53 9.30 -3.40 0.71
N VAL A 54 9.83 -3.63 1.92
CA VAL A 54 10.78 -2.70 2.55
C VAL A 54 11.99 -2.48 1.64
N ALA A 55 12.44 -3.51 0.92
CA ALA A 55 13.49 -3.36 -0.09
C ALA A 55 13.08 -2.44 -1.26
N ALA A 56 11.86 -2.58 -1.80
CA ALA A 56 11.36 -1.65 -2.83
C ALA A 56 11.33 -0.18 -2.35
N ASP A 57 11.08 0.08 -1.07
CA ASP A 57 11.04 1.43 -0.46
C ASP A 57 12.41 2.16 -0.48
N PHE A 58 13.52 1.49 -0.84
CA PHE A 58 14.84 2.13 -1.01
C PHE A 58 14.91 3.16 -2.16
N GLU A 59 14.22 2.93 -3.29
CA GLU A 59 14.02 3.90 -4.37
C GLU A 59 13.02 5.01 -3.95
N GLU A 60 13.28 5.75 -2.87
CA GLU A 60 12.48 6.96 -2.52
C GLU A 60 12.55 8.01 -3.62
N ALA A 61 13.78 8.21 -4.13
CA ALA A 61 14.13 9.29 -5.04
C ALA A 61 13.33 9.27 -6.37
N GLY A 62 13.06 8.08 -6.91
CA GLY A 62 12.33 7.88 -8.16
C GLY A 62 10.94 8.51 -8.18
N HIS A 63 9.95 7.82 -7.57
CA HIS A 63 8.54 8.16 -7.31
C HIS A 63 7.81 6.91 -6.80
N GLU A 64 7.38 6.03 -7.70
CA GLU A 64 6.50 4.89 -7.42
C GLU A 64 7.22 3.55 -7.75
N ASP A 65 8.30 3.22 -7.01
CA ASP A 65 8.96 1.90 -7.09
C ASP A 65 8.08 0.82 -6.45
N VAL A 66 7.72 0.95 -5.17
CA VAL A 66 6.86 0.04 -4.37
C VAL A 66 5.71 -0.63 -5.15
N VAL A 67 5.00 0.14 -5.96
CA VAL A 67 3.96 -0.27 -6.93
C VAL A 67 4.40 -1.44 -7.80
N ARG A 68 5.59 -1.35 -8.39
CA ARG A 68 6.27 -2.38 -9.19
C ARG A 68 6.28 -3.71 -8.44
N LYS A 69 6.68 -3.71 -7.17
CA LYS A 69 6.67 -4.89 -6.29
C LYS A 69 5.26 -5.49 -6.11
N ILE A 70 4.23 -4.65 -5.92
CA ILE A 70 2.82 -5.07 -5.84
C ILE A 70 2.36 -5.71 -7.16
N LYS A 71 2.57 -5.02 -8.30
CA LYS A 71 2.19 -5.47 -9.67
C LYS A 71 2.76 -6.85 -10.03
N THR A 72 4.03 -7.08 -9.71
CA THR A 72 4.72 -8.36 -9.88
C THR A 72 4.08 -9.48 -9.07
N ASP A 73 3.49 -9.17 -7.90
CA ASP A 73 2.64 -10.11 -7.17
C ASP A 73 1.29 -10.30 -7.86
N PHE A 74 0.66 -9.24 -8.34
CA PHE A 74 -0.63 -9.31 -9.01
C PHE A 74 -0.65 -10.26 -10.23
N ASP A 75 0.40 -10.27 -11.07
CA ASP A 75 0.55 -11.26 -12.14
C ASP A 75 0.61 -12.71 -11.62
N ALA A 76 1.37 -12.96 -10.54
CA ALA A 76 1.52 -14.26 -9.89
C ALA A 76 0.22 -14.77 -9.22
N ALA A 77 -0.50 -13.89 -8.52
CA ALA A 77 -1.88 -14.14 -8.09
C ALA A 77 -2.83 -14.37 -9.27
N GLY A 78 -2.63 -13.66 -10.39
CA GLY A 78 -3.48 -13.73 -11.58
C GLY A 78 -4.74 -12.86 -11.47
N VAL A 79 -4.66 -11.76 -10.69
CA VAL A 79 -5.77 -10.82 -10.46
C VAL A 79 -5.88 -9.78 -11.58
N ALA A 80 -7.10 -9.31 -11.84
CA ALA A 80 -7.35 -8.34 -12.90
C ALA A 80 -7.26 -6.91 -12.35
N ILE A 81 -6.03 -6.43 -12.23
CA ILE A 81 -5.67 -5.11 -11.70
C ILE A 81 -4.45 -4.55 -12.45
N SER A 82 -4.53 -3.30 -12.92
CA SER A 82 -3.52 -2.59 -13.73
C SER A 82 -2.57 -1.74 -12.87
N GLU A 83 -1.43 -1.32 -13.46
CA GLU A 83 -0.41 -0.53 -12.73
C GLU A 83 -0.97 0.78 -12.12
N ASP A 84 -1.79 1.52 -12.89
CA ASP A 84 -2.53 2.72 -12.44
C ASP A 84 -3.43 2.43 -11.22
N ASP A 85 -4.19 1.33 -11.23
CA ASP A 85 -5.14 0.93 -10.19
C ASP A 85 -4.44 0.84 -8.82
N ILE A 86 -3.26 0.20 -8.77
CA ILE A 86 -2.45 -0.01 -7.57
C ILE A 86 -2.29 1.28 -6.77
N ARG A 87 -1.82 2.37 -7.41
CA ARG A 87 -1.64 3.70 -6.79
C ARG A 87 -2.92 4.17 -6.10
N VAL A 88 -4.03 4.15 -6.85
CA VAL A 88 -5.37 4.49 -6.37
C VAL A 88 -5.72 3.69 -5.12
N ARG A 89 -5.59 2.35 -5.17
CA ARG A 89 -5.81 1.48 -4.00
C ARG A 89 -4.88 1.87 -2.83
N MET A 90 -3.61 2.16 -3.09
CA MET A 90 -2.65 2.62 -2.10
C MET A 90 -3.14 3.89 -1.39
N ILE A 91 -3.75 4.86 -2.07
CA ILE A 91 -4.34 6.07 -1.45
C ILE A 91 -5.21 5.72 -0.22
N GLU A 92 -6.26 4.92 -0.44
CA GLU A 92 -7.19 4.44 0.59
C GLU A 92 -6.48 3.57 1.65
N LEU A 93 -5.68 2.60 1.19
CA LEU A 93 -4.87 1.71 2.03
C LEU A 93 -3.95 2.50 2.98
N LEU A 94 -3.42 3.66 2.57
CA LEU A 94 -2.68 4.57 3.43
C LEU A 94 -3.56 5.21 4.52
N SER A 95 -4.79 5.63 4.19
CA SER A 95 -5.77 6.28 5.09
C SER A 95 -6.10 5.46 6.34
N GLU A 96 -6.36 4.16 6.17
CA GLU A 96 -6.36 3.17 7.26
C GLU A 96 -4.96 3.13 7.94
N ALA A 97 -3.88 2.84 7.20
CA ALA A 97 -2.52 2.70 7.77
C ALA A 97 -2.04 3.87 8.68
N VAL A 98 -2.57 5.10 8.53
CA VAL A 98 -2.38 6.29 9.38
C VAL A 98 -3.48 6.55 10.44
N ALA A 99 -4.68 5.99 10.30
CA ALA A 99 -5.73 6.01 11.33
C ALA A 99 -5.24 5.52 12.69
N GLN A 100 -4.34 4.54 12.72
CA GLN A 100 -3.65 4.00 13.92
C GLN A 100 -2.48 4.87 14.47
N LEU A 101 -1.89 5.73 13.63
CA LEU A 101 -0.85 6.72 13.97
C LEU A 101 -1.44 7.97 14.63
N GLN A 102 -2.64 8.36 14.22
CA GLN A 102 -3.44 9.44 14.82
C GLN A 102 -3.73 9.19 16.32
N LYS A 103 -3.66 10.28 17.11
CA LYS A 103 -3.93 10.26 18.55
C LYS A 103 -4.86 11.38 19.03
N ASN A 104 -5.66 11.01 20.04
CA ASN A 104 -6.62 11.82 20.78
C ASN A 104 -6.10 12.07 22.21
N MET A 4 -19.35 2.46 -7.66
CA MET A 4 -18.96 2.04 -6.28
C MET A 4 -18.84 3.25 -5.38
N GLN A 5 -19.21 3.14 -4.09
CA GLN A 5 -19.18 4.21 -3.09
C GLN A 5 -17.88 4.24 -2.25
N ASP A 6 -17.25 3.10 -1.97
CA ASP A 6 -15.99 2.90 -1.22
C ASP A 6 -14.85 3.83 -1.63
N ARG A 7 -14.66 4.03 -2.94
CA ARG A 7 -13.75 4.97 -3.61
C ARG A 7 -14.03 6.46 -3.32
N GLU A 8 -15.29 6.79 -3.08
CA GLU A 8 -15.74 8.14 -2.73
C GLU A 8 -15.54 8.41 -1.24
N LYS A 9 -16.17 7.61 -0.36
CA LYS A 9 -15.91 7.66 1.10
C LYS A 9 -14.41 7.56 1.45
N ALA A 10 -13.61 6.77 0.75
CA ALA A 10 -12.15 6.70 1.00
C ALA A 10 -11.43 8.04 0.76
N PHE A 11 -11.94 8.88 -0.15
CA PHE A 11 -11.37 10.19 -0.47
C PHE A 11 -11.38 11.14 0.74
N GLU A 12 -12.31 10.99 1.68
CA GLU A 12 -12.34 11.78 2.92
C GLU A 12 -11.00 11.67 3.66
N ALA A 13 -10.57 10.44 3.95
CA ALA A 13 -9.31 10.08 4.59
C ALA A 13 -8.09 10.75 3.93
N LYS A 14 -8.07 10.75 2.59
CA LYS A 14 -7.08 11.40 1.71
C LYS A 14 -6.78 12.87 2.08
N PHE A 15 -7.75 13.56 2.68
CA PHE A 15 -7.71 14.92 3.24
C PHE A 15 -8.18 15.03 4.71
N ALA A 16 -8.24 13.93 5.47
CA ALA A 16 -8.59 13.88 6.89
C ALA A 16 -7.38 14.08 7.82
N LEU A 17 -6.14 14.01 7.30
CA LEU A 17 -4.91 14.26 8.07
C LEU A 17 -3.77 14.89 7.26
N ASP A 18 -4.15 15.64 6.23
CA ASP A 18 -3.20 16.32 5.32
C ASP A 18 -2.24 15.35 4.56
N GLU A 19 -1.34 15.88 3.74
CA GLU A 19 -0.19 15.16 3.19
C GLU A 19 0.85 14.82 4.28
N GLU A 20 1.12 15.70 5.26
CA GLU A 20 2.23 15.60 6.22
C GLU A 20 2.25 14.27 7.01
N LEU A 21 1.15 13.91 7.69
CA LEU A 21 1.01 12.63 8.39
C LEU A 21 1.14 11.47 7.40
N ARG A 22 0.36 11.53 6.32
CA ARG A 22 0.31 10.54 5.23
C ARG A 22 1.69 10.27 4.60
N PHE A 23 2.60 11.23 4.57
CA PHE A 23 4.01 11.04 4.21
C PHE A 23 4.70 9.97 5.08
N LYS A 24 4.41 9.93 6.38
CA LYS A 24 4.83 8.85 7.30
C LYS A 24 4.03 7.55 7.11
N ALA A 25 2.74 7.62 6.74
CA ALA A 25 1.89 6.44 6.54
C ALA A 25 2.56 5.35 5.72
N THR A 26 3.24 5.75 4.64
CA THR A 26 4.07 4.96 3.73
C THR A 26 4.75 3.77 4.44
N ALA A 27 5.50 4.03 5.52
CA ALA A 27 6.26 3.03 6.28
C ALA A 27 5.40 1.84 6.78
N ARG A 28 4.29 2.13 7.47
CA ARG A 28 3.35 1.13 8.01
C ARG A 28 2.55 0.44 6.90
N ARG A 29 2.15 1.22 5.88
CA ARG A 29 1.59 0.77 4.60
C ARG A 29 2.45 -0.28 3.92
N ASN A 30 3.77 -0.10 3.81
CA ASN A 30 4.68 -1.07 3.19
C ASN A 30 4.49 -2.47 3.80
N LYS A 31 4.56 -2.59 5.14
CA LYS A 31 4.23 -3.80 5.92
C LYS A 31 2.79 -4.29 5.66
N LEU A 32 1.79 -3.42 5.74
CA LEU A 32 0.36 -3.71 5.53
C LEU A 32 0.09 -4.33 4.15
N LEU A 33 0.31 -3.57 3.07
CA LEU A 33 0.20 -4.06 1.69
C LEU A 33 0.97 -5.36 1.53
N GLY A 34 2.25 -5.36 1.90
CA GLY A 34 3.13 -6.51 1.93
C GLY A 34 2.50 -7.81 2.47
N LEU A 35 1.81 -7.77 3.61
CA LEU A 35 1.12 -8.95 4.16
C LEU A 35 -0.23 -9.20 3.47
N TRP A 36 -1.04 -8.15 3.31
CA TRP A 36 -2.35 -8.18 2.64
C TRP A 36 -2.29 -8.86 1.27
N ALA A 37 -1.42 -8.34 0.41
CA ALA A 37 -1.01 -8.87 -0.88
C ALA A 37 -0.51 -10.33 -0.74
N ALA A 38 0.58 -10.58 0.01
CA ALA A 38 1.13 -11.92 0.24
C ALA A 38 0.08 -12.97 0.66
N GLY A 39 -0.86 -12.61 1.52
CA GLY A 39 -1.99 -13.43 1.96
C GLY A 39 -2.74 -14.04 0.78
N LEU A 40 -3.19 -13.22 -0.17
CA LEU A 40 -3.91 -13.64 -1.38
C LEU A 40 -3.09 -14.66 -2.19
N LEU A 41 -1.77 -14.46 -2.31
CA LEU A 41 -0.87 -15.36 -3.03
C LEU A 41 -0.68 -16.73 -2.36
N ALA A 42 -1.07 -16.86 -1.08
CA ALA A 42 -0.86 -18.02 -0.21
C ALA A 42 0.61 -18.50 -0.20
N LYS A 43 1.55 -17.55 -0.05
CA LYS A 43 2.99 -17.84 0.11
C LYS A 43 3.24 -18.57 1.43
N SER A 44 4.15 -19.55 1.41
CA SER A 44 4.73 -20.14 2.64
C SER A 44 5.44 -19.11 3.54
N ASP A 45 6.21 -18.16 2.99
CA ASP A 45 6.87 -17.05 3.72
C ASP A 45 6.19 -15.68 3.47
N PRO A 46 5.02 -15.39 4.09
CA PRO A 46 4.33 -14.10 3.95
C PRO A 46 5.06 -12.97 4.69
N GLU A 47 5.58 -13.21 5.90
CA GLU A 47 6.32 -12.20 6.68
C GLU A 47 7.47 -11.58 5.87
N ALA A 48 8.29 -12.43 5.26
CA ALA A 48 9.42 -12.12 4.39
C ALA A 48 9.01 -11.29 3.17
N TYR A 49 7.96 -11.69 2.43
CA TYR A 49 7.46 -10.90 1.29
C TYR A 49 7.12 -9.46 1.71
N ALA A 50 6.41 -9.28 2.84
CA ALA A 50 6.16 -7.96 3.42
C ALA A 50 7.41 -7.19 3.88
N SER A 51 8.46 -7.88 4.31
CA SER A 51 9.78 -7.30 4.60
C SER A 51 10.50 -6.81 3.34
N GLU A 52 10.46 -7.55 2.24
CA GLU A 52 10.99 -7.13 0.93
C GLU A 52 10.32 -5.85 0.39
N ILE A 53 9.05 -5.57 0.73
CA ILE A 53 8.43 -4.27 0.44
C ILE A 53 9.20 -3.10 1.07
N VAL A 54 9.45 -3.11 2.39
CA VAL A 54 10.21 -2.02 3.05
C VAL A 54 11.64 -1.91 2.50
N ALA A 55 12.34 -3.05 2.33
CA ALA A 55 13.68 -3.08 1.72
C ALA A 55 13.74 -2.44 0.32
N ALA A 56 12.71 -2.65 -0.52
CA ALA A 56 12.55 -2.05 -1.85
C ALA A 56 12.06 -0.58 -1.89
N ASP A 57 11.39 -0.06 -0.85
CA ASP A 57 10.94 1.35 -0.75
C ASP A 57 12.09 2.37 -0.92
N PHE A 58 13.28 2.00 -0.42
CA PHE A 58 14.55 2.72 -0.52
C PHE A 58 15.12 2.78 -1.97
N GLU A 59 14.35 3.34 -2.90
CA GLU A 59 14.74 3.60 -4.30
C GLU A 59 14.39 5.04 -4.66
N GLU A 60 15.01 6.01 -3.96
CA GLU A 60 14.85 7.46 -4.23
C GLU A 60 15.12 7.81 -5.70
N ALA A 61 16.21 7.25 -6.25
CA ALA A 61 16.65 7.41 -7.64
C ALA A 61 15.93 6.49 -8.64
N GLY A 62 15.27 5.42 -8.16
CA GLY A 62 14.48 4.46 -8.93
C GLY A 62 13.10 5.02 -9.26
N HIS A 63 12.36 5.38 -8.20
CA HIS A 63 11.01 5.95 -8.20
C HIS A 63 9.96 4.89 -8.58
N GLU A 64 8.80 4.85 -7.90
CA GLU A 64 7.69 3.92 -8.22
C GLU A 64 7.92 2.44 -7.82
N ASP A 65 9.08 2.10 -7.26
CA ASP A 65 9.55 0.76 -6.86
C ASP A 65 8.56 -0.08 -6.04
N VAL A 66 7.89 0.54 -5.07
CA VAL A 66 6.81 -0.10 -4.30
C VAL A 66 5.62 -0.53 -5.17
N VAL A 67 5.18 0.33 -6.10
CA VAL A 67 4.01 0.14 -6.98
C VAL A 67 4.23 -1.01 -7.98
N ARG A 68 5.39 -1.02 -8.68
CA ARG A 68 5.79 -2.14 -9.57
C ARG A 68 5.71 -3.50 -8.88
N LYS A 69 6.06 -3.59 -7.58
CA LYS A 69 5.98 -4.82 -6.78
C LYS A 69 4.54 -5.30 -6.58
N ILE A 70 3.65 -4.41 -6.10
CA ILE A 70 2.21 -4.68 -5.95
C ILE A 70 1.61 -5.13 -7.29
N LYS A 71 1.95 -4.51 -8.42
CA LYS A 71 1.48 -4.92 -9.77
C LYS A 71 1.69 -6.41 -10.02
N THR A 72 2.91 -6.88 -9.75
CA THR A 72 3.33 -8.28 -9.83
C THR A 72 2.52 -9.19 -8.90
N ASP A 73 2.15 -8.74 -7.70
CA ASP A 73 1.27 -9.48 -6.79
C ASP A 73 -0.08 -9.86 -7.44
N PHE A 74 -0.82 -8.87 -7.94
CA PHE A 74 -2.08 -9.07 -8.66
C PHE A 74 -1.98 -10.08 -9.82
N ASP A 75 -0.89 -10.09 -10.59
CA ASP A 75 -0.57 -11.13 -11.58
C ASP A 75 -0.36 -12.53 -10.97
N ALA A 76 0.16 -12.69 -9.73
CA ALA A 76 0.31 -13.98 -9.05
C ALA A 76 -1.02 -14.50 -8.46
N ALA A 77 -1.75 -13.66 -7.73
CA ALA A 77 -3.11 -13.94 -7.25
C ALA A 77 -4.10 -14.18 -8.39
N GLY A 78 -4.05 -13.36 -9.44
CA GLY A 78 -5.05 -13.24 -10.49
C GLY A 78 -6.11 -12.17 -10.18
N VAL A 79 -5.68 -10.97 -9.78
CA VAL A 79 -6.59 -9.84 -9.50
C VAL A 79 -6.63 -8.89 -10.71
N ALA A 80 -7.84 -8.53 -11.15
CA ALA A 80 -8.09 -7.49 -12.14
C ALA A 80 -7.90 -6.09 -11.53
N ILE A 81 -6.71 -5.49 -11.70
CA ILE A 81 -6.33 -4.11 -11.31
C ILE A 81 -5.29 -3.55 -12.32
N SER A 82 -5.43 -2.29 -12.76
CA SER A 82 -4.46 -1.61 -13.63
C SER A 82 -3.24 -1.10 -12.84
N GLU A 83 -2.07 -1.00 -13.48
CA GLU A 83 -0.87 -0.37 -12.89
C GLU A 83 -1.16 1.08 -12.45
N ASP A 84 -1.91 1.85 -13.24
CA ASP A 84 -2.40 3.16 -12.80
C ASP A 84 -3.28 3.13 -11.53
N ASP A 85 -4.26 2.22 -11.44
CA ASP A 85 -5.20 2.10 -10.31
C ASP A 85 -4.50 1.76 -8.98
N ILE A 86 -3.30 1.15 -9.02
CA ILE A 86 -2.52 0.74 -7.84
C ILE A 86 -2.27 1.93 -6.92
N ARG A 87 -1.54 2.95 -7.39
CA ARG A 87 -1.28 4.18 -6.62
C ARG A 87 -2.55 4.84 -6.12
N VAL A 88 -3.58 4.96 -6.98
CA VAL A 88 -4.91 5.48 -6.62
C VAL A 88 -5.44 4.80 -5.37
N ARG A 89 -5.50 3.46 -5.34
CA ARG A 89 -5.91 2.66 -4.16
C ARG A 89 -4.93 2.76 -3.00
N MET A 90 -3.61 2.70 -3.24
CA MET A 90 -2.58 2.82 -2.20
C MET A 90 -2.79 4.07 -1.36
N ILE A 91 -2.95 5.24 -1.99
CA ILE A 91 -3.17 6.53 -1.33
C ILE A 91 -4.37 6.48 -0.37
N GLU A 92 -5.51 5.94 -0.80
CA GLU A 92 -6.67 5.69 0.07
C GLU A 92 -6.27 4.91 1.34
N LEU A 93 -5.55 3.79 1.18
CA LEU A 93 -5.00 2.97 2.28
C LEU A 93 -3.90 3.63 3.15
N LEU A 94 -3.04 4.50 2.59
CA LEU A 94 -2.03 5.27 3.35
C LEU A 94 -2.71 6.05 4.48
N SER A 95 -3.74 6.84 4.16
CA SER A 95 -4.51 7.61 5.14
C SER A 95 -4.96 6.79 6.36
N GLU A 96 -5.44 5.57 6.14
CA GLU A 96 -5.75 4.60 7.19
C GLU A 96 -4.52 4.07 7.92
N ALA A 97 -3.41 3.77 7.23
CA ALA A 97 -2.15 3.36 7.86
C ALA A 97 -1.64 4.35 8.94
N VAL A 98 -1.96 5.65 8.88
CA VAL A 98 -1.79 6.62 9.99
C VAL A 98 -2.98 6.71 10.96
N ALA A 99 -4.20 6.36 10.58
CA ALA A 99 -5.37 6.39 11.47
C ALA A 99 -5.13 5.63 12.79
N GLN A 100 -4.53 4.42 12.71
CA GLN A 100 -4.07 3.64 13.89
C GLN A 100 -2.94 4.31 14.72
N LEU A 101 -2.10 5.14 14.11
CA LEU A 101 -0.98 5.83 14.75
C LEU A 101 -1.40 7.10 15.50
N GLN A 102 -2.38 7.84 14.99
CA GLN A 102 -2.91 9.00 15.70
C GLN A 102 -3.53 8.62 17.06
N LYS A 103 -3.41 9.53 18.04
CA LYS A 103 -3.97 9.38 19.38
C LYS A 103 -5.30 10.14 19.55
N ASN A 104 -6.41 9.51 19.18
CA ASN A 104 -7.82 10.02 19.32
C ASN A 104 -8.04 11.38 18.57
N MET A 4 -21.70 6.20 -6.59
CA MET A 4 -20.24 6.13 -6.34
C MET A 4 -19.76 7.33 -5.51
N GLN A 5 -19.94 7.35 -4.19
CA GLN A 5 -19.41 8.46 -3.33
C GLN A 5 -18.18 8.08 -2.50
N ASP A 6 -18.09 6.84 -2.03
CA ASP A 6 -17.03 6.35 -1.12
C ASP A 6 -15.59 6.74 -1.55
N ARG A 7 -15.28 6.60 -2.84
CA ARG A 7 -14.05 7.04 -3.53
C ARG A 7 -13.68 8.53 -3.45
N GLU A 8 -14.65 9.41 -3.21
CA GLU A 8 -14.45 10.87 -3.08
C GLU A 8 -14.08 11.17 -1.62
N LYS A 9 -14.99 10.86 -0.67
CA LYS A 9 -14.76 10.94 0.79
C LYS A 9 -13.52 10.18 1.28
N ALA A 10 -13.16 9.03 0.70
CA ALA A 10 -11.91 8.33 1.00
C ALA A 10 -10.67 9.17 0.66
N PHE A 11 -10.62 9.74 -0.56
CA PHE A 11 -9.57 10.67 -0.97
C PHE A 11 -9.46 11.89 -0.03
N GLU A 12 -10.56 12.52 0.37
CA GLU A 12 -10.59 13.53 1.45
C GLU A 12 -9.79 13.07 2.67
N ALA A 13 -10.09 11.90 3.24
CA ALA A 13 -9.30 11.31 4.33
C ALA A 13 -7.79 11.15 4.00
N LYS A 14 -7.40 10.63 2.82
CA LYS A 14 -5.97 10.64 2.39
C LYS A 14 -5.36 12.04 2.42
N PHE A 15 -6.12 13.07 2.03
CA PHE A 15 -5.63 14.45 2.02
C PHE A 15 -5.55 15.03 3.44
N ALA A 16 -6.57 14.84 4.27
CA ALA A 16 -6.70 15.40 5.63
C ALA A 16 -5.47 15.20 6.55
N LEU A 17 -4.89 14.01 6.51
CA LEU A 17 -3.66 13.66 7.22
C LEU A 17 -2.40 14.37 6.66
N ASP A 18 -2.35 14.61 5.34
CA ASP A 18 -1.25 15.16 4.53
C ASP A 18 0.07 14.34 4.66
N GLU A 19 1.05 14.57 3.77
CA GLU A 19 2.38 13.96 3.86
C GLU A 19 3.01 13.97 5.25
N GLU A 20 2.79 15.04 6.01
CA GLU A 20 3.18 15.23 7.41
C GLU A 20 2.92 13.98 8.27
N LEU A 21 1.71 13.43 8.21
CA LEU A 21 1.34 12.15 8.85
C LEU A 21 1.61 10.93 7.95
N ARG A 22 1.38 11.04 6.63
CA ARG A 22 1.62 9.94 5.66
C ARG A 22 3.01 9.33 5.82
N PHE A 23 4.03 10.10 6.22
CA PHE A 23 5.38 9.60 6.52
C PHE A 23 5.44 8.52 7.62
N LYS A 24 4.60 8.67 8.66
CA LYS A 24 4.30 7.63 9.66
C LYS A 24 3.46 6.49 9.06
N ALA A 25 2.50 6.81 8.18
CA ALA A 25 1.65 5.83 7.49
C ALA A 25 2.41 4.83 6.63
N THR A 26 3.37 5.27 5.80
CA THR A 26 4.19 4.44 4.88
C THR A 26 4.74 3.19 5.55
N ALA A 27 5.27 3.25 6.77
CA ALA A 27 5.82 2.10 7.51
C ALA A 27 4.75 1.07 7.98
N ARG A 28 3.61 1.56 8.49
CA ARG A 28 2.47 0.70 8.87
C ARG A 28 1.88 0.03 7.63
N ARG A 29 1.59 0.81 6.59
CA ARG A 29 1.14 0.36 5.26
C ARG A 29 2.05 -0.72 4.67
N ASN A 30 3.37 -0.49 4.66
CA ASN A 30 4.40 -1.42 4.16
C ASN A 30 4.12 -2.88 4.55
N LYS A 31 4.16 -3.16 5.85
CA LYS A 31 3.93 -4.48 6.47
C LYS A 31 2.54 -5.02 6.13
N LEU A 32 1.48 -4.22 6.30
CA LEU A 32 0.11 -4.57 5.93
C LEU A 32 -0.03 -5.07 4.47
N LEU A 33 0.42 -4.26 3.49
CA LEU A 33 0.46 -4.59 2.05
C LEU A 33 1.33 -5.82 1.75
N GLY A 34 2.53 -5.86 2.35
CA GLY A 34 3.43 -7.00 2.34
C GLY A 34 2.71 -8.28 2.74
N LEU A 35 2.13 -8.34 3.94
CA LEU A 35 1.48 -9.54 4.45
C LEU A 35 0.19 -9.87 3.71
N TRP A 36 -0.63 -8.88 3.36
CA TRP A 36 -1.79 -9.01 2.48
C TRP A 36 -1.46 -9.77 1.17
N ALA A 37 -0.58 -9.20 0.35
CA ALA A 37 -0.05 -9.74 -0.90
C ALA A 37 0.66 -11.10 -0.69
N ALA A 38 1.56 -11.20 0.29
CA ALA A 38 2.12 -12.48 0.72
C ALA A 38 1.04 -13.56 0.91
N GLY A 39 0.02 -13.28 1.73
CA GLY A 39 -1.15 -14.09 2.03
C GLY A 39 -1.90 -14.66 0.82
N LEU A 40 -2.03 -13.90 -0.27
CA LEU A 40 -2.74 -14.30 -1.51
C LEU A 40 -2.10 -15.52 -2.17
N LEU A 41 -0.78 -15.50 -2.31
CA LEU A 41 0.00 -16.59 -2.93
C LEU A 41 0.32 -17.73 -1.96
N ALA A 42 0.16 -17.48 -0.66
CA ALA A 42 0.59 -18.36 0.43
C ALA A 42 2.07 -18.80 0.31
N LYS A 43 3.00 -17.84 0.17
CA LYS A 43 4.46 -18.14 0.16
C LYS A 43 4.89 -18.66 1.53
N SER A 44 5.80 -19.64 1.56
CA SER A 44 6.33 -20.20 2.81
C SER A 44 7.01 -19.16 3.71
N ASP A 45 7.71 -18.18 3.12
CA ASP A 45 8.25 -17.01 3.82
C ASP A 45 7.42 -15.75 3.47
N PRO A 46 6.35 -15.42 4.21
CA PRO A 46 5.59 -14.19 3.99
C PRO A 46 6.31 -12.94 4.52
N GLU A 47 7.13 -13.06 5.56
CA GLU A 47 7.88 -11.92 6.11
C GLU A 47 8.89 -11.33 5.10
N ALA A 48 9.65 -12.21 4.45
CA ALA A 48 10.61 -11.88 3.39
C ALA A 48 10.00 -10.96 2.31
N TYR A 49 8.79 -11.28 1.84
CA TYR A 49 8.03 -10.45 0.89
C TYR A 49 7.78 -9.01 1.40
N ALA A 50 7.45 -8.85 2.69
CA ALA A 50 7.31 -7.55 3.34
C ALA A 50 8.63 -6.74 3.46
N SER A 51 9.78 -7.42 3.40
CA SER A 51 11.13 -6.83 3.29
C SER A 51 11.38 -6.19 1.91
N GLU A 52 10.92 -6.79 0.82
CA GLU A 52 10.92 -6.18 -0.53
C GLU A 52 10.08 -4.89 -0.66
N ILE A 53 9.02 -4.74 0.14
CA ILE A 53 8.14 -3.56 0.07
C ILE A 53 8.90 -2.29 0.50
N VAL A 54 9.70 -2.35 1.59
CA VAL A 54 10.50 -1.20 2.04
C VAL A 54 11.50 -0.79 0.96
N ALA A 55 12.16 -1.77 0.35
CA ALA A 55 13.10 -1.58 -0.75
C ALA A 55 12.42 -0.93 -1.97
N ALA A 56 11.21 -1.35 -2.33
CA ALA A 56 10.48 -0.77 -3.46
C ALA A 56 10.15 0.74 -3.30
N ASP A 57 10.16 1.30 -2.09
CA ASP A 57 10.02 2.75 -1.87
C ASP A 57 11.40 3.46 -1.90
N PHE A 58 12.48 2.80 -2.38
CA PHE A 58 13.84 3.35 -2.41
C PHE A 58 13.94 4.65 -3.22
N GLU A 59 14.04 5.75 -2.47
CA GLU A 59 14.30 7.12 -2.91
C GLU A 59 15.71 7.36 -3.49
N GLU A 60 16.48 6.32 -3.77
CA GLU A 60 17.91 6.34 -4.16
C GLU A 60 18.09 6.46 -5.68
N ALA A 61 17.48 5.59 -6.48
CA ALA A 61 17.58 5.60 -7.95
C ALA A 61 16.28 5.15 -8.67
N GLY A 62 15.17 5.09 -7.95
CA GLY A 62 13.84 4.69 -8.41
C GLY A 62 12.81 5.73 -7.98
N HIS A 63 11.60 5.61 -8.50
CA HIS A 63 10.45 6.41 -8.08
C HIS A 63 9.15 5.70 -8.44
N GLU A 64 8.26 5.61 -7.45
CA GLU A 64 6.93 4.98 -7.49
C GLU A 64 6.97 3.46 -7.78
N ASP A 65 8.13 2.83 -7.64
CA ASP A 65 8.37 1.37 -7.70
C ASP A 65 7.49 0.54 -6.74
N VAL A 66 7.11 1.05 -5.56
CA VAL A 66 6.17 0.37 -4.65
C VAL A 66 4.90 -0.07 -5.35
N VAL A 67 4.34 0.81 -6.18
CA VAL A 67 3.16 0.53 -7.01
C VAL A 67 3.40 -0.76 -7.80
N ARG A 68 4.49 -0.82 -8.57
CA ARG A 68 4.88 -1.96 -9.41
C ARG A 68 5.13 -3.24 -8.59
N LYS A 69 5.75 -3.11 -7.41
CA LYS A 69 5.95 -4.21 -6.46
C LYS A 69 4.66 -4.98 -6.17
N ILE A 70 3.54 -4.30 -5.92
CA ILE A 70 2.20 -4.89 -5.73
C ILE A 70 1.70 -5.65 -6.98
N LYS A 71 1.72 -5.01 -8.17
CA LYS A 71 1.28 -5.62 -9.46
C LYS A 71 1.92 -6.99 -9.72
N THR A 72 3.21 -7.12 -9.44
CA THR A 72 3.96 -8.37 -9.56
C THR A 72 3.35 -9.54 -8.76
N ASP A 73 2.67 -9.25 -7.66
CA ASP A 73 1.90 -10.20 -6.86
C ASP A 73 0.55 -10.58 -7.50
N PHE A 74 -0.19 -9.56 -7.95
CA PHE A 74 -1.46 -9.74 -8.65
C PHE A 74 -1.33 -10.63 -9.89
N ASP A 75 -0.29 -10.40 -10.71
CA ASP A 75 0.15 -11.18 -11.89
C ASP A 75 0.33 -12.68 -11.55
N ALA A 76 1.11 -12.95 -10.50
CA ALA A 76 1.41 -14.28 -9.95
C ALA A 76 0.17 -15.02 -9.42
N ALA A 77 -0.70 -14.32 -8.66
CA ALA A 77 -1.99 -14.85 -8.23
C ALA A 77 -3.01 -14.97 -9.38
N GLY A 78 -2.89 -14.16 -10.42
CA GLY A 78 -3.84 -14.01 -11.51
C GLY A 78 -5.19 -13.41 -11.10
N VAL A 79 -5.20 -12.40 -10.22
CA VAL A 79 -6.41 -11.64 -9.81
C VAL A 79 -6.76 -10.53 -10.81
N ALA A 80 -8.04 -10.16 -10.96
CA ALA A 80 -8.47 -9.11 -11.88
C ALA A 80 -8.26 -7.70 -11.30
N ILE A 81 -7.05 -7.14 -11.41
CA ILE A 81 -6.64 -5.81 -10.90
C ILE A 81 -5.66 -5.15 -11.89
N SER A 82 -5.73 -3.82 -12.08
CA SER A 82 -4.89 -3.07 -13.04
C SER A 82 -3.89 -2.12 -12.36
N GLU A 83 -2.95 -1.54 -13.11
CA GLU A 83 -1.90 -0.66 -12.55
C GLU A 83 -2.45 0.58 -11.84
N ASP A 84 -3.53 1.17 -12.36
CA ASP A 84 -4.22 2.34 -11.80
C ASP A 84 -4.76 1.96 -10.42
N ASP A 85 -5.52 0.86 -10.34
CA ASP A 85 -6.16 0.29 -9.15
C ASP A 85 -5.24 0.22 -7.95
N ILE A 86 -3.97 -0.13 -8.14
CA ILE A 86 -2.95 -0.16 -7.09
C ILE A 86 -2.91 1.18 -6.34
N ARG A 87 -2.82 2.30 -7.07
CA ARG A 87 -2.90 3.65 -6.48
C ARG A 87 -4.27 3.91 -5.88
N VAL A 88 -5.35 3.66 -6.60
CA VAL A 88 -6.72 3.87 -6.08
C VAL A 88 -6.86 3.19 -4.70
N ARG A 89 -6.65 1.87 -4.60
CA ARG A 89 -6.66 1.08 -3.35
C ARG A 89 -5.65 1.59 -2.32
N MET A 90 -4.37 1.78 -2.67
CA MET A 90 -3.28 2.27 -1.78
C MET A 90 -3.55 3.66 -1.20
N ILE A 91 -3.87 4.64 -2.04
CA ILE A 91 -4.21 6.00 -1.65
C ILE A 91 -5.40 5.96 -0.68
N GLU A 92 -6.50 5.29 -1.05
CA GLU A 92 -7.65 5.11 -0.14
C GLU A 92 -7.25 4.39 1.17
N LEU A 93 -6.54 3.26 1.09
CA LEU A 93 -6.10 2.43 2.23
C LEU A 93 -5.27 3.22 3.24
N LEU A 94 -4.30 4.00 2.75
CA LEU A 94 -3.44 4.87 3.58
C LEU A 94 -4.24 5.75 4.54
N SER A 95 -5.40 6.25 4.12
CA SER A 95 -6.34 7.03 4.94
C SER A 95 -6.72 6.33 6.25
N GLU A 96 -7.25 5.11 6.14
CA GLU A 96 -7.62 4.21 7.23
C GLU A 96 -6.39 3.78 8.04
N ALA A 97 -5.30 3.43 7.34
CA ALA A 97 -4.03 3.09 7.97
C ALA A 97 -3.52 4.15 8.96
N VAL A 98 -3.92 5.42 8.80
CA VAL A 98 -3.73 6.53 9.75
C VAL A 98 -4.90 6.74 10.71
N ALA A 99 -6.16 6.57 10.30
CA ALA A 99 -7.35 6.74 11.15
C ALA A 99 -7.24 6.05 12.53
N GLN A 100 -6.88 4.76 12.55
CA GLN A 100 -6.49 3.97 13.73
C GLN A 100 -5.42 4.62 14.64
N LEU A 101 -4.55 5.49 14.09
CA LEU A 101 -3.42 6.16 14.76
C LEU A 101 -3.82 7.57 15.27
N GLN A 102 -4.55 8.33 14.46
CA GLN A 102 -5.11 9.64 14.82
C GLN A 102 -6.11 9.50 15.97
N LYS A 103 -5.70 9.86 17.18
CA LYS A 103 -6.58 9.94 18.37
C LYS A 103 -7.56 11.12 18.23
N ASN A 104 -8.80 10.80 17.84
CA ASN A 104 -9.95 11.71 17.76
C ASN A 104 -10.92 11.47 18.92
N MET A 4 -21.36 3.30 -4.58
CA MET A 4 -19.96 3.73 -4.37
C MET A 4 -19.91 5.11 -3.68
N GLN A 5 -19.59 5.15 -2.39
CA GLN A 5 -19.57 6.41 -1.60
C GLN A 5 -18.37 6.46 -0.64
N ASP A 6 -18.04 5.32 -0.03
CA ASP A 6 -16.80 4.93 0.66
C ASP A 6 -15.54 5.58 0.05
N ARG A 7 -15.27 5.37 -1.23
CA ARG A 7 -14.23 6.06 -2.03
C ARG A 7 -14.18 7.59 -1.91
N GLU A 8 -15.33 8.27 -2.02
CA GLU A 8 -15.47 9.74 -1.99
C GLU A 8 -15.12 10.30 -0.60
N LYS A 9 -15.82 9.85 0.46
CA LYS A 9 -15.47 10.14 1.87
C LYS A 9 -14.03 9.73 2.23
N ALA A 10 -13.50 8.61 1.73
CA ALA A 10 -12.08 8.25 1.89
C ALA A 10 -11.13 9.25 1.21
N PHE A 11 -11.47 9.74 0.00
CA PHE A 11 -10.70 10.78 -0.70
C PHE A 11 -10.59 12.07 0.11
N GLU A 12 -11.69 12.55 0.72
CA GLU A 12 -11.60 13.64 1.69
C GLU A 12 -10.72 13.23 2.87
N ALA A 13 -11.03 12.14 3.56
CA ALA A 13 -10.30 11.65 4.73
C ALA A 13 -8.77 11.59 4.53
N LYS A 14 -8.23 10.89 3.52
CA LYS A 14 -6.79 10.87 3.22
C LYS A 14 -6.14 12.24 2.99
N PHE A 15 -6.91 13.26 2.58
CA PHE A 15 -6.44 14.64 2.41
C PHE A 15 -6.58 15.48 3.68
N ALA A 16 -7.58 15.19 4.52
CA ALA A 16 -7.85 15.88 5.78
C ALA A 16 -6.69 15.86 6.80
N LEU A 17 -5.73 14.94 6.67
CA LEU A 17 -4.52 14.80 7.49
C LEU A 17 -3.22 15.31 6.82
N ASP A 18 -3.34 16.13 5.76
CA ASP A 18 -2.23 16.70 4.99
C ASP A 18 -1.40 15.60 4.26
N GLU A 19 -0.52 15.95 3.31
CA GLU A 19 0.32 14.91 2.65
C GLU A 19 1.46 14.43 3.57
N GLU A 20 2.11 15.31 4.33
CA GLU A 20 3.27 14.98 5.19
C GLU A 20 3.08 13.69 6.02
N LEU A 21 1.94 13.51 6.69
CA LEU A 21 1.56 12.27 7.39
C LEU A 21 1.73 10.97 6.55
N ARG A 22 1.51 11.02 5.24
CA ARG A 22 1.82 9.95 4.26
C ARG A 22 3.22 9.38 4.42
N PHE A 23 4.21 10.17 4.82
CA PHE A 23 5.58 9.75 5.10
C PHE A 23 5.67 8.77 6.29
N LYS A 24 4.83 8.97 7.32
CA LYS A 24 4.62 7.97 8.38
C LYS A 24 3.82 6.78 7.84
N ALA A 25 2.74 7.05 7.09
CA ALA A 25 1.93 6.04 6.43
C ALA A 25 2.73 5.04 5.58
N THR A 26 3.64 5.47 4.69
CA THR A 26 4.50 4.62 3.82
C THR A 26 5.04 3.41 4.56
N ALA A 27 5.79 3.60 5.64
CA ALA A 27 6.35 2.51 6.44
C ALA A 27 5.29 1.56 7.06
N ARG A 28 4.19 2.09 7.64
CA ARG A 28 3.10 1.28 8.21
C ARG A 28 2.29 0.52 7.16
N ARG A 29 1.93 1.18 6.05
CA ARG A 29 1.28 0.63 4.86
C ARG A 29 2.14 -0.43 4.17
N ASN A 30 3.45 -0.24 4.05
CA ASN A 30 4.41 -1.15 3.42
C ASN A 30 4.19 -2.60 3.88
N LYS A 31 4.43 -2.86 5.17
CA LYS A 31 4.22 -4.17 5.78
C LYS A 31 2.76 -4.65 5.67
N LEU A 32 1.79 -3.77 5.94
CA LEU A 32 0.35 -4.05 5.84
C LEU A 32 -0.04 -4.67 4.49
N LEU A 33 0.34 -4.02 3.37
CA LEU A 33 0.17 -4.52 2.01
C LEU A 33 0.97 -5.80 1.76
N GLY A 34 2.29 -5.80 2.01
CA GLY A 34 3.19 -6.94 1.79
C GLY A 34 2.69 -8.27 2.37
N LEU A 35 2.22 -8.27 3.62
CA LEU A 35 1.61 -9.41 4.29
C LEU A 35 0.35 -9.91 3.56
N TRP A 36 -0.55 -9.00 3.18
CA TRP A 36 -1.78 -9.27 2.44
C TRP A 36 -1.50 -9.89 1.06
N ALA A 37 -0.69 -9.20 0.25
CA ALA A 37 -0.14 -9.67 -1.02
C ALA A 37 0.52 -11.07 -0.90
N ALA A 38 1.43 -11.26 0.06
CA ALA A 38 1.99 -12.57 0.38
C ALA A 38 0.91 -13.65 0.61
N GLY A 39 -0.07 -13.36 1.47
CA GLY A 39 -1.25 -14.21 1.69
C GLY A 39 -1.93 -14.61 0.39
N LEU A 40 -2.26 -13.65 -0.48
CA LEU A 40 -2.90 -13.85 -1.79
C LEU A 40 -2.25 -14.94 -2.65
N LEU A 41 -0.90 -14.96 -2.74
CA LEU A 41 -0.16 -15.94 -3.55
C LEU A 41 0.10 -17.29 -2.84
N ALA A 42 -0.39 -17.48 -1.61
CA ALA A 42 0.02 -18.53 -0.67
C ALA A 42 1.56 -18.59 -0.42
N LYS A 43 2.22 -17.44 -0.20
CA LYS A 43 3.62 -17.36 0.25
C LYS A 43 3.77 -17.86 1.69
N SER A 44 4.56 -18.93 1.87
CA SER A 44 4.88 -19.60 3.15
C SER A 44 5.53 -18.69 4.20
N ASP A 45 6.52 -17.89 3.79
CA ASP A 45 7.14 -16.84 4.59
C ASP A 45 6.59 -15.46 4.16
N PRO A 46 5.44 -15.00 4.69
CA PRO A 46 4.87 -13.70 4.31
C PRO A 46 5.69 -12.53 4.88
N GLU A 47 6.07 -12.60 6.15
CA GLU A 47 6.84 -11.54 6.85
C GLU A 47 8.10 -11.08 6.08
N ALA A 48 8.83 -12.00 5.46
CA ALA A 48 9.96 -11.72 4.56
C ALA A 48 9.57 -10.81 3.37
N TYR A 49 8.47 -11.13 2.67
CA TYR A 49 7.93 -10.36 1.54
C TYR A 49 7.47 -8.94 1.94
N ALA A 50 6.90 -8.80 3.14
CA ALA A 50 6.68 -7.50 3.76
C ALA A 50 7.98 -6.68 3.94
N SER A 51 9.15 -7.31 4.09
CA SER A 51 10.46 -6.64 4.09
C SER A 51 10.87 -6.15 2.69
N GLU A 52 10.70 -6.95 1.63
CA GLU A 52 10.97 -6.54 0.24
C GLU A 52 10.24 -5.23 -0.15
N ILE A 53 9.06 -4.90 0.39
CA ILE A 53 8.35 -3.65 0.07
C ILE A 53 9.21 -2.39 0.38
N VAL A 54 9.74 -2.27 1.61
CA VAL A 54 10.58 -1.11 2.01
C VAL A 54 11.87 -1.03 1.20
N ALA A 55 12.49 -2.17 0.91
CA ALA A 55 13.63 -2.29 -0.01
C ALA A 55 13.39 -1.67 -1.41
N ALA A 56 12.14 -1.36 -1.78
CA ALA A 56 11.71 -0.69 -3.00
C ALA A 56 11.24 0.77 -2.75
N ASP A 57 10.54 1.03 -1.64
CA ASP A 57 10.08 2.38 -1.19
C ASP A 57 11.25 3.35 -0.88
N PHE A 58 12.50 2.87 -0.73
CA PHE A 58 13.68 3.71 -0.56
C PHE A 58 14.06 4.46 -1.85
N GLU A 59 14.32 5.77 -1.72
CA GLU A 59 14.77 6.69 -2.78
C GLU A 59 15.89 6.12 -3.68
N GLU A 60 16.79 5.29 -3.14
CA GLU A 60 17.80 4.52 -3.89
C GLU A 60 17.21 3.79 -5.11
N ALA A 61 16.12 3.02 -4.91
CA ALA A 61 15.38 2.25 -5.90
C ALA A 61 14.33 3.07 -6.67
N GLY A 62 14.35 4.41 -6.56
CA GLY A 62 13.52 5.32 -7.37
C GLY A 62 12.48 6.08 -6.55
N HIS A 63 11.20 5.70 -6.68
CA HIS A 63 10.08 6.35 -5.96
C HIS A 63 8.79 5.49 -5.87
N GLU A 64 8.32 5.00 -7.02
CA GLU A 64 7.06 4.27 -7.19
C GLU A 64 7.26 2.73 -7.22
N ASP A 65 8.43 2.23 -6.81
CA ASP A 65 8.80 0.82 -6.99
C ASP A 65 7.96 -0.14 -6.13
N VAL A 66 7.47 0.32 -4.96
CA VAL A 66 6.42 -0.36 -4.18
C VAL A 66 5.20 -0.79 -5.01
N VAL A 67 4.69 0.10 -5.85
CA VAL A 67 3.56 -0.15 -6.77
C VAL A 67 3.91 -1.30 -7.72
N ARG A 68 5.14 -1.28 -8.27
CA ARG A 68 5.71 -2.35 -9.10
C ARG A 68 5.63 -3.68 -8.35
N LYS A 69 6.10 -3.73 -7.10
CA LYS A 69 6.09 -4.93 -6.25
C LYS A 69 4.68 -5.57 -6.18
N ILE A 70 3.66 -4.78 -5.83
CA ILE A 70 2.24 -5.19 -5.84
C ILE A 70 1.80 -5.75 -7.21
N LYS A 71 2.04 -5.02 -8.31
CA LYS A 71 1.67 -5.43 -9.69
C LYS A 71 2.21 -6.82 -10.07
N THR A 72 3.45 -7.11 -9.71
CA THR A 72 4.15 -8.39 -9.98
C THR A 72 3.50 -9.59 -9.28
N ASP A 73 3.02 -9.37 -8.07
CA ASP A 73 2.12 -10.29 -7.36
C ASP A 73 0.74 -10.39 -8.04
N PHE A 74 0.15 -9.30 -8.53
CA PHE A 74 -1.17 -9.33 -9.19
C PHE A 74 -1.20 -10.20 -10.47
N ASP A 75 -0.18 -10.09 -11.32
CA ASP A 75 0.03 -10.97 -12.47
C ASP A 75 0.13 -12.44 -12.02
N ALA A 76 1.02 -12.74 -11.06
CA ALA A 76 1.21 -14.07 -10.46
C ALA A 76 -0.07 -14.68 -9.85
N ALA A 77 -0.83 -13.89 -9.10
CA ALA A 77 -2.16 -14.23 -8.58
C ALA A 77 -3.26 -14.34 -9.66
N GLY A 78 -3.08 -13.78 -10.86
CA GLY A 78 -4.10 -13.77 -11.92
C GLY A 78 -5.34 -12.94 -11.55
N VAL A 79 -5.15 -11.74 -10.98
CA VAL A 79 -6.22 -10.79 -10.67
C VAL A 79 -6.30 -9.69 -11.74
N ALA A 80 -7.53 -9.34 -12.15
CA ALA A 80 -7.79 -8.28 -13.12
C ALA A 80 -7.76 -6.89 -12.45
N ILE A 81 -6.56 -6.29 -12.34
CA ILE A 81 -6.29 -4.97 -11.75
C ILE A 81 -5.15 -4.30 -12.53
N SER A 82 -5.33 -3.07 -13.02
CA SER A 82 -4.28 -2.33 -13.74
C SER A 82 -3.31 -1.61 -12.81
N GLU A 83 -2.13 -1.32 -13.32
CA GLU A 83 -1.07 -0.60 -12.60
C GLU A 83 -1.50 0.74 -11.99
N ASP A 84 -2.35 1.52 -12.67
CA ASP A 84 -2.82 2.81 -12.16
C ASP A 84 -3.86 2.61 -11.02
N ASP A 85 -4.78 1.64 -11.21
CA ASP A 85 -5.75 1.15 -10.21
C ASP A 85 -5.05 0.84 -8.85
N ILE A 86 -3.84 0.29 -8.85
CA ILE A 86 -3.04 -0.02 -7.64
C ILE A 86 -2.93 1.21 -6.74
N ARG A 87 -2.45 2.33 -7.31
CA ARG A 87 -2.31 3.61 -6.60
C ARG A 87 -3.65 4.09 -6.09
N VAL A 88 -4.71 4.05 -6.90
CA VAL A 88 -6.09 4.36 -6.47
C VAL A 88 -6.44 3.62 -5.17
N ARG A 89 -6.22 2.30 -5.09
CA ARG A 89 -6.38 1.53 -3.84
C ARG A 89 -5.42 1.94 -2.73
N MET A 90 -4.10 1.97 -2.96
CA MET A 90 -3.12 2.29 -1.91
C MET A 90 -3.32 3.68 -1.31
N ILE A 91 -3.51 4.69 -2.17
CA ILE A 91 -3.78 6.08 -1.81
C ILE A 91 -5.07 6.16 -0.99
N GLU A 92 -6.17 5.51 -1.38
CA GLU A 92 -7.34 5.40 -0.51
C GLU A 92 -7.01 4.73 0.82
N LEU A 93 -6.51 3.48 0.79
CA LEU A 93 -6.24 2.66 1.97
C LEU A 93 -5.34 3.35 3.01
N LEU A 94 -4.47 4.26 2.56
CA LEU A 94 -3.68 5.16 3.41
C LEU A 94 -4.50 5.83 4.53
N SER A 95 -5.69 6.36 4.22
CA SER A 95 -6.68 6.93 5.14
C SER A 95 -6.89 6.08 6.41
N GLU A 96 -7.15 4.78 6.21
CA GLU A 96 -7.29 3.76 7.25
C GLU A 96 -5.94 3.45 7.91
N ALA A 97 -4.90 3.18 7.11
CA ALA A 97 -3.56 2.90 7.62
C ALA A 97 -2.99 4.00 8.55
N VAL A 98 -3.45 5.25 8.44
CA VAL A 98 -3.15 6.39 9.34
C VAL A 98 -4.21 6.65 10.42
N ALA A 99 -5.45 6.20 10.26
CA ALA A 99 -6.51 6.35 11.27
C ALA A 99 -6.08 5.80 12.63
N GLN A 100 -5.45 4.61 12.64
CA GLN A 100 -4.76 4.02 13.79
C GLN A 100 -3.65 4.90 14.42
N LEU A 101 -2.92 5.70 13.63
CA LEU A 101 -1.83 6.60 14.05
C LEU A 101 -2.36 7.94 14.60
N GLN A 102 -3.38 8.52 13.95
CA GLN A 102 -4.15 9.64 14.46
C GLN A 102 -4.63 9.34 15.89
N LYS A 103 -4.39 10.27 16.84
CA LYS A 103 -4.81 10.19 18.26
C LYS A 103 -3.91 9.28 19.14
N ASN A 104 -2.67 8.98 18.70
CA ASN A 104 -1.57 8.24 19.38
C ASN A 104 -1.70 6.70 19.33
N MET A 4 -21.19 4.87 -7.37
CA MET A 4 -19.76 5.22 -7.23
C MET A 4 -19.54 6.20 -6.07
N GLN A 5 -20.13 5.93 -4.91
CA GLN A 5 -20.07 6.81 -3.73
C GLN A 5 -18.91 6.43 -2.80
N ASP A 6 -18.56 5.15 -2.70
CA ASP A 6 -17.47 4.61 -1.87
C ASP A 6 -16.13 5.37 -2.01
N ARG A 7 -15.76 5.78 -3.22
CA ARG A 7 -14.57 6.60 -3.56
C ARG A 7 -14.63 8.03 -3.02
N GLU A 8 -15.79 8.70 -3.05
CA GLU A 8 -15.95 10.04 -2.47
C GLU A 8 -15.88 10.01 -0.95
N LYS A 9 -16.75 9.22 -0.30
CA LYS A 9 -16.69 9.06 1.16
C LYS A 9 -15.30 8.62 1.64
N ALA A 10 -14.61 7.72 0.92
CA ALA A 10 -13.21 7.40 1.22
C ALA A 10 -12.27 8.62 1.08
N PHE A 11 -12.45 9.49 0.08
CA PHE A 11 -11.71 10.76 -0.06
C PHE A 11 -11.74 11.64 1.21
N GLU A 12 -12.92 11.87 1.82
CA GLU A 12 -13.06 12.51 3.15
C GLU A 12 -12.25 11.76 4.24
N ALA A 13 -12.32 10.43 4.28
CA ALA A 13 -11.52 9.63 5.23
C ALA A 13 -10.01 9.90 5.09
N LYS A 14 -9.43 9.79 3.88
CA LYS A 14 -8.00 10.08 3.60
C LYS A 14 -7.58 11.57 3.66
N PHE A 15 -8.43 12.42 4.20
CA PHE A 15 -8.25 13.88 4.34
C PHE A 15 -8.55 14.36 5.77
N ALA A 16 -9.29 13.58 6.56
CA ALA A 16 -9.50 13.79 7.99
C ALA A 16 -8.21 13.88 8.84
N LEU A 17 -7.06 13.37 8.35
CA LEU A 17 -5.75 13.36 9.01
C LEU A 17 -4.64 13.84 8.06
N ASP A 18 -5.01 14.79 7.20
CA ASP A 18 -4.19 15.45 6.18
C ASP A 18 -3.73 14.51 5.05
N GLU A 19 -2.95 15.01 4.09
CA GLU A 19 -2.36 14.15 3.05
C GLU A 19 -0.85 14.01 3.13
N GLU A 20 -0.05 15.06 3.39
CA GLU A 20 1.38 14.87 3.68
C GLU A 20 1.67 13.82 4.77
N LEU A 21 0.80 13.71 5.78
CA LEU A 21 0.90 12.74 6.88
C LEU A 21 1.04 11.28 6.41
N ARG A 22 0.62 10.97 5.18
CA ARG A 22 0.91 9.72 4.46
C ARG A 22 2.38 9.29 4.49
N PHE A 23 3.31 10.25 4.37
CA PHE A 23 4.76 10.00 4.44
C PHE A 23 5.18 9.42 5.80
N LYS A 24 4.50 9.79 6.88
CA LYS A 24 4.65 9.15 8.20
C LYS A 24 4.07 7.72 8.19
N ALA A 25 2.92 7.49 7.56
CA ALA A 25 2.36 6.15 7.39
C ALA A 25 3.13 5.20 6.45
N THR A 26 3.79 5.65 5.37
CA THR A 26 4.53 4.78 4.41
C THR A 26 5.40 3.73 5.11
N ALA A 27 6.19 4.15 6.11
CA ALA A 27 7.04 3.26 6.90
C ALA A 27 6.31 2.07 7.57
N ARG A 28 5.05 2.23 8.00
CA ARG A 28 4.19 1.15 8.52
C ARG A 28 3.52 0.40 7.37
N ARG A 29 2.93 1.14 6.41
CA ARG A 29 2.25 0.63 5.22
C ARG A 29 3.08 -0.38 4.44
N ASN A 30 4.41 -0.20 4.37
CA ASN A 30 5.33 -1.18 3.79
C ASN A 30 5.10 -2.59 4.37
N LYS A 31 5.04 -2.79 5.70
CA LYS A 31 4.68 -4.08 6.30
C LYS A 31 3.27 -4.54 5.91
N LEU A 32 2.28 -3.64 6.01
CA LEU A 32 0.88 -3.94 5.68
C LEU A 32 0.67 -4.45 4.24
N LEU A 33 1.09 -3.72 3.22
CA LEU A 33 1.03 -4.14 1.81
C LEU A 33 1.72 -5.50 1.60
N GLY A 34 2.91 -5.65 2.18
CA GLY A 34 3.63 -6.92 2.31
C GLY A 34 2.73 -8.06 2.71
N LEU A 35 2.18 -8.07 3.92
CA LEU A 35 1.27 -9.11 4.40
C LEU A 35 0.00 -9.24 3.55
N TRP A 36 -0.60 -8.14 3.10
CA TRP A 36 -1.79 -8.16 2.24
C TRP A 36 -1.54 -8.99 0.96
N ALA A 37 -0.55 -8.59 0.16
CA ALA A 37 -0.16 -9.26 -1.08
C ALA A 37 0.42 -10.67 -0.84
N ALA A 38 1.26 -10.85 0.19
CA ALA A 38 1.77 -12.16 0.57
C ALA A 38 0.66 -13.18 0.87
N GLY A 39 -0.43 -12.73 1.52
CA GLY A 39 -1.62 -13.53 1.86
C GLY A 39 -2.33 -14.15 0.64
N LEU A 40 -2.70 -13.31 -0.33
CA LEU A 40 -3.29 -13.69 -1.64
C LEU A 40 -2.51 -14.84 -2.30
N LEU A 41 -1.18 -14.70 -2.33
CA LEU A 41 -0.26 -15.68 -2.95
C LEU A 41 -0.03 -16.96 -2.11
N ALA A 42 -0.44 -16.98 -0.84
CA ALA A 42 -0.15 -18.05 0.13
C ALA A 42 1.34 -18.48 0.15
N LYS A 43 2.24 -17.50 0.11
CA LYS A 43 3.69 -17.66 0.31
C LYS A 43 3.96 -18.20 1.72
N SER A 44 4.62 -19.35 1.81
CA SER A 44 5.13 -19.97 3.04
C SER A 44 5.95 -19.03 3.90
N ASP A 45 6.76 -18.12 3.32
CA ASP A 45 7.50 -17.08 4.03
C ASP A 45 6.85 -15.70 3.76
N PRO A 46 5.71 -15.33 4.41
CA PRO A 46 5.04 -14.05 4.18
C PRO A 46 5.82 -12.88 4.77
N GLU A 47 6.33 -13.03 5.99
CA GLU A 47 7.10 -12.01 6.72
C GLU A 47 8.30 -11.55 5.88
N ALA A 48 9.05 -12.49 5.29
CA ALA A 48 10.11 -12.26 4.31
C ALA A 48 9.66 -11.50 3.03
N TYR A 49 8.47 -11.79 2.48
CA TYR A 49 7.93 -11.00 1.38
C TYR A 49 7.74 -9.52 1.78
N ALA A 50 7.19 -9.25 2.98
CA ALA A 50 7.07 -7.89 3.50
C ALA A 50 8.41 -7.12 3.58
N SER A 51 9.55 -7.79 3.82
CA SER A 51 10.91 -7.21 3.79
C SER A 51 11.28 -6.56 2.43
N GLU A 52 10.93 -7.19 1.31
CA GLU A 52 11.15 -6.58 -0.02
C GLU A 52 10.41 -5.26 -0.19
N ILE A 53 9.30 -5.04 0.50
CA ILE A 53 8.46 -3.84 0.34
C ILE A 53 9.16 -2.57 0.85
N VAL A 54 9.88 -2.63 1.96
CA VAL A 54 10.71 -1.50 2.46
C VAL A 54 11.95 -1.27 1.61
N ALA A 55 12.52 -2.32 1.02
CA ALA A 55 13.64 -2.29 0.06
C ALA A 55 13.24 -1.74 -1.33
N ALA A 56 12.00 -1.98 -1.77
CA ALA A 56 11.40 -1.49 -3.01
C ALA A 56 11.19 0.04 -3.03
N ASP A 57 10.87 0.64 -1.88
CA ASP A 57 10.71 2.09 -1.64
C ASP A 57 12.02 2.70 -1.07
N PHE A 58 13.18 2.16 -1.47
CA PHE A 58 14.51 2.60 -1.02
C PHE A 58 14.78 4.09 -1.28
N GLU A 59 15.15 4.84 -0.24
CA GLU A 59 15.27 6.31 -0.40
C GLU A 59 16.71 6.73 -0.78
N GLU A 60 17.41 5.90 -1.58
CA GLU A 60 18.78 6.15 -2.03
C GLU A 60 18.81 6.78 -3.43
N ALA A 61 17.83 6.43 -4.27
CA ALA A 61 17.68 6.97 -5.64
C ALA A 61 16.22 7.27 -6.02
N GLY A 62 15.28 6.35 -5.78
CA GLY A 62 13.86 6.51 -6.12
C GLY A 62 13.47 5.76 -7.40
N HIS A 63 12.35 5.02 -7.35
CA HIS A 63 11.80 4.19 -8.45
C HIS A 63 10.36 3.72 -8.15
N GLU A 64 9.76 2.89 -9.00
CA GLU A 64 8.39 2.35 -8.79
C GLU A 64 8.31 0.81 -8.62
N ASP A 65 9.32 0.23 -7.95
CA ASP A 65 9.33 -1.21 -7.62
C ASP A 65 8.19 -1.63 -6.67
N VAL A 66 7.83 -0.80 -5.68
CA VAL A 66 6.68 -1.08 -4.77
C VAL A 66 5.39 -1.38 -5.52
N VAL A 67 5.06 -0.60 -6.54
CA VAL A 67 3.91 -0.81 -7.42
C VAL A 67 4.08 -2.13 -8.16
N ARG A 68 5.25 -2.35 -8.76
CA ARG A 68 5.58 -3.59 -9.49
C ARG A 68 5.32 -4.85 -8.67
N LYS A 69 5.77 -4.88 -7.41
CA LYS A 69 5.50 -5.93 -6.43
C LYS A 69 4.00 -6.29 -6.41
N ILE A 70 3.14 -5.31 -6.12
CA ILE A 70 1.67 -5.46 -6.10
C ILE A 70 1.08 -5.85 -7.48
N LYS A 71 1.50 -5.20 -8.57
CA LYS A 71 1.07 -5.47 -9.96
C LYS A 71 1.27 -6.94 -10.32
N THR A 72 2.51 -7.43 -10.20
CA THR A 72 2.87 -8.81 -10.51
C THR A 72 2.01 -9.77 -9.70
N ASP A 73 1.87 -9.53 -8.40
CA ASP A 73 1.01 -10.32 -7.52
C ASP A 73 -0.46 -10.35 -7.97
N PHE A 74 -1.04 -9.26 -8.47
CA PHE A 74 -2.37 -9.34 -9.10
C PHE A 74 -2.40 -10.27 -10.32
N ASP A 75 -1.35 -10.26 -11.14
CA ASP A 75 -1.17 -11.19 -12.27
C ASP A 75 -1.11 -12.68 -11.84
N ALA A 76 -0.34 -13.02 -10.81
CA ALA A 76 -0.23 -14.37 -10.24
C ALA A 76 -1.47 -14.83 -9.44
N ALA A 77 -2.07 -13.99 -8.59
CA ALA A 77 -3.31 -14.31 -7.85
C ALA A 77 -4.59 -14.28 -8.72
N GLY A 78 -4.53 -13.57 -9.86
CA GLY A 78 -5.54 -13.52 -10.91
C GLY A 78 -6.63 -12.48 -10.67
N VAL A 79 -6.24 -11.29 -10.20
CA VAL A 79 -7.12 -10.19 -9.80
C VAL A 79 -7.18 -9.14 -10.91
N ALA A 80 -8.40 -8.82 -11.36
CA ALA A 80 -8.66 -7.78 -12.36
C ALA A 80 -8.41 -6.36 -11.78
N ILE A 81 -7.16 -5.90 -11.85
CA ILE A 81 -6.70 -4.55 -11.42
C ILE A 81 -5.58 -4.01 -12.32
N SER A 82 -5.83 -2.85 -12.93
CA SER A 82 -4.95 -2.07 -13.81
C SER A 82 -3.76 -1.45 -13.04
N GLU A 83 -2.59 -1.29 -13.69
CA GLU A 83 -1.42 -0.60 -13.10
C GLU A 83 -1.69 0.86 -12.65
N ASP A 84 -2.45 1.61 -13.44
CA ASP A 84 -2.97 2.94 -13.07
C ASP A 84 -3.79 2.91 -11.76
N ASP A 85 -4.72 1.96 -11.65
CA ASP A 85 -5.61 1.81 -10.50
C ASP A 85 -4.91 1.34 -9.20
N ILE A 86 -3.71 0.73 -9.26
CA ILE A 86 -2.94 0.31 -8.08
C ILE A 86 -2.66 1.49 -7.14
N ARG A 87 -2.03 2.56 -7.67
CA ARG A 87 -1.72 3.78 -6.91
C ARG A 87 -2.96 4.37 -6.23
N VAL A 88 -4.11 4.36 -6.89
CA VAL A 88 -5.42 4.76 -6.32
C VAL A 88 -5.69 4.07 -4.98
N ARG A 89 -5.48 2.75 -4.89
CA ARG A 89 -5.56 1.99 -3.62
C ARG A 89 -4.54 2.46 -2.60
N MET A 90 -3.26 2.49 -3.01
CA MET A 90 -2.14 2.90 -2.18
C MET A 90 -2.40 4.26 -1.52
N ILE A 91 -2.92 5.25 -2.23
CA ILE A 91 -3.21 6.61 -1.74
C ILE A 91 -4.22 6.61 -0.58
N GLU A 92 -5.43 6.09 -0.80
CA GLU A 92 -6.45 5.87 0.24
C GLU A 92 -5.86 5.13 1.45
N LEU A 93 -5.28 3.95 1.22
CA LEU A 93 -4.63 3.09 2.24
C LEU A 93 -3.47 3.76 2.99
N LEU A 94 -2.71 4.65 2.35
CA LEU A 94 -1.62 5.44 2.95
C LEU A 94 -2.16 6.35 4.05
N SER A 95 -3.15 7.18 3.72
CA SER A 95 -3.83 8.05 4.68
C SER A 95 -4.61 7.23 5.72
N GLU A 96 -5.39 6.22 5.32
CA GLU A 96 -5.98 5.28 6.30
C GLU A 96 -4.93 4.71 7.27
N ALA A 97 -3.74 4.32 6.79
CA ALA A 97 -2.67 3.86 7.66
C ALA A 97 -2.13 4.94 8.63
N VAL A 98 -2.44 6.23 8.44
CA VAL A 98 -2.23 7.33 9.41
C VAL A 98 -3.24 7.29 10.58
N ALA A 99 -4.47 6.81 10.40
CA ALA A 99 -5.50 6.79 11.44
C ALA A 99 -5.02 6.22 12.79
N GLN A 100 -4.49 4.99 12.80
CA GLN A 100 -3.78 4.38 13.96
C GLN A 100 -2.50 5.12 14.44
N LEU A 101 -1.88 5.97 13.60
CA LEU A 101 -0.70 6.78 13.95
C LEU A 101 -1.06 8.15 14.57
N GLN A 102 -2.25 8.69 14.34
CA GLN A 102 -2.77 9.89 15.00
C GLN A 102 -3.35 9.55 16.39
N LYS A 103 -3.17 10.47 17.35
CA LYS A 103 -3.62 10.36 18.75
C LYS A 103 -3.82 11.76 19.35
N ASN A 104 -4.96 11.99 20.03
CA ASN A 104 -5.32 13.27 20.68
C ASN A 104 -4.61 13.50 22.03
N MET A 4 -18.99 2.51 -6.85
CA MET A 4 -19.88 3.69 -6.73
C MET A 4 -19.43 4.58 -5.57
N GLN A 5 -19.70 4.21 -4.31
CA GLN A 5 -19.43 5.07 -3.16
C GLN A 5 -18.05 4.87 -2.52
N ASP A 6 -17.44 3.69 -2.69
CA ASP A 6 -16.17 3.27 -2.08
C ASP A 6 -15.02 4.26 -2.34
N ARG A 7 -14.95 4.89 -3.53
CA ARG A 7 -14.04 6.01 -3.85
C ARG A 7 -14.33 7.31 -3.06
N GLU A 8 -15.59 7.72 -2.97
CA GLU A 8 -16.03 8.90 -2.20
C GLU A 8 -15.70 8.74 -0.69
N LYS A 9 -16.24 7.72 0.00
CA LYS A 9 -15.94 7.47 1.43
C LYS A 9 -14.43 7.34 1.73
N ALA A 10 -13.69 6.68 0.84
CA ALA A 10 -12.24 6.57 0.90
C ALA A 10 -11.54 7.94 0.77
N PHE A 11 -11.99 8.84 -0.11
CA PHE A 11 -11.54 10.24 -0.15
C PHE A 11 -11.65 10.96 1.21
N GLU A 12 -12.80 10.91 1.90
CA GLU A 12 -12.95 11.38 3.28
C GLU A 12 -11.95 10.72 4.23
N ALA A 13 -11.90 9.37 4.29
CA ALA A 13 -11.02 8.58 5.14
C ALA A 13 -9.53 8.95 4.98
N LYS A 14 -9.01 8.93 3.76
CA LYS A 14 -7.63 9.32 3.40
C LYS A 14 -7.32 10.79 3.65
N PHE A 15 -8.31 11.64 3.91
CA PHE A 15 -8.14 13.06 4.22
C PHE A 15 -8.58 13.42 5.66
N ALA A 16 -8.74 12.41 6.53
CA ALA A 16 -9.01 12.54 7.97
C ALA A 16 -7.81 13.07 8.79
N LEU A 17 -6.59 12.95 8.25
CA LEU A 17 -5.33 13.36 8.89
C LEU A 17 -4.43 14.18 7.95
N ASP A 18 -5.08 14.98 7.08
CA ASP A 18 -4.46 15.81 6.05
C ASP A 18 -3.49 15.00 5.16
N GLU A 19 -2.59 15.68 4.42
CA GLU A 19 -1.57 15.04 3.60
C GLU A 19 -0.21 14.92 4.32
N GLU A 20 0.09 15.86 5.24
CA GLU A 20 1.35 15.95 5.97
C GLU A 20 1.72 14.62 6.64
N LEU A 21 0.81 14.04 7.44
CA LEU A 21 1.02 12.73 8.10
C LEU A 21 1.20 11.57 7.10
N ARG A 22 0.51 11.61 5.95
CA ARG A 22 0.66 10.64 4.84
C ARG A 22 2.13 10.49 4.41
N PHE A 23 2.90 11.58 4.46
CA PHE A 23 4.32 11.59 4.11
C PHE A 23 5.11 10.50 4.86
N LYS A 24 4.97 10.46 6.19
CA LYS A 24 5.53 9.40 7.04
C LYS A 24 4.85 8.04 6.81
N ALA A 25 3.53 8.03 6.60
CA ALA A 25 2.73 6.83 6.43
C ALA A 25 3.28 5.85 5.38
N THR A 26 3.83 6.34 4.26
CA THR A 26 4.59 5.58 3.22
C THR A 26 5.38 4.38 3.77
N ALA A 27 6.14 4.60 4.84
CA ALA A 27 6.93 3.58 5.53
C ALA A 27 6.06 2.50 6.20
N ARG A 28 5.17 2.90 7.11
CA ARG A 28 4.29 1.98 7.87
C ARG A 28 3.33 1.22 6.96
N ARG A 29 2.90 1.83 5.85
CA ARG A 29 2.20 1.20 4.73
C ARG A 29 2.89 -0.08 4.24
N ASN A 30 4.22 -0.13 4.18
CA ASN A 30 4.97 -1.32 3.75
C ASN A 30 4.56 -2.56 4.58
N LYS A 31 4.51 -2.44 5.92
CA LYS A 31 3.98 -3.49 6.82
C LYS A 31 2.50 -3.85 6.59
N LEU A 32 1.66 -2.89 6.17
CA LEU A 32 0.25 -3.12 5.79
C LEU A 32 0.13 -3.91 4.47
N LEU A 33 0.53 -3.31 3.34
CA LEU A 33 0.51 -3.89 1.98
C LEU A 33 1.15 -5.28 1.96
N GLY A 34 2.36 -5.40 2.50
CA GLY A 34 3.10 -6.65 2.70
C GLY A 34 2.26 -7.79 3.27
N LEU A 35 1.36 -7.51 4.22
CA LEU A 35 0.37 -8.47 4.71
C LEU A 35 -0.85 -8.54 3.78
N TRP A 36 -1.48 -7.41 3.47
CA TRP A 36 -2.66 -7.30 2.59
C TRP A 36 -2.53 -8.09 1.28
N ALA A 37 -1.50 -7.82 0.48
CA ALA A 37 -1.10 -8.55 -0.72
C ALA A 37 -0.77 -10.03 -0.46
N ALA A 38 -0.05 -10.35 0.62
CA ALA A 38 0.24 -11.73 1.03
C ALA A 38 -1.04 -12.57 1.23
N GLY A 39 -2.08 -12.00 1.82
CA GLY A 39 -3.40 -12.63 1.93
C GLY A 39 -3.88 -13.19 0.58
N LEU A 40 -3.93 -12.31 -0.43
CA LEU A 40 -4.34 -12.56 -1.82
C LEU A 40 -3.48 -13.65 -2.49
N LEU A 41 -2.15 -13.52 -2.40
CA LEU A 41 -1.18 -14.52 -2.89
C LEU A 41 -1.18 -15.84 -2.09
N ALA A 42 -2.11 -16.00 -1.13
CA ALA A 42 -2.43 -17.17 -0.31
C ALA A 42 -1.27 -17.81 0.46
N LYS A 43 -0.20 -17.01 0.71
CA LYS A 43 1.03 -17.39 1.41
C LYS A 43 0.84 -17.40 2.93
N SER A 44 1.12 -18.55 3.56
CA SER A 44 1.17 -18.78 5.02
C SER A 44 2.25 -17.96 5.74
N ASP A 45 3.28 -17.53 5.02
CA ASP A 45 4.39 -16.71 5.51
C ASP A 45 4.30 -15.27 4.91
N PRO A 46 3.43 -14.39 5.47
CA PRO A 46 3.18 -13.03 4.97
C PRO A 46 4.30 -12.03 5.29
N GLU A 47 4.85 -12.14 6.50
CA GLU A 47 5.94 -11.27 7.00
C GLU A 47 7.20 -11.36 6.14
N ALA A 48 7.55 -12.57 5.67
CA ALA A 48 8.58 -12.81 4.67
C ALA A 48 8.44 -11.88 3.45
N TYR A 49 7.24 -11.86 2.84
CA TYR A 49 6.92 -10.95 1.75
C TYR A 49 6.93 -9.46 2.14
N ALA A 50 6.33 -9.07 3.28
CA ALA A 50 6.41 -7.70 3.80
C ALA A 50 7.85 -7.15 3.92
N SER A 51 8.81 -7.99 4.28
CA SER A 51 10.24 -7.72 4.27
C SER A 51 10.79 -7.29 2.89
N GLU A 52 10.33 -7.91 1.79
CA GLU A 52 10.71 -7.43 0.46
C GLU A 52 10.12 -6.06 0.11
N ILE A 53 8.90 -5.73 0.58
CA ILE A 53 8.28 -4.41 0.35
C ILE A 53 9.21 -3.27 0.81
N VAL A 54 9.58 -3.24 2.09
CA VAL A 54 10.46 -2.18 2.66
C VAL A 54 11.78 -2.02 1.89
N ALA A 55 12.29 -3.11 1.32
CA ALA A 55 13.48 -3.14 0.48
C ALA A 55 13.24 -2.56 -0.93
N ALA A 56 12.01 -2.47 -1.44
CA ALA A 56 11.65 -1.73 -2.65
C ALA A 56 11.54 -0.20 -2.44
N ASP A 57 11.53 0.31 -1.20
CA ASP A 57 11.67 1.76 -0.90
C ASP A 57 13.12 2.31 -1.03
N PHE A 58 14.04 1.55 -1.66
CA PHE A 58 15.46 1.91 -1.77
C PHE A 58 15.88 2.38 -3.18
N GLU A 59 14.93 2.79 -4.02
CA GLU A 59 15.21 3.38 -5.34
C GLU A 59 15.49 4.90 -5.18
N GLU A 60 16.73 5.27 -4.82
CA GLU A 60 17.17 6.68 -4.66
C GLU A 60 17.13 7.45 -5.98
N ALA A 61 17.60 6.81 -7.07
CA ALA A 61 17.52 7.30 -8.45
C ALA A 61 16.09 7.41 -9.03
N GLY A 62 15.14 6.66 -8.47
CA GLY A 62 13.74 6.59 -8.90
C GLY A 62 12.77 7.11 -7.84
N HIS A 63 11.64 6.42 -7.66
CA HIS A 63 10.56 6.70 -6.68
C HIS A 63 9.43 5.66 -6.69
N GLU A 64 9.11 5.11 -7.87
CA GLU A 64 7.91 4.30 -8.12
C GLU A 64 8.14 2.78 -8.13
N ASP A 65 9.31 2.25 -7.74
CA ASP A 65 9.59 0.80 -7.77
C ASP A 65 8.62 -0.01 -6.87
N VAL A 66 8.36 0.45 -5.64
CA VAL A 66 7.35 -0.14 -4.74
C VAL A 66 6.02 -0.48 -5.43
N VAL A 67 5.52 0.40 -6.30
CA VAL A 67 4.31 0.21 -7.11
C VAL A 67 4.42 -1.08 -7.95
N ARG A 68 5.54 -1.23 -8.67
CA ARG A 68 5.93 -2.40 -9.47
C ARG A 68 5.94 -3.70 -8.63
N LYS A 69 6.48 -3.64 -7.41
CA LYS A 69 6.45 -4.77 -6.46
C LYS A 69 5.01 -5.30 -6.26
N ILE A 70 4.06 -4.39 -5.99
CA ILE A 70 2.62 -4.67 -5.90
C ILE A 70 2.05 -5.24 -7.24
N LYS A 71 2.32 -4.62 -8.40
CA LYS A 71 1.83 -5.08 -9.73
C LYS A 71 2.20 -6.53 -10.02
N THR A 72 3.48 -6.86 -9.82
CA THR A 72 4.06 -8.20 -10.00
C THR A 72 3.28 -9.27 -9.22
N ASP A 73 3.06 -9.03 -7.93
CA ASP A 73 2.26 -9.86 -7.03
C ASP A 73 0.90 -10.26 -7.64
N PHE A 74 0.14 -9.27 -8.13
CA PHE A 74 -1.13 -9.49 -8.82
C PHE A 74 -0.98 -10.44 -10.02
N ASP A 75 -0.01 -10.24 -10.91
CA ASP A 75 0.17 -11.09 -12.09
C ASP A 75 0.67 -12.53 -11.76
N ALA A 76 1.49 -12.67 -10.72
CA ALA A 76 1.85 -13.94 -10.09
C ALA A 76 0.62 -14.71 -9.55
N ALA A 77 -0.31 -14.03 -8.88
CA ALA A 77 -1.55 -14.63 -8.38
C ALA A 77 -2.73 -14.60 -9.38
N GLY A 78 -2.53 -14.07 -10.60
CA GLY A 78 -3.58 -13.98 -11.62
C GLY A 78 -4.76 -13.06 -11.27
N VAL A 79 -4.50 -11.98 -10.52
CA VAL A 79 -5.49 -11.00 -10.02
C VAL A 79 -5.75 -9.91 -11.07
N ALA A 80 -7.01 -9.61 -11.37
CA ALA A 80 -7.40 -8.65 -12.39
C ALA A 80 -7.32 -7.17 -11.89
N ILE A 81 -6.13 -6.56 -11.83
CA ILE A 81 -5.94 -5.18 -11.30
C ILE A 81 -5.13 -4.31 -12.27
N SER A 82 -5.69 -3.19 -12.73
CA SER A 82 -5.01 -2.25 -13.63
C SER A 82 -3.90 -1.47 -12.91
N GLU A 83 -2.87 -1.04 -13.64
CA GLU A 83 -1.75 -0.26 -13.06
C GLU A 83 -2.19 1.05 -12.37
N ASP A 84 -3.08 1.84 -12.99
CA ASP A 84 -3.65 3.08 -12.41
C ASP A 84 -4.31 2.83 -11.05
N ASP A 85 -5.16 1.79 -10.95
CA ASP A 85 -5.83 1.31 -9.73
C ASP A 85 -4.84 1.11 -8.56
N ILE A 86 -3.64 0.56 -8.81
CA ILE A 86 -2.56 0.42 -7.81
C ILE A 86 -2.30 1.75 -7.12
N ARG A 87 -2.06 2.82 -7.89
CA ARG A 87 -1.85 4.17 -7.34
C ARG A 87 -3.08 4.68 -6.58
N VAL A 88 -4.27 4.61 -7.19
CA VAL A 88 -5.54 5.00 -6.55
C VAL A 88 -5.64 4.42 -5.14
N ARG A 89 -5.47 3.10 -4.99
CA ARG A 89 -5.43 2.41 -3.68
C ARG A 89 -4.27 2.93 -2.83
N MET A 90 -3.02 2.83 -3.31
CA MET A 90 -1.80 3.20 -2.57
C MET A 90 -1.91 4.58 -1.94
N ILE A 91 -2.36 5.60 -2.68
CA ILE A 91 -2.67 6.95 -2.19
C ILE A 91 -3.63 6.87 -0.99
N GLU A 92 -4.81 6.27 -1.16
CA GLU A 92 -5.85 6.11 -0.13
C GLU A 92 -5.34 5.33 1.10
N LEU A 93 -4.87 4.11 0.90
CA LEU A 93 -4.20 3.22 1.88
C LEU A 93 -3.02 3.87 2.58
N LEU A 94 -2.24 4.74 1.93
CA LEU A 94 -1.13 5.46 2.55
C LEU A 94 -1.67 6.25 3.75
N SER A 95 -2.63 7.16 3.55
CA SER A 95 -3.13 7.95 4.69
C SER A 95 -4.04 7.15 5.61
N GLU A 96 -4.91 6.27 5.08
CA GLU A 96 -5.72 5.36 5.93
C GLU A 96 -4.83 4.64 6.96
N ALA A 97 -3.66 4.11 6.55
CA ALA A 97 -2.69 3.45 7.45
C ALA A 97 -2.25 4.28 8.67
N VAL A 98 -2.38 5.62 8.65
CA VAL A 98 -2.12 6.50 9.80
C VAL A 98 -3.10 6.26 10.97
N ALA A 99 -4.31 5.74 10.71
CA ALA A 99 -5.28 5.36 11.73
C ALA A 99 -4.66 4.55 12.88
N GLN A 100 -3.84 3.52 12.60
CA GLN A 100 -3.11 2.77 13.64
C GLN A 100 -1.96 3.55 14.32
N LEU A 101 -1.40 4.58 13.66
CA LEU A 101 -0.31 5.42 14.17
C LEU A 101 -0.83 6.53 15.11
N GLN A 102 -2.07 6.98 14.92
CA GLN A 102 -2.75 8.00 15.71
C GLN A 102 -3.11 7.45 17.10
N LYS A 103 -2.16 7.61 18.02
CA LYS A 103 -2.28 7.20 19.44
C LYS A 103 -2.26 8.42 20.34
N ASN A 104 -3.12 8.37 21.36
CA ASN A 104 -3.16 9.28 22.51
C ASN A 104 -2.10 8.86 23.54
N MET A 4 -19.95 5.13 -9.04
CA MET A 4 -19.44 4.94 -7.67
C MET A 4 -19.08 6.31 -7.12
N GLN A 5 -19.81 6.74 -6.09
CA GLN A 5 -19.73 8.05 -5.40
C GLN A 5 -18.96 7.92 -4.07
N ASP A 6 -19.12 6.76 -3.41
CA ASP A 6 -18.47 6.25 -2.21
C ASP A 6 -16.93 6.40 -2.25
N ARG A 7 -16.25 5.84 -3.27
CA ARG A 7 -14.83 6.08 -3.62
C ARG A 7 -14.38 7.57 -3.58
N GLU A 8 -15.22 8.48 -4.06
CA GLU A 8 -14.91 9.91 -4.20
C GLU A 8 -14.92 10.65 -2.84
N LYS A 9 -16.05 10.56 -2.11
CA LYS A 9 -16.20 11.02 -0.71
C LYS A 9 -15.22 10.35 0.25
N ALA A 10 -14.89 9.08 0.03
CA ALA A 10 -13.83 8.38 0.76
C ALA A 10 -12.46 9.04 0.58
N PHE A 11 -12.01 9.26 -0.67
CA PHE A 11 -10.72 9.90 -0.96
C PHE A 11 -10.64 11.31 -0.34
N GLU A 12 -11.72 12.11 -0.46
CA GLU A 12 -11.86 13.40 0.20
C GLU A 12 -11.54 13.35 1.71
N ALA A 13 -12.31 12.61 2.53
CA ALA A 13 -12.01 12.48 3.95
C ALA A 13 -10.62 11.86 4.26
N LYS A 14 -10.12 10.98 3.38
CA LYS A 14 -8.75 10.42 3.48
C LYS A 14 -7.65 11.49 3.46
N PHE A 15 -7.85 12.62 2.80
CA PHE A 15 -6.89 13.73 2.67
C PHE A 15 -7.16 14.88 3.67
N ALA A 16 -7.90 14.61 4.75
CA ALA A 16 -8.21 15.59 5.80
C ALA A 16 -7.01 15.82 6.75
N LEU A 17 -6.39 14.71 7.16
CA LEU A 17 -5.16 14.60 7.97
C LEU A 17 -3.86 14.93 7.20
N ASP A 18 -3.92 15.88 6.27
CA ASP A 18 -2.82 16.28 5.39
C ASP A 18 -2.24 15.11 4.54
N GLU A 19 -1.06 15.31 3.94
CA GLU A 19 -0.25 14.30 3.25
C GLU A 19 0.99 13.90 4.06
N GLU A 20 1.64 14.84 4.75
CA GLU A 20 2.85 14.60 5.57
C GLU A 20 2.74 13.36 6.48
N LEU A 21 1.67 13.26 7.27
CA LEU A 21 1.32 12.09 8.09
C LEU A 21 1.50 10.74 7.38
N ARG A 22 1.21 10.69 6.07
CA ARG A 22 1.26 9.50 5.21
C ARG A 22 2.67 8.92 5.04
N PHE A 23 3.70 9.74 5.23
CA PHE A 23 5.10 9.33 5.40
C PHE A 23 5.28 8.32 6.55
N LYS A 24 4.56 8.49 7.66
CA LYS A 24 4.53 7.53 8.79
C LYS A 24 3.62 6.34 8.52
N ALA A 25 2.50 6.57 7.83
CA ALA A 25 1.60 5.51 7.37
C ALA A 25 2.37 4.42 6.62
N THR A 26 2.99 4.79 5.49
CA THR A 26 3.77 3.93 4.58
C THR A 26 4.76 3.02 5.32
N ALA A 27 5.56 3.59 6.23
CA ALA A 27 6.53 2.89 7.08
C ALA A 27 5.97 1.67 7.86
N ARG A 28 4.76 1.75 8.46
CA ARG A 28 4.07 0.58 9.05
C ARG A 28 3.21 -0.20 8.04
N ARG A 29 2.69 0.45 7.00
CA ARG A 29 1.89 -0.19 5.93
C ARG A 29 2.68 -1.28 5.20
N ASN A 30 4.02 -1.21 5.16
CA ASN A 30 4.94 -2.25 4.69
C ASN A 30 4.47 -3.70 5.03
N LYS A 31 4.22 -3.99 6.31
CA LYS A 31 3.66 -5.24 6.84
C LYS A 31 2.27 -5.49 6.24
N LEU A 32 1.31 -4.59 6.49
CA LEU A 32 -0.08 -4.74 6.01
C LEU A 32 -0.19 -5.07 4.52
N LEU A 33 0.54 -4.38 3.64
CA LEU A 33 0.64 -4.67 2.20
C LEU A 33 1.35 -6.00 1.99
N GLY A 34 2.59 -6.13 2.47
CA GLY A 34 3.40 -7.34 2.39
C GLY A 34 2.65 -8.62 2.76
N LEU A 35 1.96 -8.63 3.89
CA LEU A 35 1.17 -9.75 4.40
C LEU A 35 -0.08 -9.98 3.53
N TRP A 36 -0.87 -8.94 3.27
CA TRP A 36 -2.04 -9.03 2.37
C TRP A 36 -1.66 -9.72 1.06
N ALA A 37 -0.70 -9.13 0.35
CA ALA A 37 -0.05 -9.64 -0.85
C ALA A 37 0.48 -11.09 -0.68
N ALA A 38 1.39 -11.31 0.26
CA ALA A 38 1.94 -12.63 0.58
C ALA A 38 0.86 -13.71 0.79
N GLY A 39 -0.27 -13.36 1.42
CA GLY A 39 -1.42 -14.22 1.66
C GLY A 39 -1.96 -14.85 0.37
N LEU A 40 -2.22 -14.03 -0.66
CA LEU A 40 -2.73 -14.47 -1.96
C LEU A 40 -1.77 -15.45 -2.66
N LEU A 41 -0.49 -15.11 -2.64
CA LEU A 41 0.61 -15.91 -3.19
C LEU A 41 0.88 -17.21 -2.42
N ALA A 42 0.46 -17.27 -1.15
CA ALA A 42 0.73 -18.35 -0.20
C ALA A 42 2.23 -18.76 -0.20
N LYS A 43 3.10 -17.79 0.14
CA LYS A 43 4.56 -17.97 0.21
C LYS A 43 4.98 -18.76 1.48
N SER A 44 6.29 -18.84 1.72
CA SER A 44 6.94 -19.46 2.91
C SER A 44 6.54 -18.77 4.22
N ASP A 45 6.97 -17.52 4.41
CA ASP A 45 6.71 -16.68 5.59
C ASP A 45 6.25 -15.27 5.19
N PRO A 46 5.47 -14.58 6.05
CA PRO A 46 5.01 -13.21 5.79
C PRO A 46 6.16 -12.20 5.74
N GLU A 47 7.08 -12.24 6.70
CA GLU A 47 8.21 -11.29 6.74
C GLU A 47 9.10 -11.40 5.50
N ALA A 48 9.32 -12.62 5.00
CA ALA A 48 10.09 -12.92 3.79
C ALA A 48 9.66 -12.06 2.58
N TYR A 49 8.36 -11.93 2.32
CA TYR A 49 7.83 -11.03 1.29
C TYR A 49 7.79 -9.55 1.71
N ALA A 50 7.42 -9.25 2.97
CA ALA A 50 7.48 -7.89 3.50
C ALA A 50 8.88 -7.24 3.41
N SER A 51 9.95 -8.05 3.42
CA SER A 51 11.32 -7.63 3.10
C SER A 51 11.43 -6.97 1.72
N GLU A 52 10.81 -7.56 0.68
CA GLU A 52 10.82 -6.99 -0.67
C GLU A 52 10.17 -5.60 -0.75
N ILE A 53 9.21 -5.30 0.12
CA ILE A 53 8.54 -3.99 0.25
C ILE A 53 9.53 -2.93 0.76
N VAL A 54 10.18 -3.15 1.92
CA VAL A 54 11.17 -2.22 2.48
C VAL A 54 12.46 -2.11 1.67
N ALA A 55 12.69 -3.01 0.72
CA ALA A 55 13.72 -2.87 -0.30
C ALA A 55 13.19 -2.23 -1.60
N ALA A 56 11.88 -2.01 -1.74
CA ALA A 56 11.20 -1.43 -2.90
C ALA A 56 10.69 0.00 -2.67
N ASP A 57 10.70 0.52 -1.42
CA ASP A 57 10.45 1.94 -1.13
C ASP A 57 11.68 2.85 -1.33
N PHE A 58 12.80 2.27 -1.77
CA PHE A 58 13.96 2.99 -2.32
C PHE A 58 13.57 3.92 -3.48
N GLU A 59 14.44 4.90 -3.73
CA GLU A 59 14.21 6.01 -4.66
C GLU A 59 15.40 6.23 -5.60
N GLU A 60 16.40 5.34 -5.56
CA GLU A 60 17.67 5.44 -6.28
C GLU A 60 17.51 5.19 -7.80
N ALA A 61 16.61 4.28 -8.18
CA ALA A 61 16.17 4.05 -9.55
C ALA A 61 14.85 4.77 -9.91
N GLY A 62 14.30 5.65 -9.06
CA GLY A 62 13.07 6.41 -9.31
C GLY A 62 12.03 6.28 -8.19
N HIS A 63 11.18 7.29 -8.05
CA HIS A 63 10.01 7.20 -7.16
C HIS A 63 8.98 6.15 -7.65
N GLU A 64 8.05 5.81 -6.76
CA GLU A 64 6.86 4.97 -7.01
C GLU A 64 7.18 3.49 -7.36
N ASP A 65 8.36 2.99 -6.94
CA ASP A 65 8.84 1.65 -7.34
C ASP A 65 8.10 0.50 -6.63
N VAL A 66 7.63 0.73 -5.40
CA VAL A 66 6.70 -0.14 -4.63
C VAL A 66 5.50 -0.59 -5.45
N VAL A 67 4.86 0.32 -6.20
CA VAL A 67 3.71 0.04 -7.09
C VAL A 67 4.00 -1.16 -7.98
N ARG A 68 5.21 -1.21 -8.56
CA ARG A 68 5.69 -2.31 -9.40
C ARG A 68 5.75 -3.63 -8.63
N LYS A 69 6.20 -3.64 -7.37
CA LYS A 69 6.11 -4.81 -6.47
C LYS A 69 4.67 -5.36 -6.40
N ILE A 70 3.73 -4.52 -5.98
CA ILE A 70 2.29 -4.83 -5.81
C ILE A 70 1.63 -5.28 -7.14
N LYS A 71 1.90 -4.64 -8.29
CA LYS A 71 1.34 -5.00 -9.62
C LYS A 71 1.57 -6.48 -9.94
N THR A 72 2.83 -6.88 -9.90
CA THR A 72 3.30 -8.25 -10.18
C THR A 72 2.59 -9.27 -9.29
N ASP A 73 2.47 -8.96 -7.99
CA ASP A 73 1.64 -9.68 -7.02
C ASP A 73 0.23 -10.02 -7.56
N PHE A 74 -0.54 -9.00 -7.94
CA PHE A 74 -1.88 -9.17 -8.50
C PHE A 74 -1.90 -10.08 -9.74
N ASP A 75 -1.00 -9.91 -10.68
CA ASP A 75 -0.95 -10.73 -11.88
C ASP A 75 -0.67 -12.22 -11.56
N ALA A 76 0.32 -12.45 -10.68
CA ALA A 76 0.72 -13.77 -10.18
C ALA A 76 -0.41 -14.47 -9.39
N ALA A 77 -1.16 -13.73 -8.57
CA ALA A 77 -2.37 -14.23 -7.94
C ALA A 77 -3.63 -14.11 -8.81
N GLY A 78 -3.53 -13.76 -10.11
CA GLY A 78 -4.66 -13.56 -11.01
C GLY A 78 -5.78 -12.70 -10.40
N VAL A 79 -5.55 -11.39 -10.23
CA VAL A 79 -6.48 -10.43 -9.62
C VAL A 79 -6.76 -9.29 -10.61
N ALA A 80 -8.02 -8.88 -10.76
CA ALA A 80 -8.43 -7.86 -11.73
C ALA A 80 -8.14 -6.42 -11.25
N ILE A 81 -6.88 -5.97 -11.29
CA ILE A 81 -6.47 -4.63 -10.80
C ILE A 81 -5.54 -3.92 -11.79
N SER A 82 -5.90 -2.69 -12.19
CA SER A 82 -5.11 -1.83 -13.09
C SER A 82 -3.92 -1.15 -12.38
N GLU A 83 -2.76 -1.07 -13.06
CA GLU A 83 -1.55 -0.40 -12.54
C GLU A 83 -1.75 1.05 -12.06
N ASP A 84 -2.55 1.85 -12.76
CA ASP A 84 -2.99 3.19 -12.30
C ASP A 84 -3.85 3.13 -11.02
N ASP A 85 -4.78 2.18 -10.89
CA ASP A 85 -5.60 2.00 -9.68
C ASP A 85 -4.75 1.63 -8.42
N ILE A 86 -3.52 1.11 -8.56
CA ILE A 86 -2.64 0.73 -7.43
C ILE A 86 -2.32 1.93 -6.52
N ARG A 87 -1.75 3.01 -7.08
CA ARG A 87 -1.47 4.25 -6.33
C ARG A 87 -2.72 4.81 -5.65
N VAL A 88 -3.88 4.74 -6.31
CA VAL A 88 -5.19 5.11 -5.73
C VAL A 88 -5.51 4.27 -4.47
N ARG A 89 -5.47 2.93 -4.56
CA ARG A 89 -5.75 2.04 -3.40
C ARG A 89 -4.79 2.30 -2.25
N MET A 90 -3.49 2.45 -2.53
CA MET A 90 -2.46 2.79 -1.56
C MET A 90 -2.88 3.97 -0.68
N ILE A 91 -3.44 5.05 -1.23
CA ILE A 91 -3.96 6.21 -0.47
C ILE A 91 -4.86 5.78 0.69
N GLU A 92 -5.93 5.02 0.40
CA GLU A 92 -6.95 4.59 1.36
C GLU A 92 -6.36 3.71 2.46
N LEU A 93 -5.53 2.76 2.05
CA LEU A 93 -4.69 1.90 2.88
C LEU A 93 -3.78 2.74 3.80
N LEU A 94 -3.00 3.66 3.25
CA LEU A 94 -2.10 4.55 3.99
C LEU A 94 -2.87 5.41 5.00
N SER A 95 -3.92 6.13 4.60
CA SER A 95 -4.72 6.94 5.53
C SER A 95 -5.26 6.12 6.73
N GLU A 96 -5.78 4.91 6.51
CA GLU A 96 -6.15 4.00 7.61
C GLU A 96 -4.98 3.63 8.54
N ALA A 97 -3.80 3.33 7.98
CA ALA A 97 -2.61 3.00 8.78
C ALA A 97 -2.24 4.06 9.83
N VAL A 98 -2.51 5.35 9.58
CA VAL A 98 -2.33 6.47 10.53
C VAL A 98 -3.56 6.79 11.38
N ALA A 99 -4.77 6.51 10.89
CA ALA A 99 -6.04 6.72 11.60
C ALA A 99 -6.08 6.09 13.01
N GLN A 100 -5.50 4.89 13.13
CA GLN A 100 -5.32 4.15 14.39
C GLN A 100 -4.23 4.70 15.35
N LEU A 101 -3.22 5.41 14.82
CA LEU A 101 -2.13 6.06 15.57
C LEU A 101 -2.54 7.44 16.13
N GLN A 102 -3.33 8.17 15.34
CA GLN A 102 -3.95 9.46 15.71
C GLN A 102 -4.86 9.31 16.94
N LYS A 103 -4.56 10.09 17.98
CA LYS A 103 -5.18 10.04 19.31
C LYS A 103 -6.09 11.24 19.63
N ASN A 104 -5.83 12.40 19.02
CA ASN A 104 -6.67 13.63 18.99
C ASN A 104 -7.75 13.51 17.88
N MET A 4 -21.03 3.38 -5.39
CA MET A 4 -20.78 3.33 -3.92
C MET A 4 -20.30 4.68 -3.40
N GLN A 5 -20.62 4.98 -2.14
CA GLN A 5 -20.22 6.21 -1.42
C GLN A 5 -18.83 6.12 -0.75
N ASP A 6 -18.45 4.96 -0.17
CA ASP A 6 -17.17 4.78 0.52
C ASP A 6 -15.94 5.17 -0.29
N ARG A 7 -15.85 4.78 -1.57
CA ARG A 7 -14.83 5.24 -2.53
C ARG A 7 -14.68 6.77 -2.58
N GLU A 8 -15.80 7.49 -2.48
CA GLU A 8 -15.91 8.96 -2.55
C GLU A 8 -15.56 9.65 -1.22
N LYS A 9 -16.15 9.22 -0.08
CA LYS A 9 -15.69 9.69 1.26
C LYS A 9 -14.23 9.32 1.54
N ALA A 10 -13.74 8.15 1.12
CA ALA A 10 -12.35 7.75 1.28
C ALA A 10 -11.36 8.72 0.62
N PHE A 11 -11.75 9.41 -0.46
CA PHE A 11 -10.92 10.43 -1.10
C PHE A 11 -10.64 11.63 -0.18
N GLU A 12 -11.62 12.07 0.64
CA GLU A 12 -11.43 13.06 1.70
C GLU A 12 -10.45 12.52 2.75
N ALA A 13 -10.75 11.34 3.31
CA ALA A 13 -9.91 10.62 4.27
C ALA A 13 -8.41 10.60 3.89
N LYS A 14 -8.02 10.11 2.70
CA LYS A 14 -6.61 10.09 2.24
C LYS A 14 -5.92 11.45 2.34
N PHE A 15 -6.59 12.54 1.98
CA PHE A 15 -6.04 13.90 1.94
C PHE A 15 -6.31 14.73 3.21
N ALA A 16 -7.00 14.16 4.21
CA ALA A 16 -7.40 14.84 5.46
C ALA A 16 -6.23 15.34 6.33
N LEU A 17 -5.02 14.80 6.10
CA LEU A 17 -3.78 15.04 6.84
C LEU A 17 -2.60 15.39 5.92
N ASP A 18 -2.90 15.87 4.69
CA ASP A 18 -1.95 16.22 3.63
C ASP A 18 -1.06 15.03 3.21
N GLU A 19 -0.05 15.26 2.36
CA GLU A 19 0.89 14.21 1.93
C GLU A 19 2.06 14.04 2.91
N GLU A 20 2.48 15.09 3.62
CA GLU A 20 3.60 15.05 4.57
C GLU A 20 3.42 14.02 5.69
N LEU A 21 2.28 14.05 6.42
CA LEU A 21 1.99 13.07 7.48
C LEU A 21 1.94 11.61 6.96
N ARG A 22 1.12 11.32 5.94
CA ARG A 22 1.01 9.95 5.38
C ARG A 22 2.33 9.41 4.82
N PHE A 23 3.28 10.25 4.42
CA PHE A 23 4.62 9.84 3.99
C PHE A 23 5.33 8.93 5.02
N LYS A 24 5.29 9.32 6.30
CA LYS A 24 5.83 8.58 7.47
C LYS A 24 5.15 7.23 7.73
N ALA A 25 3.95 7.09 7.18
CA ALA A 25 3.04 5.97 7.30
C ALA A 25 3.10 5.00 6.12
N THR A 26 3.38 5.45 4.88
CA THR A 26 3.59 4.60 3.68
C THR A 26 4.41 3.37 4.04
N ALA A 27 5.65 3.60 4.50
CA ALA A 27 6.61 2.68 5.13
C ALA A 27 6.02 1.70 6.17
N ARG A 28 5.25 2.21 7.15
CA ARG A 28 4.63 1.39 8.21
C ARG A 28 3.50 0.52 7.64
N ARG A 29 2.57 1.11 6.89
CA ARG A 29 1.47 0.39 6.24
C ARG A 29 2.01 -0.69 5.30
N ASN A 30 3.08 -0.45 4.56
CA ASN A 30 3.79 -1.43 3.74
C ASN A 30 4.07 -2.76 4.47
N LYS A 31 4.64 -2.74 5.68
CA LYS A 31 4.81 -3.95 6.53
C LYS A 31 3.52 -4.74 6.78
N LEU A 32 2.36 -4.08 6.82
CA LEU A 32 1.02 -4.68 6.90
C LEU A 32 0.46 -5.10 5.53
N LEU A 33 0.38 -4.19 4.55
CA LEU A 33 -0.17 -4.38 3.21
C LEU A 33 0.53 -5.51 2.42
N GLY A 34 1.82 -5.71 2.68
CA GLY A 34 2.57 -6.91 2.31
C GLY A 34 1.81 -8.21 2.63
N LEU A 35 1.37 -8.42 3.86
CA LEU A 35 0.60 -9.61 4.25
C LEU A 35 -0.68 -9.75 3.40
N TRP A 36 -1.40 -8.65 3.23
CA TRP A 36 -2.68 -8.60 2.50
C TRP A 36 -2.55 -9.16 1.07
N ALA A 37 -1.52 -8.75 0.32
CA ALA A 37 -1.15 -9.32 -0.98
C ALA A 37 -0.50 -10.71 -0.88
N ALA A 38 0.40 -10.98 0.08
CA ALA A 38 1.09 -12.26 0.24
C ALA A 38 0.14 -13.45 0.47
N GLY A 39 -0.86 -13.28 1.35
CA GLY A 39 -1.87 -14.28 1.69
C GLY A 39 -2.61 -14.83 0.47
N LEU A 40 -2.90 -13.97 -0.52
CA LEU A 40 -3.60 -14.32 -1.77
C LEU A 40 -2.74 -15.28 -2.61
N LEU A 41 -1.51 -14.85 -2.89
CA LEU A 41 -0.52 -15.65 -3.62
C LEU A 41 -0.13 -16.94 -2.88
N ALA A 42 -0.42 -17.04 -1.58
CA ALA A 42 -0.08 -18.17 -0.72
C ALA A 42 1.41 -18.58 -0.85
N LYS A 43 2.30 -17.61 -0.63
CA LYS A 43 3.77 -17.80 -0.65
C LYS A 43 4.27 -18.69 0.51
N SER A 44 5.60 -18.72 0.70
CA SER A 44 6.29 -19.26 1.89
C SER A 44 5.77 -18.58 3.17
N ASP A 45 6.21 -17.33 3.40
CA ASP A 45 5.95 -16.61 4.65
C ASP A 45 5.41 -15.19 4.44
N PRO A 46 4.77 -14.62 5.49
CA PRO A 46 4.32 -13.23 5.50
C PRO A 46 5.49 -12.23 5.50
N GLU A 47 6.54 -12.45 6.30
CA GLU A 47 7.67 -11.51 6.42
C GLU A 47 8.58 -11.53 5.20
N ALA A 48 8.70 -12.68 4.52
CA ALA A 48 9.41 -12.82 3.26
C ALA A 48 8.90 -11.80 2.22
N TYR A 49 7.59 -11.75 1.98
CA TYR A 49 7.03 -10.80 1.03
C TYR A 49 7.02 -9.35 1.53
N ALA A 50 6.64 -9.11 2.81
CA ALA A 50 6.65 -7.78 3.44
C ALA A 50 8.02 -7.08 3.46
N SER A 51 9.14 -7.81 3.54
CA SER A 51 10.51 -7.29 3.36
C SER A 51 10.78 -6.74 1.94
N GLU A 52 10.23 -7.33 0.87
CA GLU A 52 10.33 -6.75 -0.49
C GLU A 52 9.59 -5.41 -0.60
N ILE A 53 8.40 -5.25 0.01
CA ILE A 53 7.65 -3.97 0.00
C ILE A 53 8.50 -2.81 0.56
N VAL A 54 9.02 -2.93 1.78
CA VAL A 54 9.93 -1.92 2.36
C VAL A 54 11.16 -1.68 1.50
N ALA A 55 11.78 -2.73 0.93
CA ALA A 55 12.90 -2.63 -0.01
C ALA A 55 12.67 -1.67 -1.21
N ALA A 56 11.41 -1.36 -1.56
CA ALA A 56 11.06 -0.34 -2.55
C ALA A 56 10.69 1.06 -1.98
N ASP A 57 10.17 1.16 -0.74
CA ASP A 57 9.77 2.42 -0.06
C ASP A 57 10.96 3.30 0.42
N PHE A 58 12.15 2.70 0.51
CA PHE A 58 13.41 3.39 0.79
C PHE A 58 13.80 4.41 -0.30
N GLU A 59 14.35 5.56 0.10
CA GLU A 59 14.78 6.63 -0.82
C GLU A 59 16.15 6.32 -1.49
N GLU A 60 16.20 5.20 -2.22
CA GLU A 60 17.31 4.74 -3.07
C GLU A 60 17.00 5.16 -4.52
N ALA A 61 15.94 4.60 -5.11
CA ALA A 61 15.52 4.89 -6.49
C ALA A 61 14.69 6.19 -6.61
N GLY A 62 13.69 6.40 -5.75
CA GLY A 62 12.80 7.58 -5.74
C GLY A 62 11.57 7.45 -6.64
N HIS A 63 11.63 6.56 -7.62
CA HIS A 63 10.49 6.15 -8.48
C HIS A 63 9.48 5.23 -7.73
N GLU A 64 8.32 5.01 -8.33
CA GLU A 64 7.15 4.30 -7.76
C GLU A 64 7.30 2.75 -7.64
N ASP A 65 8.48 2.24 -7.25
CA ASP A 65 8.83 0.80 -7.19
C ASP A 65 7.88 -0.02 -6.28
N VAL A 66 7.42 0.54 -5.16
CA VAL A 66 6.41 -0.03 -4.24
C VAL A 66 5.16 -0.55 -4.96
N VAL A 67 4.73 0.18 -5.99
CA VAL A 67 3.64 -0.17 -6.90
C VAL A 67 4.00 -1.44 -7.66
N ARG A 68 5.20 -1.46 -8.28
CA ARG A 68 5.72 -2.63 -9.00
C ARG A 68 5.73 -3.86 -8.09
N LYS A 69 6.23 -3.74 -6.85
CA LYS A 69 6.28 -4.82 -5.85
C LYS A 69 4.96 -5.59 -5.73
N ILE A 70 3.83 -4.89 -5.65
CA ILE A 70 2.47 -5.46 -5.65
C ILE A 70 2.06 -5.96 -7.06
N LYS A 71 2.25 -5.14 -8.11
CA LYS A 71 1.88 -5.41 -9.51
C LYS A 71 2.36 -6.75 -10.06
N THR A 72 3.63 -7.06 -9.80
CA THR A 72 4.29 -8.32 -10.15
C THR A 72 3.52 -9.53 -9.64
N ASP A 73 3.10 -9.48 -8.37
CA ASP A 73 2.28 -10.53 -7.74
C ASP A 73 0.86 -10.56 -8.29
N PHE A 74 0.26 -9.39 -8.55
CA PHE A 74 -1.00 -9.29 -9.27
C PHE A 74 -0.96 -10.02 -10.63
N ASP A 75 0.15 -9.98 -11.34
CA ASP A 75 0.39 -10.81 -12.52
C ASP A 75 0.39 -12.32 -12.20
N ALA A 76 1.22 -12.78 -11.25
CA ALA A 76 1.29 -14.17 -10.78
C ALA A 76 -0.07 -14.75 -10.31
N ALA A 77 -0.85 -13.95 -9.59
CA ALA A 77 -2.23 -14.22 -9.18
C ALA A 77 -3.20 -14.23 -10.37
N GLY A 78 -2.95 -13.48 -11.44
CA GLY A 78 -3.86 -13.32 -12.56
C GLY A 78 -5.11 -12.53 -12.21
N VAL A 79 -4.97 -11.42 -11.47
CA VAL A 79 -6.08 -10.51 -11.14
C VAL A 79 -6.19 -9.37 -12.16
N ALA A 80 -7.41 -8.87 -12.38
CA ALA A 80 -7.70 -7.74 -13.26
C ALA A 80 -7.60 -6.40 -12.49
N ILE A 81 -6.37 -5.90 -12.38
CA ILE A 81 -5.96 -4.63 -11.73
C ILE A 81 -4.74 -4.02 -12.47
N SER A 82 -4.83 -2.74 -12.84
CA SER A 82 -3.84 -1.93 -13.58
C SER A 82 -2.91 -1.14 -12.65
N GLU A 83 -1.74 -0.66 -13.09
CA GLU A 83 -0.75 -0.07 -12.16
C GLU A 83 -1.19 1.23 -11.49
N ASP A 84 -2.03 2.04 -12.14
CA ASP A 84 -2.68 3.21 -11.53
C ASP A 84 -3.54 2.80 -10.33
N ASP A 85 -4.50 1.89 -10.55
CA ASP A 85 -5.38 1.29 -9.55
C ASP A 85 -4.65 0.87 -8.28
N ILE A 86 -3.48 0.24 -8.39
CA ILE A 86 -2.63 -0.12 -7.25
C ILE A 86 -2.45 1.08 -6.31
N ARG A 87 -1.99 2.24 -6.81
CA ARG A 87 -1.90 3.48 -6.03
C ARG A 87 -3.25 3.90 -5.45
N VAL A 88 -4.32 3.90 -6.24
CA VAL A 88 -5.69 4.24 -5.79
C VAL A 88 -6.11 3.39 -4.59
N ARG A 89 -6.02 2.05 -4.69
CA ARG A 89 -6.36 1.09 -3.63
C ARG A 89 -5.42 1.17 -2.42
N MET A 90 -4.10 1.36 -2.63
CA MET A 90 -3.13 1.66 -1.57
C MET A 90 -3.51 2.95 -0.83
N ILE A 91 -3.52 4.10 -1.52
CA ILE A 91 -3.75 5.42 -0.93
C ILE A 91 -5.13 5.48 -0.23
N GLU A 92 -6.21 4.96 -0.84
CA GLU A 92 -7.50 4.81 -0.13
C GLU A 92 -7.36 4.04 1.22
N LEU A 93 -6.66 2.89 1.24
CA LEU A 93 -6.42 2.10 2.45
C LEU A 93 -5.45 2.75 3.47
N LEU A 94 -4.48 3.54 3.01
CA LEU A 94 -3.52 4.28 3.84
C LEU A 94 -4.21 5.29 4.76
N SER A 95 -5.32 5.91 4.34
CA SER A 95 -6.22 6.77 5.12
C SER A 95 -6.65 6.17 6.47
N GLU A 96 -7.01 4.88 6.47
CA GLU A 96 -7.26 4.10 7.70
C GLU A 96 -5.95 3.81 8.44
N ALA A 97 -4.88 3.42 7.73
CA ALA A 97 -3.58 3.15 8.34
C ALA A 97 -3.00 4.33 9.15
N VAL A 98 -3.30 5.58 8.78
CA VAL A 98 -2.91 6.81 9.50
C VAL A 98 -3.91 7.25 10.58
N ALA A 99 -5.15 6.77 10.54
CA ALA A 99 -6.18 7.11 11.52
C ALA A 99 -5.74 6.76 12.97
N GLN A 100 -5.10 5.60 13.14
CA GLN A 100 -4.42 5.19 14.38
C GLN A 100 -3.18 6.02 14.78
N LEU A 101 -2.38 6.51 13.80
CA LEU A 101 -1.20 7.37 14.03
C LEU A 101 -1.58 8.75 14.61
N GLN A 102 -2.68 9.31 14.11
CA GLN A 102 -3.28 10.54 14.62
C GLN A 102 -3.54 10.43 16.13
N LYS A 103 -2.89 11.33 16.87
CA LYS A 103 -2.96 11.38 18.33
C LYS A 103 -4.15 12.23 18.76
N ASN A 104 -5.14 11.55 19.31
CA ASN A 104 -6.42 12.13 19.73
C ASN A 104 -6.58 11.99 21.26
N MET A 4 -20.00 3.63 -4.41
CA MET A 4 -20.62 4.92 -4.79
C MET A 4 -20.20 6.06 -3.87
N GLN A 5 -20.49 6.00 -2.56
CA GLN A 5 -20.17 7.06 -1.58
C GLN A 5 -18.88 6.78 -0.80
N ASP A 6 -18.61 5.52 -0.40
CA ASP A 6 -17.40 5.13 0.35
C ASP A 6 -16.06 5.62 -0.25
N ARG A 7 -15.96 5.59 -1.58
CA ARG A 7 -14.85 6.08 -2.43
C ARG A 7 -14.58 7.58 -2.32
N GLU A 8 -15.64 8.39 -2.20
CA GLU A 8 -15.51 9.85 -2.11
C GLU A 8 -14.96 10.23 -0.73
N LYS A 9 -15.69 9.85 0.33
CA LYS A 9 -15.23 9.94 1.73
C LYS A 9 -13.88 9.27 1.98
N ALA A 10 -13.52 8.15 1.36
CA ALA A 10 -12.20 7.52 1.53
C ALA A 10 -11.05 8.49 1.19
N PHE A 11 -11.17 9.17 0.04
CA PHE A 11 -10.23 10.18 -0.45
C PHE A 11 -10.11 11.36 0.52
N GLU A 12 -11.22 11.85 1.06
CA GLU A 12 -11.23 12.82 2.17
C GLU A 12 -10.55 12.27 3.45
N ALA A 13 -10.88 11.07 3.91
CA ALA A 13 -10.32 10.45 5.13
C ALA A 13 -8.77 10.42 5.18
N LYS A 14 -8.06 9.96 4.13
CA LYS A 14 -6.59 10.10 4.03
C LYS A 14 -6.08 11.55 4.10
N PHE A 15 -6.91 12.53 3.73
CA PHE A 15 -6.59 13.96 3.65
C PHE A 15 -7.03 14.73 4.92
N ALA A 16 -7.62 14.06 5.92
CA ALA A 16 -8.05 14.66 7.18
C ALA A 16 -6.91 15.30 8.00
N LEU A 17 -5.66 14.87 7.80
CA LEU A 17 -4.45 15.24 8.55
C LEU A 17 -3.29 15.74 7.65
N ASP A 18 -3.63 16.34 6.50
CA ASP A 18 -2.70 16.76 5.45
C ASP A 18 -1.90 15.58 4.84
N GLU A 19 -0.83 15.85 4.09
CA GLU A 19 0.07 14.84 3.47
C GLU A 19 1.39 14.66 4.27
N GLU A 20 1.76 15.66 5.09
CA GLU A 20 2.81 15.59 6.11
C GLU A 20 2.66 14.35 7.04
N LEU A 21 1.59 14.27 7.85
CA LEU A 21 1.33 13.13 8.75
C LEU A 21 1.32 11.77 8.00
N ARG A 22 0.71 11.77 6.81
CA ARG A 22 0.68 10.65 5.84
C ARG A 22 2.07 10.18 5.43
N PHE A 23 3.10 11.04 5.44
CA PHE A 23 4.49 10.64 5.24
C PHE A 23 4.92 9.52 6.23
N LYS A 24 4.66 9.72 7.53
CA LYS A 24 4.86 8.72 8.61
C LYS A 24 4.04 7.43 8.40
N ALA A 25 2.77 7.56 7.99
CA ALA A 25 1.97 6.41 7.60
C ALA A 25 2.59 5.60 6.45
N THR A 26 3.03 6.20 5.33
CA THR A 26 3.60 5.49 4.16
C THR A 26 4.61 4.38 4.52
N ALA A 27 5.66 4.69 5.28
CA ALA A 27 6.67 3.73 5.75
C ALA A 27 6.07 2.50 6.50
N ARG A 28 5.07 2.74 7.36
CA ARG A 28 4.27 1.71 8.04
C ARG A 28 3.36 0.95 7.07
N ARG A 29 2.67 1.65 6.17
CA ARG A 29 1.84 1.10 5.08
C ARG A 29 2.62 0.13 4.21
N ASN A 30 3.88 0.42 3.87
CA ASN A 30 4.77 -0.53 3.19
C ASN A 30 4.80 -1.89 3.91
N LYS A 31 5.20 -1.91 5.19
CA LYS A 31 5.21 -3.11 6.05
C LYS A 31 3.83 -3.79 6.19
N LEU A 32 2.75 -3.04 6.33
CA LEU A 32 1.38 -3.59 6.41
C LEU A 32 0.90 -4.22 5.09
N LEU A 33 0.94 -3.48 3.99
CA LEU A 33 0.45 -3.89 2.66
C LEU A 33 1.14 -5.18 2.18
N GLY A 34 2.43 -5.31 2.52
CA GLY A 34 3.26 -6.49 2.30
C GLY A 34 2.66 -7.79 2.84
N LEU A 35 1.93 -7.77 3.96
CA LEU A 35 1.13 -8.90 4.41
C LEU A 35 -0.21 -9.00 3.68
N TRP A 36 -0.87 -7.86 3.37
CA TRP A 36 -2.16 -7.87 2.64
C TRP A 36 -2.04 -8.60 1.30
N ALA A 37 -1.04 -8.24 0.50
CA ALA A 37 -0.63 -8.90 -0.75
C ALA A 37 -0.22 -10.38 -0.53
N ALA A 38 0.79 -10.65 0.32
CA ALA A 38 1.27 -12.00 0.60
C ALA A 38 0.17 -13.03 0.94
N GLY A 39 -0.88 -12.62 1.65
CA GLY A 39 -2.01 -13.46 2.07
C GLY A 39 -2.73 -14.14 0.90
N LEU A 40 -3.05 -13.42 -0.17
CA LEU A 40 -3.75 -13.91 -1.36
C LEU A 40 -3.06 -15.13 -1.98
N LEU A 41 -1.73 -15.03 -2.09
CA LEU A 41 -0.83 -16.07 -2.62
C LEU A 41 -0.53 -17.18 -1.61
N ALA A 42 -1.00 -17.03 -0.36
CA ALA A 42 -0.74 -17.94 0.76
C ALA A 42 0.74 -18.35 0.86
N LYS A 43 1.65 -17.38 0.72
CA LYS A 43 3.10 -17.61 0.75
C LYS A 43 3.54 -18.13 2.12
N SER A 44 4.40 -19.15 2.16
CA SER A 44 4.95 -19.77 3.38
C SER A 44 5.76 -18.80 4.25
N ASP A 45 6.50 -17.84 3.66
CA ASP A 45 7.21 -16.78 4.39
C ASP A 45 6.61 -15.40 3.96
N PRO A 46 5.45 -15.00 4.52
CA PRO A 46 4.81 -13.71 4.22
C PRO A 46 5.58 -12.54 4.84
N GLU A 47 6.09 -12.74 6.07
CA GLU A 47 6.95 -11.79 6.79
C GLU A 47 8.17 -11.35 5.93
N ALA A 48 8.80 -12.27 5.18
CA ALA A 48 9.90 -11.99 4.25
C ALA A 48 9.47 -11.26 2.96
N TYR A 49 8.31 -11.62 2.39
CA TYR A 49 7.71 -10.90 1.25
C TYR A 49 7.41 -9.42 1.56
N ALA A 50 6.87 -9.13 2.75
CA ALA A 50 6.64 -7.74 3.18
C ALA A 50 7.91 -6.87 3.17
N SER A 51 9.08 -7.47 3.47
CA SER A 51 10.41 -6.85 3.39
C SER A 51 10.82 -6.47 1.96
N GLU A 52 10.44 -7.25 0.94
CA GLU A 52 10.57 -6.85 -0.48
C GLU A 52 9.83 -5.54 -0.84
N ILE A 53 8.71 -5.19 -0.19
CA ILE A 53 7.99 -3.93 -0.46
C ILE A 53 8.88 -2.73 -0.13
N VAL A 54 9.30 -2.60 1.14
CA VAL A 54 10.19 -1.51 1.58
C VAL A 54 11.48 -1.44 0.77
N ALA A 55 12.05 -2.59 0.36
CA ALA A 55 13.25 -2.66 -0.48
C ALA A 55 13.18 -1.81 -1.77
N ALA A 56 11.96 -1.52 -2.24
CA ALA A 56 11.61 -0.69 -3.39
C ALA A 56 11.13 0.74 -3.04
N ASP A 57 10.65 1.01 -1.81
CA ASP A 57 10.19 2.33 -1.35
C ASP A 57 11.34 3.29 -1.01
N PHE A 58 12.49 2.74 -0.61
CA PHE A 58 13.73 3.49 -0.39
C PHE A 58 14.09 4.31 -1.63
N GLU A 59 14.50 5.56 -1.42
CA GLU A 59 14.95 6.47 -2.48
C GLU A 59 15.99 5.86 -3.45
N GLU A 60 16.88 5.00 -2.98
CA GLU A 60 17.92 4.32 -3.76
C GLU A 60 17.40 3.53 -4.97
N ALA A 61 16.26 2.83 -4.84
CA ALA A 61 15.66 2.01 -5.90
C ALA A 61 15.25 2.83 -7.14
N GLY A 62 14.72 4.04 -6.91
CA GLY A 62 14.15 4.88 -7.96
C GLY A 62 13.13 5.87 -7.40
N HIS A 63 11.84 5.54 -7.50
CA HIS A 63 10.74 6.41 -7.05
C HIS A 63 9.40 5.68 -6.91
N GLU A 64 8.90 5.10 -8.00
CA GLU A 64 7.57 4.47 -8.10
C GLU A 64 7.63 2.94 -8.05
N ASP A 65 8.76 2.35 -7.71
CA ASP A 65 9.07 0.91 -7.72
C ASP A 65 8.14 0.05 -6.86
N VAL A 66 7.68 0.58 -5.73
CA VAL A 66 6.64 0.00 -4.88
C VAL A 66 5.39 -0.37 -5.67
N VAL A 67 4.92 0.51 -6.55
CA VAL A 67 3.80 0.26 -7.47
C VAL A 67 4.07 -1.00 -8.30
N ARG A 68 5.27 -1.12 -8.88
CA ARG A 68 5.70 -2.32 -9.62
C ARG A 68 5.67 -3.57 -8.75
N LYS A 69 6.14 -3.50 -7.51
CA LYS A 69 6.05 -4.59 -6.52
C LYS A 69 4.63 -5.17 -6.38
N ILE A 70 3.62 -4.32 -6.16
CA ILE A 70 2.22 -4.75 -6.01
C ILE A 70 1.72 -5.54 -7.24
N LYS A 71 2.02 -5.06 -8.46
CA LYS A 71 1.64 -5.73 -9.71
C LYS A 71 2.16 -7.17 -9.80
N THR A 72 3.38 -7.42 -9.34
CA THR A 72 4.02 -8.74 -9.26
C THR A 72 3.18 -9.73 -8.44
N ASP A 73 2.58 -9.24 -7.36
CA ASP A 73 1.61 -10.02 -6.59
C ASP A 73 0.38 -10.36 -7.43
N PHE A 74 -0.20 -9.37 -8.09
CA PHE A 74 -1.37 -9.51 -8.96
C PHE A 74 -1.15 -10.43 -10.17
N ASP A 75 -0.01 -10.34 -10.86
CA ASP A 75 0.42 -11.24 -11.95
C ASP A 75 0.55 -12.69 -11.44
N ALA A 76 1.03 -12.89 -10.20
CA ALA A 76 1.12 -14.20 -9.52
C ALA A 76 -0.24 -14.77 -9.08
N ALA A 77 -1.09 -13.98 -8.40
CA ALA A 77 -2.45 -14.39 -8.03
C ALA A 77 -3.37 -14.63 -9.25
N GLY A 78 -3.14 -13.88 -10.33
CA GLY A 78 -3.94 -13.85 -11.55
C GLY A 78 -5.17 -12.93 -11.46
N VAL A 79 -5.10 -11.86 -10.68
CA VAL A 79 -6.25 -10.98 -10.39
C VAL A 79 -6.36 -9.87 -11.45
N ALA A 80 -7.58 -9.64 -11.92
CA ALA A 80 -7.93 -8.55 -12.83
C ALA A 80 -7.71 -7.16 -12.19
N ILE A 81 -6.46 -6.68 -12.19
CA ILE A 81 -6.02 -5.36 -11.73
C ILE A 81 -4.91 -4.86 -12.67
N SER A 82 -5.01 -3.60 -13.12
CA SER A 82 -4.01 -2.94 -13.97
C SER A 82 -3.01 -2.11 -13.17
N GLU A 83 -1.88 -1.76 -13.80
CA GLU A 83 -0.83 -0.96 -13.18
C GLU A 83 -1.30 0.45 -12.81
N ASP A 84 -2.13 1.08 -13.64
CA ASP A 84 -2.76 2.37 -13.33
C ASP A 84 -3.71 2.28 -12.11
N ASP A 85 -4.44 1.17 -11.94
CA ASP A 85 -5.33 0.95 -10.78
C ASP A 85 -4.55 0.90 -9.45
N ILE A 86 -3.31 0.38 -9.43
CA ILE A 86 -2.45 0.21 -8.24
C ILE A 86 -2.32 1.49 -7.42
N ARG A 87 -1.75 2.56 -7.99
CA ARG A 87 -1.67 3.88 -7.34
C ARG A 87 -3.01 4.32 -6.75
N VAL A 88 -4.09 4.27 -7.53
CA VAL A 88 -5.47 4.59 -7.12
C VAL A 88 -5.86 3.84 -5.84
N ARG A 89 -5.74 2.50 -5.84
CA ARG A 89 -6.02 1.64 -4.67
C ARG A 89 -5.10 1.96 -3.48
N MET A 90 -3.79 2.09 -3.71
CA MET A 90 -2.76 2.45 -2.71
C MET A 90 -3.12 3.74 -1.96
N ILE A 91 -3.47 4.81 -2.69
CA ILE A 91 -3.86 6.13 -2.17
C ILE A 91 -5.04 6.01 -1.20
N GLU A 92 -6.15 5.39 -1.63
CA GLU A 92 -7.28 5.08 -0.75
C GLU A 92 -6.84 4.27 0.48
N LEU A 93 -6.03 3.22 0.30
CA LEU A 93 -5.43 2.41 1.37
C LEU A 93 -4.68 3.23 2.44
N LEU A 94 -4.05 4.35 2.08
CA LEU A 94 -3.40 5.25 3.04
C LEU A 94 -4.37 5.75 4.12
N SER A 95 -5.67 5.93 3.81
CA SER A 95 -6.74 6.29 4.74
C SER A 95 -6.81 5.36 5.97
N GLU A 96 -6.92 4.04 5.75
CA GLU A 96 -6.75 3.03 6.78
C GLU A 96 -5.39 3.18 7.46
N ALA A 97 -4.30 3.14 6.68
CA ALA A 97 -2.93 3.16 7.20
C ALA A 97 -2.59 4.37 8.08
N VAL A 98 -3.28 5.50 7.94
CA VAL A 98 -3.15 6.66 8.83
C VAL A 98 -4.13 6.59 10.01
N ALA A 99 -5.39 6.22 9.79
CA ALA A 99 -6.40 6.10 10.85
C ALA A 99 -5.91 5.31 12.07
N GLN A 100 -5.34 4.11 11.87
CA GLN A 100 -4.69 3.29 12.91
C GLN A 100 -3.52 3.96 13.65
N LEU A 101 -2.81 4.88 13.01
CA LEU A 101 -1.72 5.71 13.54
C LEU A 101 -2.22 6.91 14.37
N GLN A 102 -3.29 7.56 13.95
CA GLN A 102 -3.96 8.60 14.75
C GLN A 102 -4.61 8.02 16.02
N LYS A 103 -4.69 8.90 17.04
CA LYS A 103 -5.29 8.61 18.35
C LYS A 103 -6.81 8.34 18.31
N ASN A 104 -7.53 9.12 17.49
CA ASN A 104 -8.98 9.18 17.32
C ASN A 104 -9.29 9.38 15.82
#